data_7BDL
#
_entry.id   7BDL
#
_cell.length_a   99.934
_cell.length_b   118.783
_cell.length_c   187.817
_cell.angle_alpha   90.000
_cell.angle_beta   90.000
_cell.angle_gamma   90.000
#
_symmetry.space_group_name_H-M   'P 21 21 21'
#
loop_
_entity.id
_entity.type
_entity.pdbx_description
1 polymer 'U5 small nuclear ribonucleoprotein 200 kDa helicase'
2 polymer 'Pre-mRNA-processing-splicing factor 8'
3 non-polymer '[(2~{R},3~{S},4~{R},5~{R})-5-(6-aminopurin-9-yl)-4-oxidanyl-2-[[oxidanyl(phosphonooxy)phosphoryl]oxymethyl]oxolan-3-yl] 2-(methylamino)benzoate'
4 non-polymer 'MAGNESIUM ION'
5 water water
#
loop_
_entity_poly.entity_id
_entity_poly.type
_entity_poly.pdbx_seq_one_letter_code
_entity_poly.pdbx_strand_id
1 'polypeptide(L)'
;GAEFMDLDQGGEALAPRQVLDLEDLVFTQGSHFMANKRCQLPDGSFRRQRKGYEEVHVPALKPKPFGSEEQLLPVEKLPK
YAQAGFEGFKTLNRIQSKLYRAALETDENLLLCAPTGAGKTNVALMCMLREIGKHINMDGTINVDDFKIIYIAPMRSLVQ
EMVGSFGKRLATYGITVAELTGDHQLCKEEISATQIIVCTPEKWDIITRKGGERTYTQLVRLIILDEIHLLHDDRGPVLE
ALVARAIRNIEMTQEDVRLIGLSATLPNYEDVATFLRVDPAKGLFYFDNSFRPVPLEQTYVGITEKKAIKRFQIMNEIVY
EKIMEHAGKNQVLVFVHSRKETGKTARAIRDMCLEKDTLGLFLREGSASTEVLRTEAEQCKNLELKDLLPYGFAIHHAGM
TRVDRTLVEDLFADKHIQVLVSTATLAWGVNLPAHTVIIKGTQVYSPEKGRWTELGALDILQMLGRAGRPQYDTKGEGIL
ITSHGELQYYLSLLNQQLPIESQMVSKLPDMLNAEIVLGNVQNAKDAVNWLGYAYLYIRMLRSPTLYGISHDDLKGDPLL
DQRRLDLVHTAALMLDKNNLVKYDKKTGNFQVTELGRIASHYYITNDTVQTYNQLLKPTLSEIELFRVFSLSSEFKNITV
REEEKLELQKLLERVPIPVKESIEEPSAKINVLLQAFISQLKLEGFALMADMVYVTQSAGRLMRAIFEIVLNRGWAQLTD
KTLNLCKMIDKRMWQSMCPLRQFRKLPEEVVKKIEKKNFPFERLYDLNHNEIGELIRMPKMGKTIHKYVHLFPKLELSVH
LQPITRSTLKVELTITPDFQWDEKVHGSSEAFWILVEDVDSEVILHHEYFLLKAKYAQDEHLITFFVPVFEPLPPQYFIR
VVSDRWLSCETQLPVSFRHLILPEKYPPPTELLDLQPLPVSALRNSAFESLYQDKFPFFNPIQTQVFNTVYNSDDNVFVG
APTGSGKTICAEFAILRMLLQSSEGRCVYITPMEALAEQVYMDWYEKFQDRLNKKVVLLTGETSTDLKLLGKGNIIISTP
EKWDILSRRWKQRKNVQNINLFVVDEVHLIGGENGPVLEVICSRMRYISSQIERPIRIVALSSSLSNAKDVAHWLGCSAT
STFNFHPNVRPVPLELHIQGFNISHTQTRLLSMAKPVYHAITKHSPKKPVIVFVPSRKQTRLTAIDILTTCAADIQRQRF
LHCTEKDLIPYLEKLSDSTLKETLLNGVGYLHEGLSPMERRLVEQLFSSGAIQVVVASRSLCWGMNVAAHLVIIMDTQYY
NGKIHAYVDYPIYDVLQMVGHANRPLQDDEGRCVIMCQGSKKDFFKKFLYEPLPVESHLDHCMHDHFNAEIVTKTIENKQ
DAVDYLTWTFLYRRMTQNPNYYNLQGISHRHLSDHLSELVEQTLSDLEQSKCISIEDEMDVAPLNLGMIAAYYYINYTTI
ELFSMSLNAKTKVRGLIEIISNAAEYENIPIRHHEDNLLRQLAQKVPHKLNNPKFNDPHVKTNLLLQAHLSRMQLSAELQ
SDTEEILSKAIRLIQACVDVLSSNGWLSPALAAMELAQMVTQAMWSKDSYLKQLPHFTSEHIKRCTDKGVESVFDIMEME
DEERNALLQLTDSQIADVARFCNRYPNIELSYEVVDKDSIRSGGPVVVLVQLEREEEVTGPVIAPLFPQKREEGWWVVIG
DAKSNSLISIKRLTLQQKAKVKLDFVAPATGAHNYTLYFMSDAYMGCDQEYKFSVDVKEAETDSDSD
;
B
2 'polypeptide(L)'
;GPLGSMTQTFSSKTEWRVRAISAANLHLRTNHIYVSSDDIKETGYTYILPKNVLKKFICISDLRAQIAGYLYGVSPPDNP
QVKEIRCIVMVPQWGTHQTVHLPGQLPQHEYLKEMEPLGWIHTQPNESPQLSPQDVTTHAKIMADNPSWDGEKTIIITCS
FTPGSCTLTAYKLTPSGYEWGRQNTDKGNNPKGYLPSHYERVQMLLSDRFLGFFMVPAQSSWNYNFMGVRHDPNMKYELQ
LANPKEFYHEVHRPSHFLNFALL
;
J
#
# COMPACT_ATOMS: atom_id res chain seq x y z
N LEU A 14 -8.96 -24.99 -29.84
CA LEU A 14 -10.07 -25.41 -30.67
C LEU A 14 -9.60 -26.17 -31.91
N ALA A 15 -9.99 -25.67 -33.08
CA ALA A 15 -9.61 -26.29 -34.35
C ALA A 15 -8.10 -26.23 -34.54
N PRO A 16 -7.57 -27.03 -35.47
CA PRO A 16 -6.12 -26.96 -35.76
C PRO A 16 -5.66 -25.55 -36.03
N ARG A 17 -4.63 -25.13 -35.30
CA ARG A 17 -4.10 -23.78 -35.41
C ARG A 17 -2.94 -23.74 -36.41
N GLN A 18 -2.43 -22.53 -36.64
CA GLN A 18 -1.23 -22.34 -37.43
C GLN A 18 -0.49 -21.12 -36.90
N VAL A 19 0.82 -21.26 -36.69
CA VAL A 19 1.62 -20.17 -36.15
C VAL A 19 1.96 -19.21 -37.27
N LEU A 20 1.76 -17.91 -37.01
CA LEU A 20 2.03 -16.87 -37.99
C LEU A 20 3.36 -16.18 -37.66
N ASP A 21 3.84 -15.40 -38.63
CA ASP A 21 5.01 -14.55 -38.46
C ASP A 21 4.49 -13.12 -38.26
N LEU A 22 4.50 -12.66 -37.01
CA LEU A 22 3.94 -11.35 -36.70
C LEU A 22 4.72 -10.24 -37.38
N GLU A 23 6.05 -10.32 -37.36
CA GLU A 23 6.87 -9.28 -37.99
C GLU A 23 6.69 -9.23 -39.50
N ASP A 24 6.15 -10.30 -40.11
CA ASP A 24 5.88 -10.29 -41.54
C ASP A 24 4.60 -9.52 -41.86
N LEU A 25 3.67 -9.43 -40.91
CA LEU A 25 2.46 -8.66 -41.08
C LEU A 25 2.59 -7.23 -40.54
N VAL A 26 3.81 -6.80 -40.24
CA VAL A 26 4.04 -5.49 -39.63
C VAL A 26 4.20 -4.45 -40.73
N PHE A 27 3.49 -3.34 -40.60
CA PHE A 27 3.72 -2.18 -41.44
C PHE A 27 5.01 -1.51 -40.98
N THR A 28 6.08 -1.70 -41.75
CA THR A 28 7.40 -1.26 -41.30
C THR A 28 7.49 0.27 -41.25
N GLN A 29 6.88 0.95 -42.22
CA GLN A 29 6.94 2.41 -42.25
C GLN A 29 6.21 3.05 -41.08
N GLY A 30 5.33 2.31 -40.41
CA GLY A 30 4.63 2.85 -39.26
C GLY A 30 3.74 4.01 -39.64
N SER A 31 3.99 5.17 -39.03
CA SER A 31 3.23 6.37 -39.34
C SER A 31 3.37 6.79 -40.81
N HIS A 32 4.46 6.38 -41.46
CA HIS A 32 4.69 6.75 -42.85
C HIS A 32 4.10 5.77 -43.85
N PHE A 33 3.41 4.73 -43.37
CA PHE A 33 2.80 3.77 -44.27
C PHE A 33 1.68 4.44 -45.09
N MET A 34 1.73 4.25 -46.39
CA MET A 34 0.79 4.87 -47.33
C MET A 34 -0.10 3.77 -47.89
N ALA A 35 -1.26 3.56 -47.25
CA ALA A 35 -2.18 2.52 -47.68
C ALA A 35 -2.78 2.83 -49.04
N ASN A 36 -3.24 4.06 -49.25
CA ASN A 36 -3.75 4.45 -50.56
C ASN A 36 -2.63 4.37 -51.59
N LYS A 37 -2.94 3.89 -52.81
CA LYS A 37 -1.89 3.81 -53.84
C LYS A 37 -1.93 4.89 -54.90
N ARG A 38 -3.03 5.62 -55.01
CA ARG A 38 -3.07 6.78 -55.87
C ARG A 38 -3.51 7.97 -55.05
N CYS A 39 -3.31 9.17 -55.59
CA CYS A 39 -3.65 10.41 -54.89
C CYS A 39 -4.16 11.43 -55.89
N GLN A 40 -5.43 11.82 -55.73
CA GLN A 40 -6.06 12.81 -56.59
C GLN A 40 -6.00 14.18 -55.92
N LEU A 41 -5.44 15.16 -56.62
CA LEU A 41 -5.28 16.51 -56.10
C LEU A 41 -6.47 17.38 -56.47
N PRO A 42 -6.78 18.40 -55.66
CA PRO A 42 -7.90 19.30 -55.97
C PRO A 42 -7.64 20.06 -57.27
N ASP A 43 -8.70 20.70 -57.76
CA ASP A 43 -8.61 21.47 -58.98
C ASP A 43 -7.67 22.66 -58.80
N GLY A 44 -6.97 23.02 -59.87
CA GLY A 44 -6.04 24.13 -59.84
C GLY A 44 -4.64 23.81 -59.37
N SER A 45 -4.36 22.55 -59.05
CA SER A 45 -3.02 22.16 -58.61
C SER A 45 -2.08 22.05 -59.81
N PHE A 46 -0.86 22.57 -59.65
CA PHE A 46 0.13 22.54 -60.72
C PHE A 46 1.50 22.21 -60.16
N ARG A 47 2.36 21.71 -61.04
CA ARG A 47 3.72 21.32 -60.69
C ARG A 47 4.72 22.07 -61.55
N ARG A 48 5.87 22.40 -60.95
CA ARG A 48 6.93 23.11 -61.63
C ARG A 48 8.23 22.32 -61.51
N GLN A 49 9.05 22.36 -62.56
CA GLN A 49 10.36 21.73 -62.55
C GLN A 49 11.43 22.80 -62.35
N ARG A 50 12.38 22.53 -61.45
CA ARG A 50 13.41 23.51 -61.11
C ARG A 50 14.77 22.83 -61.10
N LYS A 51 15.70 23.41 -60.34
CA LYS A 51 17.10 22.96 -60.27
C LYS A 51 17.17 21.65 -59.50
N GLY A 52 17.05 20.54 -60.24
CA GLY A 52 17.12 19.23 -59.62
C GLY A 52 16.11 18.99 -58.53
N TYR A 53 15.03 19.78 -58.51
CA TYR A 53 13.97 19.59 -57.55
C TYR A 53 12.65 20.04 -58.18
N GLU A 54 11.57 19.39 -57.78
CA GLU A 54 10.25 19.65 -58.31
C GLU A 54 9.36 20.25 -57.24
N GLU A 55 8.49 21.18 -57.63
CA GLU A 55 7.53 21.81 -56.73
C GLU A 55 6.12 21.39 -57.11
N VAL A 56 5.24 21.34 -56.10
CA VAL A 56 3.83 21.04 -56.30
C VAL A 56 3.04 22.08 -55.53
N HIS A 57 2.19 22.82 -56.22
CA HIS A 57 1.34 23.84 -55.63
C HIS A 57 -0.11 23.36 -55.64
N VAL A 58 -0.80 23.57 -54.52
CA VAL A 58 -2.22 23.25 -54.39
C VAL A 58 -2.93 24.49 -53.89
N PRO A 59 -3.92 25.02 -54.62
CA PRO A 59 -4.54 26.28 -54.21
C PRO A 59 -5.42 26.11 -52.99
N ALA A 60 -5.70 27.24 -52.34
CA ALA A 60 -6.54 27.24 -51.16
C ALA A 60 -7.98 26.91 -51.52
N LEU A 61 -8.60 26.06 -50.72
CA LEU A 61 -9.97 25.63 -50.99
C LEU A 61 -10.98 26.70 -50.55
N LYS A 62 -12.17 26.61 -51.10
CA LYS A 62 -13.26 27.53 -50.77
C LYS A 62 -14.20 26.90 -49.75
N PRO A 63 -14.63 27.69 -48.75
CA PRO A 63 -15.59 27.16 -47.79
C PRO A 63 -16.91 26.79 -48.47
N LYS A 64 -17.45 25.64 -48.09
CA LYS A 64 -18.71 25.19 -48.67
C LYS A 64 -19.83 26.16 -48.30
N PRO A 65 -20.71 26.51 -49.24
CA PRO A 65 -21.81 27.42 -48.91
C PRO A 65 -22.73 26.81 -47.87
N PHE A 66 -23.19 27.66 -46.94
CA PHE A 66 -24.08 27.23 -45.87
C PHE A 66 -25.32 26.55 -46.46
N GLY A 67 -25.28 25.23 -46.57
CA GLY A 67 -26.29 24.49 -47.28
C GLY A 67 -27.59 24.26 -46.53
N SER A 68 -27.54 23.45 -45.48
CA SER A 68 -28.73 23.08 -44.73
C SER A 68 -29.21 24.22 -43.85
N GLU A 69 -29.58 23.91 -42.60
CA GLU A 69 -29.95 24.90 -41.62
C GLU A 69 -28.76 25.10 -40.69
N GLU A 70 -27.79 25.89 -41.15
CA GLU A 70 -26.56 26.17 -40.42
C GLU A 70 -26.57 27.64 -40.01
N GLN A 71 -26.85 27.91 -38.75
CA GLN A 71 -26.77 29.24 -38.17
C GLN A 71 -25.86 29.19 -36.95
N LEU A 72 -24.85 30.04 -36.94
CA LEU A 72 -23.88 30.06 -35.85
C LEU A 72 -24.57 30.33 -34.52
N LEU A 73 -24.62 29.33 -33.66
CA LEU A 73 -25.39 29.42 -32.43
C LEU A 73 -24.66 30.30 -31.41
N PRO A 74 -25.30 31.35 -30.90
CA PRO A 74 -24.68 32.13 -29.83
C PRO A 74 -24.72 31.35 -28.51
N VAL A 75 -23.81 31.74 -27.61
CA VAL A 75 -23.69 31.06 -26.32
C VAL A 75 -24.95 31.24 -25.49
N GLU A 76 -25.68 32.34 -25.72
CA GLU A 76 -26.91 32.59 -24.95
C GLU A 76 -27.96 31.51 -25.20
N LYS A 77 -27.90 30.84 -26.34
CA LYS A 77 -28.84 29.76 -26.63
C LYS A 77 -28.48 28.46 -25.94
N LEU A 78 -27.22 28.30 -25.52
CA LEU A 78 -26.80 27.07 -24.87
C LEU A 78 -27.51 26.90 -23.53
N PRO A 79 -27.56 25.67 -23.02
CA PRO A 79 -28.03 25.48 -21.64
C PRO A 79 -27.18 26.30 -20.69
N LYS A 80 -27.85 26.94 -19.72
CA LYS A 80 -27.18 28.01 -18.98
C LYS A 80 -26.09 27.46 -18.05
N TYR A 81 -26.29 26.26 -17.51
CA TYR A 81 -25.27 25.68 -16.63
C TYR A 81 -23.93 25.53 -17.35
N ALA A 82 -23.96 25.42 -18.68
CA ALA A 82 -22.75 25.28 -19.47
C ALA A 82 -22.25 26.59 -20.05
N GLN A 83 -22.99 27.70 -19.86
CA GLN A 83 -22.55 28.97 -20.44
C GLN A 83 -21.32 29.52 -19.73
N ALA A 84 -21.13 29.17 -18.46
CA ALA A 84 -19.95 29.64 -17.71
C ALA A 84 -18.66 29.09 -18.29
N GLY A 85 -18.72 27.92 -18.94
CA GLY A 85 -17.51 27.38 -19.54
C GLY A 85 -17.15 28.01 -20.85
N PHE A 86 -17.98 28.90 -21.37
CA PHE A 86 -17.73 29.60 -22.63
C PHE A 86 -17.58 31.11 -22.44
N GLU A 87 -17.08 31.57 -21.27
CA GLU A 87 -16.70 32.95 -20.96
C GLU A 87 -15.69 33.46 -21.95
N GLY A 88 -16.07 34.45 -22.73
CA GLY A 88 -15.17 35.05 -23.69
C GLY A 88 -15.44 34.69 -25.11
N PHE A 89 -16.41 33.82 -25.35
CA PHE A 89 -16.90 33.49 -26.66
C PHE A 89 -18.32 34.01 -26.81
N LYS A 90 -18.58 34.71 -27.91
CA LYS A 90 -19.92 35.20 -28.18
C LYS A 90 -20.74 34.22 -28.99
N THR A 91 -20.12 33.52 -29.94
CA THR A 91 -20.83 32.62 -30.82
C THR A 91 -19.93 31.44 -31.17
N LEU A 92 -20.52 30.24 -31.23
CA LEU A 92 -19.78 29.06 -31.66
C LEU A 92 -19.52 29.13 -33.15
N ASN A 93 -18.46 28.44 -33.59
CA ASN A 93 -18.12 28.42 -35.01
C ASN A 93 -18.99 27.39 -35.74
N ARG A 94 -18.58 27.03 -36.96
CA ARG A 94 -19.44 26.22 -37.81
C ARG A 94 -19.56 24.78 -37.30
N ILE A 95 -18.44 24.17 -36.93
CA ILE A 95 -18.50 22.77 -36.54
C ILE A 95 -19.05 22.61 -35.12
N GLN A 96 -18.88 23.61 -34.26
CA GLN A 96 -19.37 23.49 -32.89
C GLN A 96 -20.88 23.65 -32.82
N SER A 97 -21.47 24.44 -33.73
CA SER A 97 -22.91 24.62 -33.73
C SER A 97 -23.64 23.38 -34.23
N LYS A 98 -22.98 22.58 -35.06
CA LYS A 98 -23.57 21.33 -35.53
C LYS A 98 -23.39 20.19 -34.54
N LEU A 99 -22.70 20.42 -33.42
CA LEU A 99 -22.37 19.38 -32.46
C LEU A 99 -22.95 19.60 -31.07
N TYR A 100 -23.43 20.79 -30.75
CA TYR A 100 -23.76 21.12 -29.36
C TYR A 100 -24.91 20.26 -28.84
N ARG A 101 -25.89 19.96 -29.69
CA ARG A 101 -27.00 19.12 -29.26
C ARG A 101 -26.54 17.69 -29.01
N ALA A 102 -25.63 17.18 -29.86
CA ALA A 102 -25.11 15.84 -29.66
C ALA A 102 -24.10 15.76 -28.52
N ALA A 103 -23.50 16.89 -28.13
CA ALA A 103 -22.51 16.92 -27.07
C ALA A 103 -23.10 17.23 -25.70
N LEU A 104 -24.08 18.13 -25.64
CA LEU A 104 -24.66 18.56 -24.37
C LEU A 104 -25.97 17.85 -24.03
N GLU A 105 -26.71 17.37 -25.02
CA GLU A 105 -28.03 16.79 -24.80
C GLU A 105 -28.08 15.32 -25.19
N THR A 106 -26.94 14.64 -25.22
CA THR A 106 -26.90 13.23 -25.60
C THR A 106 -25.66 12.59 -25.00
N ASP A 107 -25.78 11.32 -24.63
CA ASP A 107 -24.67 10.53 -24.11
C ASP A 107 -24.05 9.64 -25.19
N GLU A 108 -24.29 9.94 -26.46
CA GLU A 108 -23.81 9.09 -27.53
C GLU A 108 -22.30 9.26 -27.72
N ASN A 109 -21.62 8.15 -27.99
CA ASN A 109 -20.21 8.21 -28.34
C ASN A 109 -20.03 8.98 -29.64
N LEU A 110 -19.12 9.96 -29.62
CA LEU A 110 -18.92 10.86 -30.74
C LEU A 110 -17.58 10.63 -31.41
N LEU A 111 -17.54 10.89 -32.71
CA LEU A 111 -16.30 10.88 -33.49
C LEU A 111 -16.35 12.08 -34.42
N LEU A 112 -15.43 13.02 -34.23
CA LEU A 112 -15.42 14.27 -34.97
C LEU A 112 -14.11 14.39 -35.74
N CYS A 113 -14.22 14.43 -37.06
CA CYS A 113 -13.09 14.65 -37.95
C CYS A 113 -13.19 16.04 -38.55
N ALA A 114 -12.14 16.84 -38.36
CA ALA A 114 -12.08 18.20 -38.89
C ALA A 114 -10.62 18.57 -39.07
N PRO A 115 -10.31 19.46 -40.02
CA PRO A 115 -8.92 19.88 -40.18
C PRO A 115 -8.42 20.64 -38.97
N THR A 116 -7.11 20.56 -38.74
CA THR A 116 -6.50 21.17 -37.57
C THR A 116 -6.78 22.67 -37.55
N GLY A 117 -7.40 23.14 -36.48
CA GLY A 117 -7.77 24.53 -36.32
C GLY A 117 -9.25 24.81 -36.42
N ALA A 118 -10.07 23.81 -36.76
CA ALA A 118 -11.50 24.01 -36.94
C ALA A 118 -12.26 24.20 -35.64
N GLY A 119 -11.65 23.88 -34.49
CA GLY A 119 -12.30 24.10 -33.22
C GLY A 119 -12.86 22.84 -32.59
N LYS A 120 -12.15 21.73 -32.72
CA LYS A 120 -12.64 20.46 -32.19
C LYS A 120 -12.61 20.43 -30.66
N THR A 121 -11.72 21.22 -30.05
CA THR A 121 -11.54 21.14 -28.60
C THR A 121 -12.81 21.57 -27.87
N ASN A 122 -13.43 22.67 -28.31
CA ASN A 122 -14.63 23.17 -27.64
C ASN A 122 -15.77 22.14 -27.68
N VAL A 123 -15.83 21.33 -28.74
CA VAL A 123 -16.81 20.26 -28.78
C VAL A 123 -16.56 19.26 -27.67
N ALA A 124 -15.28 18.94 -27.42
CA ALA A 124 -14.93 18.07 -26.30
C ALA A 124 -15.25 18.73 -24.96
N LEU A 125 -15.12 20.06 -24.88
CA LEU A 125 -15.49 20.77 -23.65
C LEU A 125 -16.98 20.68 -23.39
N MET A 126 -17.81 20.68 -24.44
CA MET A 126 -19.24 20.52 -24.26
C MET A 126 -19.58 19.14 -23.70
N CYS A 127 -18.83 18.11 -24.11
CA CYS A 127 -19.02 16.79 -23.54
C CYS A 127 -18.63 16.77 -22.07
N MET A 128 -17.52 17.43 -21.72
CA MET A 128 -17.13 17.52 -20.32
C MET A 128 -18.15 18.31 -19.51
N LEU A 129 -18.72 19.36 -20.11
CA LEU A 129 -19.70 20.17 -19.40
C LEU A 129 -20.99 19.41 -19.15
N ARG A 130 -21.37 18.51 -20.06
CA ARG A 130 -22.56 17.70 -19.82
C ARG A 130 -22.35 16.74 -18.66
N GLU A 131 -21.14 16.17 -18.56
CA GLU A 131 -20.85 15.26 -17.45
C GLU A 131 -20.78 16.00 -16.13
N ILE A 132 -20.16 17.19 -16.13
CA ILE A 132 -20.07 17.99 -14.90
C ILE A 132 -21.46 18.36 -14.40
N GLY A 133 -22.38 18.63 -15.32
CA GLY A 133 -23.75 18.96 -14.96
C GLY A 133 -24.57 17.79 -14.47
N LYS A 134 -24.06 16.56 -14.61
CA LYS A 134 -24.78 15.39 -14.12
C LYS A 134 -24.64 15.20 -12.62
N HIS A 135 -23.61 15.80 -12.00
CA HIS A 135 -23.36 15.60 -10.58
C HIS A 135 -23.34 16.93 -9.83
N ILE A 136 -24.32 17.79 -10.07
CA ILE A 136 -24.37 19.09 -9.42
C ILE A 136 -25.42 19.07 -8.31
N ASN A 137 -25.21 19.93 -7.32
CA ASN A 137 -26.00 20.05 -6.11
C ASN A 137 -26.85 21.32 -6.20
N MET A 138 -27.22 21.89 -5.05
CA MET A 138 -27.99 23.11 -5.00
C MET A 138 -27.24 24.27 -4.35
N ASP A 139 -26.08 24.03 -3.74
CA ASP A 139 -25.32 25.07 -3.07
C ASP A 139 -24.26 25.71 -3.95
N GLY A 140 -24.43 25.67 -5.27
CA GLY A 140 -23.46 26.25 -6.18
C GLY A 140 -22.23 25.38 -6.33
N THR A 141 -21.43 25.28 -5.27
CA THR A 141 -20.34 24.31 -5.24
C THR A 141 -20.92 22.91 -5.13
N ILE A 142 -20.45 22.00 -5.96
CA ILE A 142 -21.16 20.76 -6.24
C ILE A 142 -20.23 19.57 -6.02
N ASN A 143 -20.81 18.37 -6.16
CA ASN A 143 -20.10 17.12 -5.88
C ASN A 143 -19.04 16.89 -6.95
N VAL A 144 -17.77 16.97 -6.56
CA VAL A 144 -16.67 16.58 -7.43
C VAL A 144 -16.10 15.21 -7.06
N ASP A 145 -16.77 14.49 -6.16
CA ASP A 145 -16.40 13.14 -5.80
C ASP A 145 -17.18 12.08 -6.56
N ASP A 146 -18.09 12.49 -7.44
CA ASP A 146 -19.02 11.57 -8.09
C ASP A 146 -18.63 11.19 -9.52
N PHE A 147 -17.59 11.81 -10.08
CA PHE A 147 -17.25 11.56 -11.48
C PHE A 147 -15.75 11.74 -11.69
N LYS A 148 -15.32 11.47 -12.92
CA LYS A 148 -13.94 11.67 -13.34
C LYS A 148 -13.90 11.65 -14.86
N ILE A 149 -13.12 12.57 -15.43
CA ILE A 149 -12.98 12.69 -16.87
C ILE A 149 -11.51 12.55 -17.23
N ILE A 150 -11.21 11.75 -18.26
CA ILE A 150 -9.85 11.51 -18.71
C ILE A 150 -9.72 12.10 -20.11
N TYR A 151 -8.86 13.12 -20.24
CA TYR A 151 -8.57 13.74 -21.53
C TYR A 151 -7.21 13.24 -22.00
N ILE A 152 -7.22 12.39 -23.03
CA ILE A 152 -6.01 11.76 -23.53
C ILE A 152 -5.49 12.59 -24.70
N ALA A 153 -4.32 13.21 -24.51
CA ALA A 153 -3.65 14.01 -25.52
C ALA A 153 -2.34 13.36 -25.94
N PRO A 154 -1.92 13.53 -27.20
CA PRO A 154 -0.79 12.75 -27.70
C PRO A 154 0.57 13.23 -27.23
N MET A 155 0.73 14.52 -26.95
CA MET A 155 2.03 15.10 -26.66
C MET A 155 2.10 15.64 -25.24
N ARG A 156 3.31 15.59 -24.68
CA ARG A 156 3.55 16.08 -23.33
C ARG A 156 3.29 17.59 -23.23
N SER A 157 3.64 18.34 -24.27
CA SER A 157 3.46 19.79 -24.23
C SER A 157 1.99 20.17 -24.38
N LEU A 158 1.26 19.42 -25.23
CA LEU A 158 -0.17 19.69 -25.38
C LEU A 158 -0.93 19.38 -24.10
N VAL A 159 -0.47 18.38 -23.33
CA VAL A 159 -1.12 18.07 -22.06
C VAL A 159 -0.96 19.21 -21.08
N GLN A 160 0.28 19.70 -20.91
CA GLN A 160 0.54 20.75 -19.93
C GLN A 160 -0.22 22.03 -20.28
N GLU A 161 -0.37 22.33 -21.57
CA GLU A 161 -1.05 23.55 -21.97
C GLU A 161 -2.55 23.48 -21.65
N MET A 162 -3.18 22.35 -21.99
CA MET A 162 -4.62 22.24 -21.79
C MET A 162 -5.01 22.04 -20.33
N VAL A 163 -4.06 21.65 -19.48
CA VAL A 163 -4.35 21.59 -18.05
C VAL A 163 -4.66 22.97 -17.51
N GLY A 164 -3.85 23.96 -17.89
CA GLY A 164 -4.13 25.34 -17.50
C GLY A 164 -5.27 25.93 -18.31
N SER A 165 -5.38 25.56 -19.58
CA SER A 165 -6.46 26.06 -20.42
C SER A 165 -7.82 25.60 -19.90
N PHE A 166 -7.95 24.30 -19.62
CA PHE A 166 -9.19 23.80 -19.03
C PHE A 166 -9.35 24.24 -17.59
N GLY A 167 -8.24 24.52 -16.90
CA GLY A 167 -8.33 24.94 -15.51
C GLY A 167 -9.00 26.29 -15.34
N LYS A 168 -8.70 27.23 -16.24
CA LYS A 168 -9.30 28.56 -16.15
C LYS A 168 -10.73 28.57 -16.68
N ARG A 169 -10.99 27.81 -17.75
CA ARG A 169 -12.34 27.79 -18.33
C ARG A 169 -13.35 27.18 -17.37
N LEU A 170 -12.93 26.24 -16.54
CA LEU A 170 -13.81 25.58 -15.58
C LEU A 170 -13.51 25.94 -14.14
N ALA A 171 -12.73 27.00 -13.91
CA ALA A 171 -12.44 27.41 -12.54
C ALA A 171 -13.69 27.84 -11.80
N THR A 172 -14.66 28.41 -12.52
CA THR A 172 -15.91 28.84 -11.90
C THR A 172 -16.78 27.67 -11.46
N TYR A 173 -16.44 26.44 -11.85
CA TYR A 173 -17.19 25.25 -11.46
C TYR A 173 -16.57 24.52 -10.27
N GLY A 174 -15.48 25.03 -9.71
CA GLY A 174 -14.80 24.34 -8.63
C GLY A 174 -14.13 23.05 -9.07
N ILE A 175 -13.75 22.95 -10.34
CA ILE A 175 -13.13 21.76 -10.88
C ILE A 175 -11.62 21.91 -10.82
N THR A 176 -10.94 20.83 -10.45
CA THR A 176 -9.48 20.79 -10.41
C THR A 176 -8.97 19.99 -11.60
N VAL A 177 -8.20 20.65 -12.46
CA VAL A 177 -7.59 20.02 -13.64
C VAL A 177 -6.09 20.03 -13.42
N ALA A 178 -5.47 18.85 -13.45
CA ALA A 178 -4.04 18.74 -13.20
C ALA A 178 -3.44 17.64 -14.06
N GLU A 179 -2.15 17.80 -14.36
CA GLU A 179 -1.37 16.77 -15.03
C GLU A 179 -0.79 15.83 -13.99
N LEU A 180 -0.72 14.55 -14.33
CA LEU A 180 -0.16 13.56 -13.42
C LEU A 180 1.34 13.81 -13.21
N THR A 181 1.84 13.40 -12.05
CA THR A 181 3.26 13.56 -11.72
C THR A 181 4.14 12.74 -12.63
N GLY A 182 5.44 12.72 -12.33
CA GLY A 182 6.36 11.84 -13.02
C GLY A 182 6.09 10.39 -12.67
N ASP A 183 6.52 9.97 -11.48
CA ASP A 183 6.29 8.62 -10.98
C ASP A 183 5.73 8.72 -9.58
N HIS A 184 4.51 8.20 -9.39
CA HIS A 184 3.74 8.40 -8.15
C HIS A 184 3.17 7.07 -7.69
N GLN A 185 4.04 6.14 -7.29
CA GLN A 185 3.54 4.88 -6.74
C GLN A 185 2.86 5.09 -5.39
N LEU A 186 3.13 6.21 -4.72
CA LEU A 186 2.34 6.66 -3.59
C LEU A 186 1.85 8.08 -3.75
N CYS A 187 2.64 8.96 -4.37
CA CYS A 187 2.25 10.36 -4.52
C CYS A 187 1.09 10.52 -5.49
N LYS A 188 0.19 9.55 -5.53
CA LYS A 188 -0.96 9.59 -6.43
C LYS A 188 -2.14 10.29 -5.75
N GLU A 189 -1.84 11.18 -4.81
CA GLU A 189 -2.89 12.00 -4.22
C GLU A 189 -3.55 12.91 -5.26
N GLU A 190 -2.96 13.02 -6.45
CA GLU A 190 -3.57 13.81 -7.51
C GLU A 190 -4.95 13.25 -7.88
N ILE A 191 -4.99 12.00 -8.32
CA ILE A 191 -6.19 11.44 -8.96
C ILE A 191 -7.42 11.67 -8.09
N SER A 192 -7.35 11.31 -6.81
CA SER A 192 -8.49 11.50 -5.92
C SER A 192 -8.82 12.97 -5.73
N ALA A 193 -7.83 13.85 -5.87
CA ALA A 193 -8.06 15.29 -5.75
C ALA A 193 -8.52 15.93 -7.04
N THR A 194 -8.08 15.41 -8.18
CA THR A 194 -8.48 15.96 -9.47
C THR A 194 -9.81 15.37 -9.93
N GLN A 195 -10.42 16.06 -10.90
CA GLN A 195 -11.61 15.58 -11.56
C GLN A 195 -11.46 15.46 -13.07
N ILE A 196 -10.51 16.19 -13.66
CA ILE A 196 -10.20 16.09 -15.09
C ILE A 196 -8.73 15.74 -15.20
N ILE A 197 -8.44 14.50 -15.57
CA ILE A 197 -7.07 14.02 -15.70
C ILE A 197 -6.68 14.14 -17.17
N VAL A 198 -5.64 14.93 -17.43
CA VAL A 198 -5.09 15.11 -18.77
C VAL A 198 -3.77 14.35 -18.83
N CYS A 199 -3.69 13.37 -19.73
CA CYS A 199 -2.54 12.48 -19.78
C CYS A 199 -2.28 12.07 -21.22
N THR A 200 -1.16 11.38 -21.41
CA THR A 200 -0.80 10.77 -22.67
C THR A 200 -1.40 9.37 -22.78
N PRO A 201 -1.49 8.81 -23.98
CA PRO A 201 -1.97 7.42 -24.09
C PRO A 201 -1.14 6.44 -23.29
N GLU A 202 0.19 6.58 -23.31
CA GLU A 202 1.05 5.66 -22.57
C GLU A 202 0.89 5.82 -21.07
N LYS A 203 0.58 7.04 -20.60
CA LYS A 203 0.41 7.25 -19.17
C LYS A 203 -0.84 6.56 -18.64
N TRP A 204 -1.97 6.73 -19.34
CA TRP A 204 -3.19 6.05 -18.93
C TRP A 204 -3.12 4.55 -19.15
N ASP A 205 -2.21 4.08 -20.00
CA ASP A 205 -2.07 2.65 -20.22
C ASP A 205 -1.41 1.96 -19.05
N ILE A 206 -0.35 2.55 -18.50
CA ILE A 206 0.37 1.91 -17.39
C ILE A 206 -0.45 1.99 -16.10
N ILE A 207 -1.22 3.06 -15.91
CA ILE A 207 -1.99 3.20 -14.68
C ILE A 207 -3.11 2.17 -14.64
N THR A 208 -3.82 1.99 -15.75
CA THR A 208 -4.86 0.96 -15.80
C THR A 208 -4.26 -0.45 -15.86
N ARG A 209 -3.00 -0.58 -16.26
CA ARG A 209 -2.33 -1.88 -16.22
C ARG A 209 -2.18 -2.36 -14.78
N LYS A 210 -1.60 -1.54 -13.92
CA LYS A 210 -1.47 -1.85 -12.49
C LYS A 210 -2.86 -1.85 -11.88
N GLY A 211 -3.55 -2.97 -12.03
CA GLY A 211 -4.96 -3.05 -11.69
C GLY A 211 -5.29 -3.38 -10.26
N GLY A 212 -4.87 -2.52 -9.33
CA GLY A 212 -5.32 -2.61 -7.96
C GLY A 212 -6.50 -1.67 -7.75
N GLU A 213 -7.57 -2.18 -7.17
CA GLU A 213 -8.81 -1.43 -7.04
C GLU A 213 -8.82 -0.49 -5.85
N ARG A 214 -7.65 -0.09 -5.34
CA ARG A 214 -7.53 1.15 -4.58
C ARG A 214 -7.56 2.37 -5.49
N THR A 215 -7.84 2.05 -6.75
CA THR A 215 -7.84 2.98 -7.86
C THR A 215 -8.86 4.09 -7.72
N TYR A 216 -9.00 4.88 -8.79
CA TYR A 216 -10.15 5.75 -8.99
C TYR A 216 -10.61 5.68 -10.44
N THR A 217 -10.22 4.62 -11.17
CA THR A 217 -10.58 4.46 -12.57
C THR A 217 -12.01 3.96 -12.75
N GLN A 218 -12.62 3.39 -11.72
CA GLN A 218 -14.03 3.03 -11.81
C GLN A 218 -14.95 4.23 -11.70
N LEU A 219 -14.42 5.39 -11.37
CA LEU A 219 -15.19 6.64 -11.34
C LEU A 219 -15.17 7.37 -12.68
N VAL A 220 -14.51 6.81 -13.69
CA VAL A 220 -14.40 7.45 -14.99
C VAL A 220 -15.70 7.28 -15.76
N ARG A 221 -16.36 8.39 -16.07
CA ARG A 221 -17.59 8.39 -16.85
C ARG A 221 -17.41 8.90 -18.26
N LEU A 222 -16.30 9.58 -18.56
CA LEU A 222 -16.07 10.16 -19.87
C LEU A 222 -14.60 10.05 -20.21
N ILE A 223 -14.31 9.55 -21.41
CA ILE A 223 -12.95 9.46 -21.94
C ILE A 223 -12.91 10.20 -23.26
N ILE A 224 -11.96 11.13 -23.40
CA ILE A 224 -11.78 11.90 -24.62
C ILE A 224 -10.46 11.49 -25.25
N LEU A 225 -10.51 11.10 -26.52
CA LEU A 225 -9.34 10.67 -27.27
C LEU A 225 -9.04 11.76 -28.30
N ASP A 226 -8.16 12.68 -27.94
CA ASP A 226 -7.78 13.77 -28.82
C ASP A 226 -6.72 13.30 -29.83
N GLU A 227 -6.84 13.79 -31.06
CA GLU A 227 -5.93 13.43 -32.15
C GLU A 227 -5.89 11.91 -32.33
N ILE A 228 -7.07 11.30 -32.37
CA ILE A 228 -7.17 9.85 -32.44
C ILE A 228 -6.63 9.27 -33.73
N HIS A 229 -6.32 10.10 -34.73
CA HIS A 229 -5.64 9.62 -35.92
C HIS A 229 -4.20 9.16 -35.62
N LEU A 230 -3.77 9.25 -34.36
CA LEU A 230 -2.53 8.63 -33.92
C LEU A 230 -2.54 7.12 -34.09
N LEU A 231 -3.70 6.51 -34.32
CA LEU A 231 -3.78 5.07 -34.54
C LEU A 231 -2.84 4.64 -35.66
N HIS A 232 -2.68 5.47 -36.69
CA HIS A 232 -1.79 5.15 -37.79
C HIS A 232 -0.32 5.17 -37.36
N ASP A 233 0.01 5.86 -36.27
CA ASP A 233 1.37 5.95 -35.79
C ASP A 233 1.77 4.69 -35.04
N ASP A 234 3.09 4.55 -34.82
CA ASP A 234 3.60 3.40 -34.06
C ASP A 234 3.03 3.37 -32.65
N ARG A 235 2.70 4.53 -32.08
CA ARG A 235 2.06 4.60 -30.77
C ARG A 235 0.57 4.26 -30.84
N GLY A 236 0.05 3.98 -32.02
CA GLY A 236 -1.33 3.63 -32.22
C GLY A 236 -1.88 2.53 -31.33
N PRO A 237 -1.18 1.39 -31.24
CA PRO A 237 -1.71 0.27 -30.42
C PRO A 237 -2.06 0.65 -28.99
N VAL A 238 -1.42 1.66 -28.42
CA VAL A 238 -1.76 2.08 -27.06
C VAL A 238 -3.20 2.58 -27.00
N LEU A 239 -3.62 3.34 -28.02
CA LEU A 239 -5.01 3.79 -28.07
C LEU A 239 -5.96 2.62 -28.26
N GLU A 240 -5.54 1.61 -29.04
CA GLU A 240 -6.36 0.42 -29.19
C GLU A 240 -6.45 -0.37 -27.90
N ALA A 241 -5.37 -0.39 -27.10
CA ALA A 241 -5.40 -1.10 -25.83
C ALA A 241 -6.29 -0.36 -24.82
N LEU A 242 -6.29 0.96 -24.85
CA LEU A 242 -7.09 1.73 -23.91
C LEU A 242 -8.58 1.60 -24.22
N VAL A 243 -8.95 1.63 -25.49
CA VAL A 243 -10.36 1.57 -25.87
C VAL A 243 -10.89 0.16 -25.68
N ALA A 244 -10.15 -0.84 -26.14
CA ALA A 244 -10.58 -2.23 -25.97
C ALA A 244 -10.73 -2.58 -24.50
N ARG A 245 -9.85 -2.06 -23.65
CA ARG A 245 -9.94 -2.34 -22.22
C ARG A 245 -11.14 -1.65 -21.60
N ALA A 246 -11.47 -0.44 -22.06
CA ALA A 246 -12.57 0.31 -21.46
C ALA A 246 -13.93 -0.14 -21.99
N ILE A 247 -13.99 -0.48 -23.28
CA ILE A 247 -15.27 -0.90 -23.87
C ILE A 247 -15.63 -2.31 -23.44
N ARG A 248 -14.65 -3.22 -23.45
CA ARG A 248 -14.92 -4.58 -23.01
C ARG A 248 -15.31 -4.59 -21.54
N ASN A 249 -14.66 -3.78 -20.71
CA ASN A 249 -15.01 -3.68 -19.30
C ASN A 249 -16.41 -3.13 -19.08
N ILE A 250 -16.95 -2.39 -20.06
CA ILE A 250 -18.33 -1.91 -19.95
C ILE A 250 -19.28 -3.10 -19.81
N GLU A 251 -19.19 -4.05 -20.73
CA GLU A 251 -20.09 -5.20 -20.71
C GLU A 251 -19.81 -6.14 -19.54
N MET A 252 -18.59 -6.12 -18.98
CA MET A 252 -18.30 -6.89 -17.78
C MET A 252 -18.83 -6.22 -16.52
N THR A 253 -19.38 -5.02 -16.62
CA THR A 253 -19.99 -4.32 -15.49
C THR A 253 -21.31 -3.63 -15.82
N GLN A 254 -21.56 -3.27 -17.08
CA GLN A 254 -22.80 -2.60 -17.52
C GLN A 254 -22.96 -1.23 -16.85
N GLU A 255 -21.84 -0.51 -16.73
CA GLU A 255 -21.84 0.91 -16.40
C GLU A 255 -21.26 1.66 -17.59
N ASP A 256 -22.06 2.52 -18.21
CA ASP A 256 -21.68 3.12 -19.49
C ASP A 256 -20.62 4.20 -19.31
N VAL A 257 -19.64 4.20 -20.21
CA VAL A 257 -18.59 5.21 -20.27
C VAL A 257 -18.63 5.85 -21.65
N ARG A 258 -18.78 7.16 -21.69
CA ARG A 258 -18.87 7.87 -22.96
C ARG A 258 -17.48 8.05 -23.56
N LEU A 259 -17.36 7.79 -24.85
CA LEU A 259 -16.10 7.88 -25.57
C LEU A 259 -16.22 8.97 -26.64
N ILE A 260 -15.31 9.94 -26.60
CA ILE A 260 -15.29 11.05 -27.54
C ILE A 260 -13.96 11.02 -28.28
N GLY A 261 -14.02 10.87 -29.60
CA GLY A 261 -12.83 10.85 -30.44
C GLY A 261 -12.78 12.07 -31.33
N LEU A 262 -11.61 12.70 -31.36
CA LEU A 262 -11.35 13.86 -32.22
C LEU A 262 -10.21 13.51 -33.16
N SER A 263 -10.46 13.67 -34.47
CA SER A 263 -9.50 13.25 -35.48
C SER A 263 -9.32 14.35 -36.52
N ALA A 264 -8.23 14.23 -37.28
CA ALA A 264 -8.07 15.02 -38.48
C ALA A 264 -8.88 14.40 -39.61
N THR A 265 -9.00 15.14 -40.70
CA THR A 265 -9.78 14.68 -41.86
C THR A 265 -8.94 13.67 -42.63
N LEU A 266 -9.15 12.39 -42.37
CA LEU A 266 -8.39 11.31 -42.98
C LEU A 266 -9.31 10.12 -43.23
N PRO A 267 -9.01 9.31 -44.24
CA PRO A 267 -9.89 8.18 -44.57
C PRO A 267 -9.97 7.16 -43.45
N ASN A 268 -10.87 6.18 -43.64
CA ASN A 268 -11.18 5.13 -42.69
C ASN A 268 -11.85 5.66 -41.43
N TYR A 269 -12.45 6.85 -41.49
CA TYR A 269 -13.10 7.41 -40.31
C TYR A 269 -14.32 6.60 -39.90
N GLU A 270 -14.92 5.86 -40.84
CA GLU A 270 -16.03 4.98 -40.48
C GLU A 270 -15.53 3.81 -39.65
N ASP A 271 -14.32 3.31 -39.93
CA ASP A 271 -13.77 2.23 -39.14
C ASP A 271 -13.40 2.70 -37.74
N VAL A 272 -12.90 3.92 -37.62
CA VAL A 272 -12.62 4.49 -36.30
C VAL A 272 -13.91 4.61 -35.50
N ALA A 273 -15.01 4.95 -36.17
CA ALA A 273 -16.30 5.10 -35.49
C ALA A 273 -16.81 3.76 -34.96
N THR A 274 -16.76 2.72 -35.80
CA THR A 274 -17.16 1.39 -35.36
C THR A 274 -16.26 0.90 -34.22
N PHE A 275 -14.98 1.25 -34.28
CA PHE A 275 -14.04 0.87 -33.23
C PHE A 275 -14.35 1.58 -31.92
N LEU A 276 -14.97 2.76 -31.98
CA LEU A 276 -15.35 3.52 -30.81
C LEU A 276 -16.80 3.30 -30.40
N ARG A 277 -17.50 2.35 -31.03
CA ARG A 277 -18.93 2.11 -30.78
C ARG A 277 -19.76 3.37 -31.05
N VAL A 278 -19.45 4.05 -32.15
CA VAL A 278 -20.12 5.28 -32.53
C VAL A 278 -21.18 4.96 -33.57
N ASP A 279 -22.42 5.34 -33.29
CA ASP A 279 -23.49 5.17 -34.26
C ASP A 279 -23.29 6.13 -35.42
N PRO A 280 -23.12 5.65 -36.65
CA PRO A 280 -22.87 6.58 -37.77
C PRO A 280 -24.00 7.58 -37.99
N ALA A 281 -25.24 7.19 -37.73
CA ALA A 281 -26.38 8.08 -37.93
C ALA A 281 -26.58 9.06 -36.77
N LYS A 282 -25.72 9.04 -35.76
CA LYS A 282 -25.90 9.92 -34.62
C LYS A 282 -24.60 10.62 -34.23
N GLY A 283 -23.53 9.86 -34.04
CA GLY A 283 -22.28 10.37 -33.50
C GLY A 283 -21.16 10.60 -34.49
N LEU A 284 -21.36 10.31 -35.78
CA LEU A 284 -20.32 10.48 -36.78
C LEU A 284 -20.49 11.84 -37.44
N PHE A 285 -19.42 12.64 -37.43
CA PHE A 285 -19.43 13.98 -38.01
C PHE A 285 -18.13 14.19 -38.76
N TYR A 286 -18.21 14.33 -40.08
CA TYR A 286 -17.05 14.42 -40.95
C TYR A 286 -17.04 15.78 -41.63
N PHE A 287 -15.92 16.49 -41.52
CA PHE A 287 -15.73 17.79 -42.15
C PHE A 287 -14.42 17.79 -42.91
N ASP A 288 -14.46 18.18 -44.18
CA ASP A 288 -13.27 18.16 -45.02
C ASP A 288 -12.41 19.39 -44.77
N ASN A 289 -11.26 19.46 -45.45
CA ASN A 289 -10.31 20.54 -45.25
C ASN A 289 -10.87 21.90 -45.63
N SER A 290 -12.03 21.96 -46.30
CA SER A 290 -12.64 23.25 -46.61
C SER A 290 -13.14 23.96 -45.37
N PHE A 291 -13.43 23.22 -44.29
CA PHE A 291 -13.88 23.80 -43.04
C PHE A 291 -12.74 24.34 -42.19
N ARG A 292 -11.53 24.41 -42.74
CA ARG A 292 -10.43 25.09 -42.08
C ARG A 292 -10.78 26.58 -41.97
N PRO A 293 -10.68 27.17 -40.78
CA PRO A 293 -11.10 28.58 -40.64
C PRO A 293 -10.30 29.55 -41.48
N VAL A 294 -9.06 29.21 -41.81
CA VAL A 294 -8.21 30.02 -42.67
C VAL A 294 -7.82 29.16 -43.87
N PRO A 295 -8.14 29.58 -45.09
CA PRO A 295 -7.73 28.80 -46.27
C PRO A 295 -6.22 28.66 -46.35
N LEU A 296 -5.77 27.47 -46.72
CA LEU A 296 -4.35 27.13 -46.71
C LEU A 296 -3.88 26.92 -48.14
N GLU A 297 -2.97 27.78 -48.60
CA GLU A 297 -2.29 27.60 -49.88
C GLU A 297 -1.06 26.74 -49.64
N GLN A 298 -1.09 25.50 -50.13
CA GLN A 298 -0.04 24.53 -49.86
C GLN A 298 0.98 24.51 -50.98
N THR A 299 2.25 24.43 -50.61
CA THR A 299 3.35 24.32 -51.56
C THR A 299 4.32 23.25 -51.08
N TYR A 300 4.60 22.28 -51.95
CA TYR A 300 5.46 21.15 -51.63
C TYR A 300 6.67 21.18 -52.55
N VAL A 301 7.84 20.92 -51.98
CA VAL A 301 9.11 20.99 -52.71
C VAL A 301 9.78 19.63 -52.56
N GLY A 302 9.89 18.90 -53.67
CA GLY A 302 10.55 17.60 -53.66
C GLY A 302 11.91 17.64 -54.31
N ILE A 303 12.96 17.45 -53.52
CA ILE A 303 14.33 17.49 -54.01
C ILE A 303 14.72 16.09 -54.49
N THR A 304 15.32 16.03 -55.68
CA THR A 304 15.76 14.77 -56.25
C THR A 304 17.26 14.52 -56.13
N GLU A 305 18.02 15.52 -55.66
CA GLU A 305 19.46 15.36 -55.52
C GLU A 305 19.78 14.31 -54.46
N LYS A 306 20.67 13.38 -54.79
CA LYS A 306 21.00 12.28 -53.89
C LYS A 306 22.21 12.56 -53.02
N LYS A 307 23.19 13.31 -53.53
CA LYS A 307 24.39 13.59 -52.75
C LYS A 307 24.06 14.49 -51.56
N ALA A 308 24.62 14.16 -50.40
CA ALA A 308 24.25 14.85 -49.17
C ALA A 308 24.71 16.31 -49.19
N ILE A 309 25.91 16.56 -49.71
CA ILE A 309 26.48 17.90 -49.61
C ILE A 309 25.76 18.88 -50.54
N LYS A 310 25.48 18.46 -51.77
CA LYS A 310 24.77 19.34 -52.69
C LYS A 310 23.31 19.52 -52.27
N ARG A 311 22.67 18.44 -51.84
CA ARG A 311 21.30 18.54 -51.35
C ARG A 311 21.21 19.41 -50.10
N PHE A 312 22.29 19.45 -49.31
CA PHE A 312 22.31 20.29 -48.11
C PHE A 312 22.21 21.77 -48.49
N GLN A 313 22.97 22.20 -49.49
CA GLN A 313 22.95 23.59 -49.91
C GLN A 313 21.84 23.90 -50.90
N ILE A 314 21.31 22.90 -51.61
CA ILE A 314 20.19 23.14 -52.51
C ILE A 314 18.97 23.61 -51.73
N MET A 315 18.65 22.91 -50.63
CA MET A 315 17.55 23.35 -49.79
C MET A 315 17.89 24.64 -49.04
N ASN A 316 19.17 24.85 -48.73
CA ASN A 316 19.60 26.12 -48.16
C ASN A 316 19.37 27.27 -49.12
N GLU A 317 19.25 26.97 -50.42
CA GLU A 317 18.84 27.98 -51.40
C GLU A 317 17.33 28.02 -51.58
N ILE A 318 16.66 26.89 -51.37
CA ILE A 318 15.20 26.86 -51.50
C ILE A 318 14.55 27.64 -50.36
N VAL A 319 15.13 27.60 -49.16
CA VAL A 319 14.56 28.34 -48.04
C VAL A 319 14.64 29.83 -48.30
N TYR A 320 15.79 30.31 -48.76
CA TYR A 320 15.98 31.75 -48.94
C TYR A 320 15.12 32.29 -50.08
N GLU A 321 14.96 31.50 -51.14
CA GLU A 321 14.14 31.95 -52.26
C GLU A 321 12.68 32.14 -51.85
N LYS A 322 12.20 31.31 -50.91
CA LYS A 322 10.84 31.43 -50.42
C LYS A 322 10.71 32.37 -49.24
N ILE A 323 11.79 32.57 -48.48
CA ILE A 323 11.77 33.59 -47.42
C ILE A 323 11.60 34.97 -48.02
N MET A 324 12.31 35.24 -49.12
CA MET A 324 12.26 36.56 -49.75
C MET A 324 10.87 36.86 -50.32
N GLU A 325 10.12 35.83 -50.69
CA GLU A 325 8.76 36.03 -51.19
C GLU A 325 7.81 36.55 -50.11
N HIS A 326 8.20 36.48 -48.85
CA HIS A 326 7.39 37.02 -47.76
C HIS A 326 8.15 38.00 -46.88
N ALA A 327 9.44 38.22 -47.14
CA ALA A 327 10.23 39.15 -46.33
C ALA A 327 9.67 40.57 -46.45
N GLY A 328 9.18 41.10 -45.33
CA GLY A 328 8.57 42.41 -45.27
C GLY A 328 7.06 42.38 -45.40
N LYS A 329 6.51 41.37 -46.09
CA LYS A 329 5.08 41.25 -46.28
C LYS A 329 4.42 40.43 -45.17
N ASN A 330 4.96 39.24 -44.90
CA ASN A 330 4.36 38.32 -43.95
C ASN A 330 5.45 37.66 -43.11
N GLN A 331 5.10 37.36 -41.85
CA GLN A 331 5.99 36.59 -41.00
C GLN A 331 6.10 35.16 -41.53
N VAL A 332 7.26 34.56 -41.30
CA VAL A 332 7.50 33.17 -41.70
C VAL A 332 7.99 32.40 -40.48
N LEU A 333 7.37 31.24 -40.25
CA LEU A 333 7.75 30.35 -39.15
C LEU A 333 8.37 29.10 -39.78
N VAL A 334 9.66 28.88 -39.53
CA VAL A 334 10.40 27.77 -40.11
C VAL A 334 10.61 26.71 -39.06
N PHE A 335 10.25 25.48 -39.38
CA PHE A 335 10.35 24.35 -38.46
C PHE A 335 11.50 23.45 -38.87
N VAL A 336 12.38 23.13 -37.91
CA VAL A 336 13.46 22.18 -38.10
C VAL A 336 13.33 21.09 -37.06
N HIS A 337 14.14 20.04 -37.22
CA HIS A 337 13.98 18.84 -36.41
C HIS A 337 14.67 18.95 -35.06
N SER A 338 15.89 19.44 -35.02
CA SER A 338 16.68 19.51 -33.79
C SER A 338 16.63 20.91 -33.20
N ARG A 339 17.22 21.04 -32.01
CA ARG A 339 17.37 22.33 -31.35
C ARG A 339 18.76 22.91 -31.53
N LYS A 340 19.59 22.28 -32.36
CA LYS A 340 20.88 22.81 -32.77
C LYS A 340 20.83 23.41 -34.17
N GLU A 341 20.07 22.79 -35.08
CA GLU A 341 19.88 23.34 -36.40
C GLU A 341 19.01 24.60 -36.40
N THR A 342 18.27 24.83 -35.32
CA THR A 342 17.41 26.02 -35.26
C THR A 342 18.24 27.29 -35.32
N GLY A 343 19.43 27.30 -34.72
CA GLY A 343 20.29 28.45 -34.80
C GLY A 343 21.13 28.50 -36.06
N LYS A 344 21.55 27.33 -36.56
CA LYS A 344 22.32 27.29 -37.79
C LYS A 344 21.47 27.76 -38.97
N THR A 345 20.24 27.28 -39.07
CA THR A 345 19.35 27.71 -40.14
C THR A 345 19.01 29.18 -40.02
N ALA A 346 18.71 29.64 -38.80
CA ALA A 346 18.46 31.06 -38.59
C ALA A 346 19.67 31.91 -38.95
N ARG A 347 20.87 31.37 -38.77
CA ARG A 347 22.07 32.10 -39.18
C ARG A 347 22.35 31.89 -40.66
N ALA A 348 22.18 30.66 -41.17
CA ALA A 348 22.39 30.41 -42.58
C ALA A 348 21.51 31.29 -43.45
N ILE A 349 20.30 31.60 -42.99
CA ILE A 349 19.45 32.55 -43.69
C ILE A 349 19.97 33.97 -43.52
N ARG A 350 20.11 34.41 -42.27
CA ARG A 350 20.49 35.79 -41.98
C ARG A 350 21.85 36.13 -42.58
N ASP A 351 22.85 35.27 -42.35
CA ASP A 351 24.20 35.56 -42.81
C ASP A 351 24.30 35.56 -44.33
N MET A 352 23.38 34.90 -45.03
CA MET A 352 23.42 34.90 -46.49
C MET A 352 22.74 36.12 -47.09
N CYS A 353 21.75 36.69 -46.39
CA CYS A 353 21.13 37.92 -46.87
C CYS A 353 22.13 39.07 -46.87
N LEU A 354 23.10 39.05 -45.95
CA LEU A 354 24.15 40.06 -45.95
C LEU A 354 24.98 40.01 -47.24
N GLU A 355 25.13 38.83 -47.82
CA GLU A 355 25.83 38.71 -49.09
C GLU A 355 25.05 39.36 -50.23
N LYS A 356 23.72 39.45 -50.09
CA LYS A 356 22.88 40.08 -51.10
C LYS A 356 22.27 41.39 -50.63
N ASP A 357 22.51 41.80 -49.38
CA ASP A 357 22.01 43.06 -48.82
C ASP A 357 20.49 43.14 -48.94
N THR A 358 19.82 42.18 -48.30
CA THR A 358 18.36 42.10 -48.33
C THR A 358 17.75 42.10 -46.94
N LEU A 359 18.48 42.57 -45.93
CA LEU A 359 17.95 42.60 -44.57
C LEU A 359 17.12 43.84 -44.29
N GLY A 360 17.31 44.92 -45.05
CA GLY A 360 16.53 46.13 -44.86
C GLY A 360 15.06 45.99 -45.17
N LEU A 361 14.66 44.91 -45.84
CA LEU A 361 13.25 44.68 -46.15
C LEU A 361 12.49 44.03 -45.01
N PHE A 362 13.19 43.43 -44.05
CA PHE A 362 12.52 42.82 -42.89
C PHE A 362 11.90 43.88 -42.00
N LEU A 363 12.68 44.90 -41.63
CA LEU A 363 12.22 45.96 -40.74
C LEU A 363 12.33 47.30 -41.43
N ARG A 364 11.42 48.20 -41.08
CA ARG A 364 11.29 49.50 -41.74
C ARG A 364 12.27 50.54 -41.21
N GLU A 365 13.50 50.13 -40.89
CA GLU A 365 14.53 51.02 -40.34
C GLU A 365 14.01 51.76 -39.11
N GLY A 366 13.96 53.09 -39.18
CA GLY A 366 13.42 53.89 -38.10
C GLY A 366 11.95 53.61 -37.83
N SER A 367 11.64 52.41 -37.38
CA SER A 367 10.27 51.99 -37.16
C SER A 367 9.88 52.17 -35.70
N ALA A 368 8.67 51.72 -35.37
CA ALA A 368 8.26 51.62 -33.98
C ALA A 368 8.58 50.26 -33.39
N SER A 369 8.90 49.28 -34.23
CA SER A 369 9.23 47.93 -33.79
C SER A 369 10.72 47.61 -33.89
N THR A 370 11.51 48.46 -34.56
CA THR A 370 12.96 48.24 -34.59
C THR A 370 13.60 48.58 -33.25
N GLU A 371 13.08 49.59 -32.56
CA GLU A 371 13.64 49.97 -31.27
C GLU A 371 13.28 48.96 -30.19
N VAL A 372 12.09 48.36 -30.27
CA VAL A 372 11.70 47.36 -29.27
C VAL A 372 12.44 46.04 -29.49
N LEU A 373 12.91 45.79 -30.71
CA LEU A 373 13.63 44.55 -30.98
C LEU A 373 15.07 44.63 -30.49
N ARG A 374 15.73 45.77 -30.69
CA ARG A 374 17.09 45.91 -30.21
C ARG A 374 17.13 46.03 -28.69
N THR A 375 16.23 46.82 -28.11
CA THR A 375 16.27 47.05 -26.66
C THR A 375 16.00 45.77 -25.89
N GLU A 376 15.05 44.95 -26.35
CA GLU A 376 14.79 43.67 -25.69
C GLU A 376 15.94 42.68 -25.89
N ALA A 377 16.79 42.91 -26.89
CA ALA A 377 17.97 42.06 -27.07
C ALA A 377 19.08 42.41 -26.09
N GLU A 378 19.09 43.65 -25.58
CA GLU A 378 20.13 44.05 -24.63
C GLU A 378 19.92 43.36 -23.29
N GLN A 379 18.67 43.21 -22.85
CA GLN A 379 18.37 42.43 -21.65
C GLN A 379 17.70 41.12 -22.06
N CYS A 380 18.35 40.38 -22.98
CA CYS A 380 17.82 39.12 -23.47
C CYS A 380 18.40 37.90 -22.75
N LYS A 381 19.61 38.02 -22.20
CA LYS A 381 20.32 36.99 -21.45
C LYS A 381 20.70 35.78 -22.30
N ASN A 382 20.42 35.79 -23.60
CA ASN A 382 20.76 34.69 -24.49
C ASN A 382 21.67 35.20 -25.59
N LEU A 383 22.81 34.52 -25.78
CA LEU A 383 23.80 35.00 -26.73
C LEU A 383 23.42 34.64 -28.17
N GLU A 384 22.91 33.42 -28.38
CA GLU A 384 22.43 33.01 -29.69
C GLU A 384 21.04 33.56 -30.01
N LEU A 385 20.52 34.44 -29.18
CA LEU A 385 19.29 35.18 -29.46
C LEU A 385 19.52 36.67 -29.57
N LYS A 386 20.42 37.23 -28.76
CA LYS A 386 20.82 38.63 -28.92
C LYS A 386 21.50 38.85 -30.27
N ASP A 387 22.11 37.80 -30.83
CA ASP A 387 22.79 37.93 -32.11
C ASP A 387 21.81 38.12 -33.26
N LEU A 388 20.58 37.62 -33.11
CA LEU A 388 19.61 37.63 -34.20
C LEU A 388 18.36 38.45 -33.92
N LEU A 389 18.12 38.87 -32.66
CA LEU A 389 16.89 39.58 -32.34
C LEU A 389 16.81 40.96 -32.98
N PRO A 390 17.85 41.82 -32.91
CA PRO A 390 17.70 43.17 -33.48
C PRO A 390 17.45 43.19 -34.98
N TYR A 391 17.71 42.09 -35.69
CA TYR A 391 17.53 42.05 -37.14
C TYR A 391 16.22 41.40 -37.56
N GLY A 392 15.40 40.94 -36.61
CA GLY A 392 14.12 40.35 -36.92
C GLY A 392 14.08 38.84 -36.86
N PHE A 393 15.19 38.19 -36.54
CA PHE A 393 15.26 36.74 -36.45
C PHE A 393 15.18 36.28 -35.00
N ALA A 394 14.81 35.01 -34.82
CA ALA A 394 14.71 34.42 -33.49
C ALA A 394 14.59 32.92 -33.62
N ILE A 395 14.82 32.22 -32.51
CA ILE A 395 14.69 30.78 -32.44
C ILE A 395 13.88 30.41 -31.20
N HIS A 396 13.47 29.14 -31.13
CA HIS A 396 12.64 28.68 -30.03
C HIS A 396 12.78 27.17 -29.92
N HIS A 397 13.15 26.68 -28.75
CA HIS A 397 13.23 25.25 -28.49
C HIS A 397 13.14 25.02 -26.99
N ALA A 398 12.90 23.75 -26.63
CA ALA A 398 12.72 23.41 -25.22
C ALA A 398 14.02 23.39 -24.43
N GLY A 399 15.18 23.45 -25.10
CA GLY A 399 16.44 23.35 -24.41
C GLY A 399 17.03 24.68 -23.98
N MET A 400 16.21 25.71 -23.87
CA MET A 400 16.66 27.02 -23.44
C MET A 400 15.75 27.52 -22.32
N THR A 401 15.73 28.83 -22.13
CA THR A 401 15.03 29.45 -21.01
C THR A 401 13.52 29.23 -21.12
N ARG A 402 12.84 29.31 -19.97
CA ARG A 402 11.38 29.35 -19.96
C ARG A 402 10.85 30.75 -20.24
N VAL A 403 11.47 31.78 -19.65
CA VAL A 403 10.96 33.14 -19.82
C VAL A 403 11.42 33.79 -21.11
N ASP A 404 12.52 33.33 -21.70
CA ASP A 404 12.90 33.84 -23.01
C ASP A 404 12.02 33.28 -24.12
N ARG A 405 11.55 32.03 -23.97
CA ARG A 405 10.62 31.47 -24.93
C ARG A 405 9.35 32.31 -25.00
N THR A 406 8.85 32.76 -23.85
CA THR A 406 7.73 33.70 -23.85
C THR A 406 8.14 35.05 -24.44
N LEU A 407 9.39 35.46 -24.23
CA LEU A 407 9.88 36.65 -24.91
C LEU A 407 9.87 36.47 -26.42
N VAL A 408 10.24 35.26 -26.89
CA VAL A 408 10.14 34.96 -28.31
C VAL A 408 8.68 34.94 -28.75
N GLU A 409 7.80 34.40 -27.91
CA GLU A 409 6.39 34.32 -28.27
C GLU A 409 5.73 35.70 -28.24
N ASP A 410 6.06 36.51 -27.23
CA ASP A 410 5.42 37.82 -27.11
C ASP A 410 5.83 38.74 -28.24
N LEU A 411 7.07 38.64 -28.70
CA LEU A 411 7.51 39.49 -29.81
C LEU A 411 6.88 39.05 -31.12
N PHE A 412 6.81 37.74 -31.36
CA PHE A 412 6.20 37.24 -32.59
C PHE A 412 4.70 37.51 -32.63
N ALA A 413 4.03 37.49 -31.48
CA ALA A 413 2.60 37.77 -31.45
C ALA A 413 2.31 39.24 -31.74
N ASP A 414 3.19 40.14 -31.31
CA ASP A 414 3.04 41.57 -31.56
C ASP A 414 3.57 41.99 -32.92
N LYS A 415 3.79 41.03 -33.82
CA LYS A 415 4.24 41.30 -35.19
C LYS A 415 5.59 42.00 -35.21
N HIS A 416 6.47 41.62 -34.29
CA HIS A 416 7.82 42.17 -34.22
C HIS A 416 8.87 41.30 -34.90
N ILE A 417 8.79 39.98 -34.72
CA ILE A 417 9.73 39.05 -35.33
C ILE A 417 9.20 38.67 -36.70
N GLN A 418 10.08 38.71 -37.71
CA GLN A 418 9.70 38.39 -39.07
C GLN A 418 10.09 36.98 -39.51
N VAL A 419 11.13 36.41 -38.88
CA VAL A 419 11.57 35.05 -39.19
C VAL A 419 11.83 34.33 -37.88
N LEU A 420 11.09 33.25 -37.64
CA LEU A 420 11.23 32.46 -36.41
C LEU A 420 11.49 31.02 -36.79
N VAL A 421 12.61 30.47 -36.30
CA VAL A 421 13.03 29.11 -36.60
C VAL A 421 12.92 28.30 -35.32
N SER A 422 11.91 27.43 -35.24
CA SER A 422 11.72 26.60 -34.06
C SER A 422 11.54 25.13 -34.43
N THR A 423 11.14 24.32 -33.46
CA THR A 423 10.94 22.89 -33.66
C THR A 423 9.51 22.52 -33.28
N ALA A 424 9.24 21.21 -33.22
CA ALA A 424 7.89 20.72 -33.03
C ALA A 424 7.32 21.07 -31.65
N THR A 425 8.16 21.37 -30.67
CA THR A 425 7.67 21.66 -29.33
C THR A 425 6.77 22.90 -29.34
N LEU A 426 7.17 23.94 -30.10
CA LEU A 426 6.37 25.16 -30.14
C LEU A 426 5.02 24.92 -30.79
N ALA A 427 4.97 24.05 -31.80
CA ALA A 427 3.71 23.81 -32.50
C ALA A 427 2.70 23.09 -31.63
N TRP A 428 3.15 22.33 -30.64
CA TRP A 428 2.25 21.54 -29.81
C TRP A 428 1.80 22.29 -28.56
N GLY A 429 2.72 22.97 -27.87
CA GLY A 429 2.40 23.54 -26.57
C GLY A 429 2.06 25.01 -26.56
N VAL A 430 2.18 25.69 -27.71
CA VAL A 430 1.91 27.11 -27.81
C VAL A 430 1.00 27.36 -29.01
N ASN A 431 0.00 28.22 -28.82
CA ASN A 431 -0.88 28.65 -29.92
C ASN A 431 -0.28 29.90 -30.52
N LEU A 432 0.61 29.73 -31.50
CA LEU A 432 1.35 30.81 -32.13
C LEU A 432 1.22 30.69 -33.64
N PRO A 433 0.15 31.23 -34.21
CA PRO A 433 -0.04 31.15 -35.66
C PRO A 433 0.82 32.15 -36.41
N ALA A 434 1.27 31.74 -37.59
CA ALA A 434 2.05 32.57 -38.49
C ALA A 434 1.51 32.44 -39.90
N HIS A 435 1.62 33.54 -40.66
CA HIS A 435 1.07 33.56 -42.02
C HIS A 435 1.73 32.49 -42.88
N THR A 436 3.06 32.42 -42.87
CA THR A 436 3.81 31.47 -43.66
C THR A 436 4.53 30.50 -42.74
N VAL A 437 4.41 29.20 -43.04
CA VAL A 437 5.07 28.15 -42.28
C VAL A 437 5.89 27.31 -43.24
N ILE A 438 7.17 27.14 -42.94
CA ILE A 438 8.09 26.38 -43.77
C ILE A 438 8.60 25.20 -42.96
N ILE A 439 8.38 23.99 -43.46
CA ILE A 439 8.91 22.77 -42.85
C ILE A 439 10.22 22.47 -43.56
N LYS A 440 11.33 22.91 -42.97
CA LYS A 440 12.65 22.73 -43.57
C LYS A 440 13.08 21.28 -43.39
N GLY A 441 12.76 20.45 -44.36
CA GLY A 441 13.12 19.04 -44.31
C GLY A 441 12.17 18.21 -43.47
N THR A 442 11.89 16.98 -43.91
CA THR A 442 11.03 16.08 -43.16
C THR A 442 11.79 14.82 -42.77
N GLN A 443 12.99 14.98 -42.24
CA GLN A 443 13.82 13.87 -41.80
C GLN A 443 14.21 14.08 -40.34
N VAL A 444 13.98 13.06 -39.52
CA VAL A 444 14.29 13.10 -38.10
C VAL A 444 15.03 11.82 -37.73
N TYR A 445 15.90 11.92 -36.73
CA TYR A 445 16.62 10.76 -36.23
C TYR A 445 15.81 10.09 -35.13
N SER A 446 15.58 8.79 -35.30
CA SER A 446 14.82 8.01 -34.32
C SER A 446 15.75 7.07 -33.58
N PRO A 447 16.17 7.41 -32.35
CA PRO A 447 17.01 6.47 -31.58
C PRO A 447 16.31 5.15 -31.29
N GLU A 448 14.98 5.15 -31.21
CA GLU A 448 14.25 3.89 -31.05
C GLU A 448 14.47 2.99 -32.26
N LYS A 449 14.40 3.56 -33.46
CA LYS A 449 14.65 2.82 -34.69
C LYS A 449 16.12 2.84 -35.10
N GLY A 450 16.96 3.59 -34.40
CA GLY A 450 18.39 3.59 -34.66
C GLY A 450 18.79 4.12 -36.02
N ARG A 451 17.97 4.97 -36.63
CA ARG A 451 18.27 5.50 -37.96
C ARG A 451 17.44 6.75 -38.18
N TRP A 452 17.78 7.46 -39.25
CA TRP A 452 16.97 8.60 -39.67
C TRP A 452 15.69 8.13 -40.33
N THR A 453 14.60 8.86 -40.11
CA THR A 453 13.32 8.50 -40.67
C THR A 453 12.49 9.77 -40.88
N GLU A 454 11.31 9.60 -41.44
CA GLU A 454 10.41 10.73 -41.70
C GLU A 454 9.71 11.17 -40.43
N LEU A 455 9.24 12.41 -40.44
CA LEU A 455 8.48 12.94 -39.32
C LEU A 455 7.13 12.22 -39.22
N GLY A 456 6.61 12.15 -37.99
CA GLY A 456 5.30 11.58 -37.79
C GLY A 456 4.21 12.42 -38.44
N ALA A 457 3.08 11.76 -38.73
CA ALA A 457 1.98 12.44 -39.40
C ALA A 457 1.36 13.51 -38.52
N LEU A 458 1.36 13.31 -37.20
CA LEU A 458 0.80 14.31 -36.30
C LEU A 458 1.67 15.57 -36.27
N ASP A 459 2.98 15.40 -36.31
CA ASP A 459 3.87 16.57 -36.29
C ASP A 459 3.68 17.43 -37.53
N ILE A 460 3.49 16.81 -38.69
CA ILE A 460 3.29 17.56 -39.92
C ILE A 460 1.96 18.30 -39.89
N LEU A 461 0.89 17.61 -39.48
CA LEU A 461 -0.43 18.24 -39.43
C LEU A 461 -0.45 19.39 -38.43
N GLN A 462 0.24 19.23 -37.30
CA GLN A 462 0.26 20.28 -36.29
C GLN A 462 1.08 21.47 -36.74
N MET A 463 2.21 21.22 -37.43
CA MET A 463 3.06 22.30 -37.90
C MET A 463 2.35 23.15 -38.95
N LEU A 464 1.81 22.50 -39.98
CA LEU A 464 1.10 23.23 -41.02
C LEU A 464 -0.25 23.75 -40.56
N GLY A 465 -0.76 23.28 -39.42
CA GLY A 465 -1.96 23.85 -38.85
C GLY A 465 -1.77 25.25 -38.32
N ARG A 466 -0.53 25.63 -38.01
CA ARG A 466 -0.23 26.98 -37.55
C ARG A 466 -0.09 27.98 -38.68
N ALA A 467 -0.24 27.54 -39.93
CA ALA A 467 -0.15 28.44 -41.08
C ALA A 467 -1.46 29.21 -41.22
N GLY A 468 -1.36 30.54 -41.20
CA GLY A 468 -2.53 31.38 -41.32
C GLY A 468 -3.13 31.75 -39.98
N ARG A 469 -3.19 33.05 -39.69
CA ARG A 469 -3.74 33.52 -38.43
C ARG A 469 -5.24 33.76 -38.58
N PRO A 470 -6.09 33.09 -37.80
CA PRO A 470 -7.54 33.33 -37.90
C PRO A 470 -7.96 34.69 -37.37
N GLN A 471 -7.03 35.65 -37.35
CA GLN A 471 -7.24 36.99 -36.81
C GLN A 471 -7.02 38.07 -37.84
N TYR A 472 -5.87 38.09 -38.51
CA TYR A 472 -5.56 39.09 -39.51
C TYR A 472 -5.44 38.55 -40.92
N ASP A 473 -5.01 37.29 -41.09
CA ASP A 473 -4.64 36.80 -42.40
C ASP A 473 -5.86 36.34 -43.19
N THR A 474 -5.89 36.72 -44.47
CA THR A 474 -6.94 36.22 -45.35
C THR A 474 -6.73 34.76 -45.69
N LYS A 475 -5.48 34.32 -45.82
CA LYS A 475 -5.16 32.93 -46.12
C LYS A 475 -3.85 32.57 -45.44
N GLY A 476 -3.52 31.29 -45.50
CA GLY A 476 -2.26 30.79 -44.97
C GLY A 476 -1.45 30.13 -46.06
N GLU A 477 -0.13 30.19 -45.91
CA GLU A 477 0.80 29.64 -46.90
C GLU A 477 1.70 28.63 -46.19
N GLY A 478 1.49 27.35 -46.48
CA GLY A 478 2.29 26.28 -45.90
C GLY A 478 3.27 25.73 -46.93
N ILE A 479 4.54 25.70 -46.56
CA ILE A 479 5.62 25.27 -47.43
C ILE A 479 6.29 24.05 -46.80
N LEU A 480 6.34 22.96 -47.56
CA LEU A 480 6.95 21.71 -47.11
C LEU A 480 8.05 21.31 -48.08
N ILE A 481 9.25 21.08 -47.56
CA ILE A 481 10.39 20.67 -48.36
C ILE A 481 10.83 19.29 -47.90
N THR A 482 10.93 18.35 -48.85
CA THR A 482 11.26 16.97 -48.52
C THR A 482 11.89 16.31 -49.75
N SER A 483 12.22 15.04 -49.60
CA SER A 483 12.70 14.24 -50.72
C SER A 483 11.58 14.01 -51.72
N HIS A 484 11.96 13.94 -53.01
CA HIS A 484 10.97 13.79 -54.07
C HIS A 484 10.20 12.49 -53.93
N GLY A 485 10.84 11.44 -53.41
CA GLY A 485 10.16 10.16 -53.26
C GLY A 485 9.06 10.17 -52.22
N GLU A 486 9.02 11.18 -51.35
CA GLU A 486 8.00 11.29 -50.32
C GLU A 486 6.95 12.34 -50.65
N LEU A 487 6.89 12.79 -51.91
CA LEU A 487 5.89 13.78 -52.29
C LEU A 487 4.48 13.20 -52.23
N GLN A 488 4.28 12.00 -52.80
CA GLN A 488 2.96 11.40 -52.81
C GLN A 488 2.42 11.16 -51.41
N TYR A 489 3.30 10.98 -50.43
CA TYR A 489 2.86 10.76 -49.06
C TYR A 489 2.24 12.02 -48.47
N TYR A 490 3.04 13.08 -48.35
CA TYR A 490 2.59 14.30 -47.70
C TYR A 490 1.46 14.98 -48.46
N LEU A 491 1.35 14.74 -49.77
CA LEU A 491 0.19 15.21 -50.51
C LEU A 491 -1.07 14.48 -50.06
N SER A 492 -0.95 13.20 -49.71
CA SER A 492 -2.11 12.44 -49.23
C SER A 492 -2.43 12.79 -47.79
N LEU A 493 -1.41 13.00 -46.96
CA LEU A 493 -1.64 13.26 -45.55
C LEU A 493 -2.39 14.57 -45.34
N LEU A 494 -2.04 15.60 -46.12
CA LEU A 494 -2.64 16.92 -45.95
C LEU A 494 -3.84 17.16 -46.85
N ASN A 495 -4.18 16.21 -47.72
CA ASN A 495 -5.37 16.34 -48.54
C ASN A 495 -6.30 15.16 -48.33
N GLN A 496 -6.55 14.84 -47.05
CA GLN A 496 -7.55 13.85 -46.61
C GLN A 496 -7.54 12.58 -47.47
N GLN A 497 -6.35 12.03 -47.68
CA GLN A 497 -6.24 10.81 -48.48
C GLN A 497 -5.25 9.80 -47.92
N LEU A 498 -4.69 10.03 -46.73
CA LEU A 498 -3.82 9.05 -46.09
C LEU A 498 -4.63 8.19 -45.14
N PRO A 499 -4.95 6.95 -45.50
CA PRO A 499 -5.85 6.14 -44.67
C PRO A 499 -5.23 5.79 -43.33
N ILE A 500 -6.09 5.77 -42.31
CA ILE A 500 -5.66 5.42 -40.95
C ILE A 500 -5.72 3.90 -40.82
N GLU A 501 -4.55 3.29 -40.65
CA GLU A 501 -4.43 1.84 -40.47
C GLU A 501 -4.02 1.53 -39.04
N SER A 502 -3.93 0.24 -38.74
CA SER A 502 -3.63 -0.24 -37.40
C SER A 502 -2.23 -0.85 -37.38
N GLN A 503 -1.39 -0.37 -36.47
CA GLN A 503 -0.05 -0.91 -36.25
C GLN A 503 -0.01 -1.89 -35.09
N MET A 504 -1.10 -2.65 -34.90
CA MET A 504 -1.32 -3.36 -33.64
C MET A 504 -0.60 -4.70 -33.56
N VAL A 505 -0.42 -5.39 -34.69
CA VAL A 505 0.17 -6.73 -34.63
C VAL A 505 1.61 -6.71 -34.17
N SER A 506 2.29 -5.56 -34.25
CA SER A 506 3.64 -5.45 -33.72
C SER A 506 3.64 -5.61 -32.21
N LYS A 507 2.76 -4.88 -31.53
CA LYS A 507 2.70 -4.88 -30.07
C LYS A 507 1.70 -5.88 -29.52
N LEU A 508 1.23 -6.83 -30.34
CA LEU A 508 0.23 -7.78 -29.89
C LEU A 508 0.68 -8.60 -28.68
N PRO A 509 1.88 -9.19 -28.65
CA PRO A 509 2.27 -9.93 -27.44
C PRO A 509 2.31 -9.08 -26.18
N ASP A 510 2.93 -7.90 -26.24
CA ASP A 510 3.05 -7.07 -25.04
C ASP A 510 1.69 -6.60 -24.53
N MET A 511 0.71 -6.46 -25.41
CA MET A 511 -0.61 -5.99 -25.01
C MET A 511 -1.54 -7.13 -24.60
N LEU A 512 -1.35 -8.32 -25.14
CA LEU A 512 -2.10 -9.48 -24.66
C LEU A 512 -1.70 -9.83 -23.24
N ASN A 513 -0.40 -9.78 -22.94
CA ASN A 513 0.07 -10.05 -21.58
C ASN A 513 -0.51 -9.06 -20.58
N ALA A 514 -0.72 -7.81 -21.01
CA ALA A 514 -1.29 -6.82 -20.10
C ALA A 514 -2.71 -7.20 -19.68
N GLU A 515 -3.50 -7.75 -20.60
CA GLU A 515 -4.84 -8.18 -20.24
C GLU A 515 -4.82 -9.46 -19.43
N ILE A 516 -3.81 -10.32 -19.65
CA ILE A 516 -3.68 -11.53 -18.84
C ILE A 516 -3.35 -11.16 -17.39
N VAL A 517 -2.43 -10.20 -17.20
CA VAL A 517 -2.07 -9.78 -15.85
C VAL A 517 -3.26 -9.14 -15.15
N LEU A 518 -4.06 -8.37 -15.89
CA LEU A 518 -5.23 -7.71 -15.32
C LEU A 518 -6.36 -8.68 -15.02
N GLY A 519 -6.30 -9.91 -15.51
CA GLY A 519 -7.37 -10.87 -15.33
C GLY A 519 -8.48 -10.77 -16.35
N ASN A 520 -8.49 -9.74 -17.19
CA ASN A 520 -9.54 -9.59 -18.20
C ASN A 520 -9.51 -10.71 -19.23
N VAL A 521 -8.35 -11.33 -19.45
CA VAL A 521 -8.21 -12.42 -20.40
C VAL A 521 -7.59 -13.59 -19.65
N GLN A 522 -8.35 -14.68 -19.50
CA GLN A 522 -7.88 -15.87 -18.81
C GLN A 522 -7.65 -17.06 -19.73
N ASN A 523 -8.18 -17.02 -20.95
CA ASN A 523 -8.01 -18.11 -21.91
C ASN A 523 -7.98 -17.52 -23.31
N ALA A 524 -7.90 -18.41 -24.31
CA ALA A 524 -7.82 -17.96 -25.69
C ALA A 524 -9.15 -17.37 -26.15
N LYS A 525 -10.27 -17.92 -25.68
CA LYS A 525 -11.57 -17.38 -26.08
C LYS A 525 -11.75 -15.96 -25.58
N ASP A 526 -11.28 -15.66 -24.37
CA ASP A 526 -11.34 -14.29 -23.87
C ASP A 526 -10.46 -13.37 -24.71
N ALA A 527 -9.31 -13.87 -25.15
CA ALA A 527 -8.42 -13.06 -25.98
C ALA A 527 -9.02 -12.79 -27.35
N VAL A 528 -9.70 -13.79 -27.93
CA VAL A 528 -10.38 -13.60 -29.21
C VAL A 528 -11.48 -12.56 -29.06
N ASN A 529 -12.21 -12.59 -27.95
CA ASN A 529 -13.21 -11.56 -27.68
C ASN A 529 -12.56 -10.19 -27.53
N TRP A 530 -11.46 -10.12 -26.77
CA TRP A 530 -10.77 -8.85 -26.56
C TRP A 530 -10.20 -8.32 -27.87
N LEU A 531 -9.66 -9.20 -28.70
CA LEU A 531 -9.10 -8.77 -29.98
C LEU A 531 -10.18 -8.22 -30.91
N GLY A 532 -11.43 -8.62 -30.70
CA GLY A 532 -12.54 -8.12 -31.49
C GLY A 532 -12.90 -6.67 -31.20
N TYR A 533 -12.33 -6.08 -30.16
CA TYR A 533 -12.52 -4.67 -29.85
C TYR A 533 -11.40 -3.80 -30.40
N ALA A 534 -10.31 -4.39 -30.89
CA ALA A 534 -9.20 -3.61 -31.40
C ALA A 534 -9.53 -3.03 -32.77
N TYR A 535 -8.98 -1.84 -33.03
CA TYR A 535 -9.13 -1.22 -34.35
C TYR A 535 -8.50 -2.08 -35.44
N LEU A 536 -7.56 -2.94 -35.09
CA LEU A 536 -7.02 -3.89 -36.05
C LEU A 536 -8.10 -4.82 -36.59
N TYR A 537 -9.00 -5.27 -35.72
CA TYR A 537 -10.02 -6.24 -36.13
C TYR A 537 -11.00 -5.62 -37.12
N ILE A 538 -11.44 -4.38 -36.88
CA ILE A 538 -12.37 -3.73 -37.80
C ILE A 538 -11.70 -3.52 -39.15
N ARG A 539 -10.42 -3.16 -39.15
CA ARG A 539 -9.70 -2.97 -40.41
C ARG A 539 -9.50 -4.28 -41.15
N MET A 540 -9.31 -5.39 -40.42
CA MET A 540 -9.19 -6.69 -41.08
C MET A 540 -10.50 -7.10 -41.72
N LEU A 541 -11.64 -6.67 -41.17
CA LEU A 541 -12.94 -7.05 -41.72
C LEU A 541 -13.23 -6.33 -43.02
N ARG A 542 -12.92 -5.03 -43.09
CA ARG A 542 -13.27 -4.22 -44.24
C ARG A 542 -12.13 -4.07 -45.24
N SER A 543 -10.91 -4.47 -44.90
CA SER A 543 -9.78 -4.44 -45.82
C SER A 543 -8.87 -5.63 -45.54
N PRO A 544 -9.35 -6.85 -45.79
CA PRO A 544 -8.53 -8.03 -45.48
C PRO A 544 -7.28 -8.14 -46.35
N THR A 545 -7.28 -7.55 -47.54
CA THR A 545 -6.12 -7.64 -48.41
C THR A 545 -4.91 -6.94 -47.80
N LEU A 546 -5.12 -5.79 -47.18
CA LEU A 546 -4.02 -5.02 -46.59
C LEU A 546 -3.39 -5.73 -45.40
N TYR A 547 -4.09 -6.66 -44.78
CA TYR A 547 -3.62 -7.31 -43.55
C TYR A 547 -3.28 -8.78 -43.79
N GLY A 548 -2.88 -9.12 -45.01
CA GLY A 548 -2.44 -10.48 -45.30
C GLY A 548 -3.53 -11.52 -45.24
N ILE A 549 -4.77 -11.15 -45.53
CA ILE A 549 -5.90 -12.06 -45.48
C ILE A 549 -6.51 -12.15 -46.87
N SER A 550 -6.52 -13.35 -47.44
CA SER A 550 -7.09 -13.56 -48.75
C SER A 550 -8.62 -13.53 -48.67
N HIS A 551 -9.26 -13.75 -49.82
CA HIS A 551 -10.67 -14.12 -49.84
C HIS A 551 -10.85 -15.64 -49.82
N ASP A 552 -9.75 -16.39 -49.98
CA ASP A 552 -9.69 -17.80 -49.65
C ASP A 552 -9.81 -18.04 -48.15
N ASP A 553 -9.78 -16.98 -47.33
CA ASP A 553 -9.89 -17.07 -45.88
C ASP A 553 -11.10 -16.36 -45.29
N LEU A 554 -11.48 -15.20 -45.83
CA LEU A 554 -12.48 -14.37 -45.17
C LEU A 554 -13.84 -15.03 -45.14
N LYS A 555 -14.31 -15.51 -46.28
CA LYS A 555 -15.66 -16.04 -46.39
C LYS A 555 -15.79 -17.50 -45.97
N GLY A 556 -14.68 -18.16 -45.70
CA GLY A 556 -14.67 -19.40 -44.96
C GLY A 556 -14.50 -19.17 -43.47
N ASP A 557 -14.58 -17.93 -43.03
CA ASP A 557 -14.39 -17.49 -41.65
C ASP A 557 -14.96 -16.08 -41.53
N PRO A 558 -16.29 -15.91 -41.62
CA PRO A 558 -16.85 -14.59 -41.94
C PRO A 558 -16.49 -13.49 -40.95
N LEU A 559 -16.43 -13.81 -39.65
CA LEU A 559 -16.06 -12.83 -38.65
C LEU A 559 -14.60 -12.95 -38.23
N LEU A 560 -13.79 -13.63 -39.04
CA LEU A 560 -12.36 -13.82 -38.78
C LEU A 560 -12.13 -14.41 -37.39
N ASP A 561 -12.93 -15.43 -37.05
CA ASP A 561 -12.78 -16.09 -35.76
C ASP A 561 -11.56 -17.00 -35.74
N GLN A 562 -11.31 -17.72 -36.83
CA GLN A 562 -10.12 -18.56 -36.91
C GLN A 562 -8.86 -17.73 -37.04
N ARG A 563 -8.93 -16.60 -37.74
CA ARG A 563 -7.75 -15.74 -37.91
C ARG A 563 -7.31 -15.14 -36.58
N ARG A 564 -8.26 -14.65 -35.79
CA ARG A 564 -7.93 -14.11 -34.47
C ARG A 564 -7.34 -15.18 -33.57
N LEU A 565 -7.83 -16.41 -33.69
CA LEU A 565 -7.32 -17.49 -32.85
C LEU A 565 -5.87 -17.82 -33.19
N ASP A 566 -5.51 -17.73 -34.46
CA ASP A 566 -4.12 -17.97 -34.85
C ASP A 566 -3.21 -16.87 -34.34
N LEU A 567 -3.67 -15.61 -34.41
CA LEU A 567 -2.88 -14.50 -33.89
C LEU A 567 -2.69 -14.63 -32.38
N VAL A 568 -3.77 -14.94 -31.66
CA VAL A 568 -3.67 -15.14 -30.22
C VAL A 568 -2.81 -16.37 -29.90
N HIS A 569 -2.96 -17.43 -30.70
CA HIS A 569 -2.11 -18.61 -30.51
C HIS A 569 -0.64 -18.27 -30.75
N THR A 570 -0.36 -17.44 -31.75
CA THR A 570 1.02 -17.06 -32.01
C THR A 570 1.58 -16.18 -30.89
N ALA A 571 0.77 -15.23 -30.41
CA ALA A 571 1.24 -14.36 -29.33
C ALA A 571 1.37 -15.10 -28.01
N ALA A 572 0.51 -16.08 -27.75
CA ALA A 572 0.61 -16.84 -26.51
C ALA A 572 1.86 -17.70 -26.47
N LEU A 573 2.24 -18.27 -27.61
CA LEU A 573 3.47 -19.05 -27.66
C LEU A 573 4.71 -18.19 -27.44
N MET A 574 4.70 -16.97 -28.01
CA MET A 574 5.83 -16.07 -27.80
C MET A 574 5.95 -15.67 -26.33
N LEU A 575 4.82 -15.42 -25.67
CA LEU A 575 4.86 -15.10 -24.25
C LEU A 575 5.21 -16.32 -23.40
N ASP A 576 4.78 -17.52 -23.83
CA ASP A 576 5.11 -18.73 -23.08
C ASP A 576 6.59 -19.06 -23.21
N LYS A 577 7.17 -18.81 -24.38
CA LYS A 577 8.59 -19.09 -24.57
C LYS A 577 9.46 -18.20 -23.68
N ASN A 578 9.03 -16.97 -23.43
CA ASN A 578 9.77 -16.04 -22.59
C ASN A 578 9.35 -16.09 -21.13
N ASN A 579 8.53 -17.08 -20.76
CA ASN A 579 8.16 -17.35 -19.36
C ASN A 579 7.32 -16.24 -18.74
N LEU A 580 6.70 -15.39 -19.56
CA LEU A 580 5.74 -14.43 -19.01
C LEU A 580 4.41 -15.10 -18.69
N VAL A 581 3.99 -16.04 -19.55
CA VAL A 581 2.71 -16.71 -19.42
C VAL A 581 2.95 -18.21 -19.43
N LYS A 582 2.05 -18.96 -18.79
CA LYS A 582 1.98 -20.40 -18.90
C LYS A 582 0.77 -20.72 -19.78
N TYR A 583 1.03 -21.17 -21.01
CA TYR A 583 0.00 -21.36 -22.02
C TYR A 583 -0.19 -22.85 -22.29
N ASP A 584 -1.37 -23.35 -21.96
CA ASP A 584 -1.74 -24.73 -22.26
C ASP A 584 -2.51 -24.75 -23.58
N LYS A 585 -1.94 -25.43 -24.58
CA LYS A 585 -2.48 -25.33 -25.94
C LYS A 585 -3.84 -26.01 -26.07
N LYS A 586 -4.11 -27.05 -25.28
CA LYS A 586 -5.37 -27.77 -25.43
C LYS A 586 -6.52 -27.02 -24.76
N THR A 587 -6.32 -26.50 -23.56
CA THR A 587 -7.37 -25.74 -22.89
C THR A 587 -7.41 -24.28 -23.33
N GLY A 588 -6.32 -23.77 -23.88
CA GLY A 588 -6.23 -22.35 -24.18
C GLY A 588 -6.10 -21.45 -22.98
N ASN A 589 -6.04 -22.02 -21.78
CA ASN A 589 -6.00 -21.21 -20.56
C ASN A 589 -4.65 -20.53 -20.39
N PHE A 590 -4.69 -19.33 -19.80
CA PHE A 590 -3.49 -18.57 -19.50
C PHE A 590 -3.27 -18.52 -18.00
N GLN A 591 -2.01 -18.67 -17.58
CA GLN A 591 -1.62 -18.54 -16.19
C GLN A 591 -0.66 -17.37 -16.06
N VAL A 592 -1.04 -16.38 -15.25
CA VAL A 592 -0.18 -15.22 -15.02
C VAL A 592 1.05 -15.64 -14.23
N THR A 593 2.14 -14.89 -14.39
CA THR A 593 3.36 -15.10 -13.64
C THR A 593 3.83 -13.78 -13.06
N GLU A 594 4.68 -13.86 -12.04
CA GLU A 594 5.28 -12.65 -11.47
C GLU A 594 6.14 -11.94 -12.50
N LEU A 595 6.87 -12.69 -13.32
CA LEU A 595 7.68 -12.09 -14.39
C LEU A 595 6.79 -11.41 -15.42
N GLY A 596 5.66 -12.05 -15.77
CA GLY A 596 4.74 -11.43 -16.71
C GLY A 596 4.08 -10.18 -16.16
N ARG A 597 3.85 -10.13 -14.85
CA ARG A 597 3.25 -8.94 -14.25
C ARG A 597 4.23 -7.77 -14.28
N ILE A 598 5.49 -8.02 -13.93
CA ILE A 598 6.49 -6.96 -13.90
C ILE A 598 6.66 -6.34 -15.28
N ALA A 599 6.68 -7.18 -16.32
CA ALA A 599 6.77 -6.67 -17.69
C ALA A 599 5.56 -5.78 -18.01
N SER A 600 4.39 -6.13 -17.48
CA SER A 600 3.20 -5.33 -17.72
C SER A 600 3.23 -4.03 -16.92
N HIS A 601 3.48 -4.13 -15.61
CA HIS A 601 3.38 -2.97 -14.74
C HIS A 601 4.49 -1.96 -14.98
N TYR A 602 5.62 -2.37 -15.55
CA TYR A 602 6.75 -1.46 -15.79
C TYR A 602 6.93 -1.14 -17.26
N TYR A 603 6.00 -1.54 -18.13
CA TYR A 603 6.03 -1.20 -19.55
C TYR A 603 7.31 -1.71 -20.21
N ILE A 604 7.58 -3.01 -20.03
CA ILE A 604 8.76 -3.66 -20.57
C ILE A 604 8.30 -4.68 -21.61
N THR A 605 8.96 -4.69 -22.77
CA THR A 605 8.62 -5.66 -23.80
C THR A 605 9.02 -7.07 -23.36
N ASN A 606 8.31 -8.06 -23.89
CA ASN A 606 8.42 -9.41 -23.36
C ASN A 606 9.79 -10.04 -23.63
N ASP A 607 10.47 -9.61 -24.70
CA ASP A 607 11.79 -10.17 -24.97
C ASP A 607 12.81 -9.70 -23.94
N THR A 608 12.58 -8.55 -23.30
CA THR A 608 13.54 -8.04 -22.33
C THR A 608 13.49 -8.80 -21.02
N VAL A 609 12.29 -9.11 -20.53
CA VAL A 609 12.18 -9.83 -19.26
C VAL A 609 12.66 -11.27 -19.40
N GLN A 610 12.62 -11.83 -20.61
CA GLN A 610 13.25 -13.13 -20.82
C GLN A 610 14.76 -13.03 -20.64
N THR A 611 15.38 -11.97 -21.16
CA THR A 611 16.81 -11.78 -20.98
C THR A 611 17.17 -11.58 -19.52
N TYR A 612 16.31 -10.86 -18.78
CA TYR A 612 16.56 -10.68 -17.36
C TYR A 612 16.42 -11.99 -16.60
N ASN A 613 15.41 -12.80 -16.95
CA ASN A 613 15.22 -14.08 -16.28
C ASN A 613 16.39 -15.03 -16.54
N GLN A 614 17.07 -14.87 -17.68
CA GLN A 614 18.16 -15.78 -18.03
C GLN A 614 19.47 -15.37 -17.36
N LEU A 615 19.73 -14.08 -17.24
CA LEU A 615 21.06 -13.60 -16.85
C LEU A 615 21.13 -13.09 -15.41
N LEU A 616 20.01 -12.74 -14.79
CA LEU A 616 20.04 -12.23 -13.43
C LEU A 616 20.36 -13.37 -12.46
N LYS A 617 21.48 -13.24 -11.75
CA LYS A 617 21.94 -14.19 -10.76
C LYS A 617 22.24 -13.46 -9.47
N PRO A 618 22.07 -14.12 -8.32
CA PRO A 618 22.38 -13.44 -7.05
C PRO A 618 23.85 -13.08 -6.91
N THR A 619 24.75 -13.84 -7.55
CA THR A 619 26.18 -13.56 -7.51
C THR A 619 26.63 -12.60 -8.60
N LEU A 620 25.77 -11.65 -8.97
CA LEU A 620 26.07 -10.74 -10.07
C LEU A 620 26.81 -9.51 -9.57
N SER A 621 27.85 -9.12 -10.32
CA SER A 621 28.64 -7.94 -10.00
C SER A 621 28.04 -6.71 -10.68
N GLU A 622 28.61 -5.55 -10.36
CA GLU A 622 28.22 -4.33 -11.05
C GLU A 622 28.63 -4.35 -12.52
N ILE A 623 29.64 -5.15 -12.87
CA ILE A 623 30.10 -5.22 -14.24
C ILE A 623 29.04 -5.91 -15.12
N GLU A 624 28.56 -7.07 -14.70
CA GLU A 624 27.57 -7.79 -15.49
C GLU A 624 26.18 -7.17 -15.36
N LEU A 625 25.91 -6.49 -14.25
CA LEU A 625 24.61 -5.82 -14.11
C LEU A 625 24.43 -4.77 -15.20
N PHE A 626 25.46 -3.98 -15.48
CA PHE A 626 25.39 -3.03 -16.59
C PHE A 626 25.24 -3.76 -17.92
N ARG A 627 25.89 -4.92 -18.07
CA ARG A 627 25.79 -5.68 -19.31
C ARG A 627 24.39 -6.24 -19.51
N VAL A 628 23.74 -6.66 -18.43
CA VAL A 628 22.36 -7.13 -18.54
C VAL A 628 21.45 -6.00 -18.98
N PHE A 629 21.71 -4.78 -18.48
CA PHE A 629 21.00 -3.62 -18.98
C PHE A 629 21.34 -3.34 -20.44
N SER A 630 22.56 -3.68 -20.86
CA SER A 630 22.96 -3.44 -22.24
C SER A 630 22.13 -4.24 -23.23
N LEU A 631 21.61 -5.39 -22.82
CA LEU A 631 20.94 -6.32 -23.72
C LEU A 631 19.43 -6.13 -23.73
N SER A 632 18.92 -5.02 -23.22
CA SER A 632 17.49 -4.75 -23.28
C SER A 632 17.03 -4.67 -24.73
N SER A 633 15.90 -5.31 -25.01
CA SER A 633 15.37 -5.33 -26.37
C SER A 633 14.83 -3.98 -26.81
N GLU A 634 14.64 -3.03 -25.89
CA GLU A 634 14.29 -1.68 -26.28
C GLU A 634 15.41 -1.00 -27.07
N PHE A 635 16.62 -1.55 -27.02
CA PHE A 635 17.76 -1.03 -27.76
C PHE A 635 18.16 -1.96 -28.91
N LYS A 636 17.22 -2.76 -29.42
CA LYS A 636 17.55 -3.76 -30.43
C LYS A 636 18.05 -3.12 -31.72
N ASN A 637 17.66 -1.89 -32.00
CA ASN A 637 18.04 -1.21 -33.23
C ASN A 637 19.30 -0.39 -33.10
N ILE A 638 19.86 -0.26 -31.90
CA ILE A 638 21.06 0.55 -31.71
C ILE A 638 22.26 -0.18 -32.29
N THR A 639 23.05 0.54 -33.08
CA THR A 639 24.28 0.03 -33.66
C THR A 639 25.43 0.98 -33.35
N VAL A 640 26.64 0.57 -33.73
CA VAL A 640 27.84 1.38 -33.53
C VAL A 640 28.29 1.87 -34.89
N ARG A 641 28.16 3.17 -35.13
CA ARG A 641 28.56 3.76 -36.39
C ARG A 641 30.07 4.00 -36.40
N GLU A 642 30.65 3.99 -37.60
CA GLU A 642 32.10 4.15 -37.74
C GLU A 642 32.56 5.52 -37.26
N GLU A 643 31.71 6.55 -37.38
CA GLU A 643 32.06 7.88 -36.94
C GLU A 643 31.98 8.05 -35.43
N GLU A 644 31.58 7.01 -34.69
CA GLU A 644 31.46 7.09 -33.24
C GLU A 644 32.47 6.22 -32.50
N LYS A 645 33.11 5.27 -33.17
CA LYS A 645 34.00 4.33 -32.49
C LYS A 645 35.27 4.99 -31.95
N LEU A 646 35.66 6.14 -32.49
CA LEU A 646 36.84 6.84 -31.98
C LEU A 646 36.53 7.52 -30.66
N GLU A 647 35.44 8.30 -30.61
CA GLU A 647 35.06 8.97 -29.38
C GLU A 647 34.62 7.98 -28.31
N LEU A 648 34.08 6.82 -28.71
CA LEU A 648 33.62 5.83 -27.74
C LEU A 648 34.79 5.06 -27.12
N GLN A 649 35.81 4.74 -27.93
CA GLN A 649 36.95 4.00 -27.38
C GLN A 649 37.76 4.84 -26.42
N LYS A 650 37.80 6.16 -26.63
CA LYS A 650 38.48 7.04 -25.67
C LYS A 650 37.74 7.12 -24.34
N LEU A 651 36.47 6.74 -24.32
CA LEU A 651 35.73 6.63 -23.05
C LEU A 651 35.86 5.24 -22.43
N LEU A 652 36.00 4.20 -23.25
CA LEU A 652 36.11 2.84 -22.72
C LEU A 652 37.37 2.66 -21.88
N GLU A 653 38.40 3.46 -22.15
CA GLU A 653 39.64 3.41 -21.39
C GLU A 653 39.59 4.27 -20.13
N ARG A 654 38.40 4.72 -19.72
CA ARG A 654 38.25 5.49 -18.49
C ARG A 654 36.95 5.20 -17.76
N VAL A 655 36.18 4.21 -18.20
CA VAL A 655 34.91 3.90 -17.52
C VAL A 655 35.20 3.35 -16.13
N PRO A 656 34.43 3.74 -15.12
CA PRO A 656 34.64 3.14 -13.78
C PRO A 656 34.12 1.73 -13.67
N ILE A 657 33.15 1.34 -14.49
CA ILE A 657 32.64 -0.02 -14.55
C ILE A 657 33.17 -0.66 -15.84
N PRO A 658 34.09 -1.62 -15.76
CA PRO A 658 34.66 -2.20 -16.98
C PRO A 658 33.60 -2.87 -17.84
N VAL A 659 33.88 -2.94 -19.13
CA VAL A 659 33.01 -3.58 -20.11
C VAL A 659 33.79 -4.70 -20.78
N LYS A 660 33.22 -5.91 -20.77
CA LYS A 660 33.94 -7.07 -21.28
C LYS A 660 33.87 -7.17 -22.79
N GLU A 661 32.72 -6.86 -23.39
CA GLU A 661 32.57 -6.97 -24.82
C GLU A 661 33.38 -5.89 -25.54
N SER A 662 33.70 -6.17 -26.81
CA SER A 662 34.53 -5.27 -27.60
C SER A 662 33.74 -4.04 -28.03
N ILE A 663 34.43 -3.12 -28.70
CA ILE A 663 33.83 -1.84 -29.05
C ILE A 663 32.80 -2.00 -30.17
N GLU A 664 32.98 -2.97 -31.05
CA GLU A 664 32.13 -3.08 -32.23
C GLU A 664 30.73 -3.60 -31.90
N GLU A 665 30.58 -4.36 -30.82
CA GLU A 665 29.27 -4.87 -30.45
C GLU A 665 28.43 -3.76 -29.84
N PRO A 666 27.16 -3.60 -30.25
CA PRO A 666 26.35 -2.49 -29.73
C PRO A 666 26.08 -2.57 -28.25
N SER A 667 26.29 -3.73 -27.62
CA SER A 667 26.11 -3.85 -26.18
C SER A 667 27.06 -2.93 -25.43
N ALA A 668 28.31 -2.82 -25.92
CA ALA A 668 29.28 -1.97 -25.25
C ALA A 668 28.97 -0.49 -25.42
N LYS A 669 28.40 -0.11 -26.57
CA LYS A 669 28.04 1.29 -26.79
C LYS A 669 26.99 1.76 -25.80
N ILE A 670 25.97 0.93 -25.58
CA ILE A 670 24.93 1.28 -24.61
C ILE A 670 25.50 1.34 -23.20
N ASN A 671 26.46 0.47 -22.89
CA ASN A 671 27.06 0.46 -21.56
C ASN A 671 27.83 1.75 -21.29
N VAL A 672 28.63 2.20 -22.26
CA VAL A 672 29.43 3.40 -22.06
C VAL A 672 28.54 4.64 -22.04
N LEU A 673 27.45 4.65 -22.81
CA LEU A 673 26.56 5.80 -22.80
C LEU A 673 25.82 5.94 -21.48
N LEU A 674 25.50 4.82 -20.83
CA LEU A 674 24.84 4.91 -19.52
C LEU A 674 25.79 5.44 -18.46
N GLN A 675 27.03 4.96 -18.44
CA GLN A 675 28.00 5.44 -17.46
C GLN A 675 28.35 6.90 -17.69
N ALA A 676 28.41 7.33 -18.96
CA ALA A 676 28.70 8.73 -19.26
C ALA A 676 27.56 9.63 -18.80
N PHE A 677 26.32 9.16 -18.88
CA PHE A 677 25.18 9.96 -18.44
C PHE A 677 25.23 10.18 -16.93
N ILE A 678 25.62 9.16 -16.17
CA ILE A 678 25.75 9.32 -14.72
C ILE A 678 26.90 10.24 -14.38
N SER A 679 27.96 10.23 -15.18
CA SER A 679 29.11 11.10 -14.96
C SER A 679 28.90 12.50 -15.50
N GLN A 680 27.76 12.76 -16.17
CA GLN A 680 27.42 14.09 -16.70
C GLN A 680 28.48 14.59 -17.67
N LEU A 681 28.70 13.82 -18.73
CA LEU A 681 29.68 14.15 -19.75
C LEU A 681 28.96 14.41 -21.07
N LYS A 682 29.09 15.65 -21.58
CA LYS A 682 28.54 15.99 -22.87
C LYS A 682 29.49 15.53 -23.97
N LEU A 683 28.95 14.79 -24.94
CA LEU A 683 29.74 14.26 -26.04
C LEU A 683 29.39 14.98 -27.33
N GLU A 684 30.20 14.75 -28.36
CA GLU A 684 30.14 15.55 -29.57
C GLU A 684 29.37 14.89 -30.71
N GLY A 685 29.31 13.56 -30.75
CA GLY A 685 28.51 12.90 -31.76
C GLY A 685 27.04 13.24 -31.64
N PHE A 686 26.43 13.72 -32.72
CA PHE A 686 25.03 14.11 -32.67
C PHE A 686 24.12 12.92 -32.42
N ALA A 687 24.40 11.79 -33.09
CA ALA A 687 23.61 10.59 -32.85
C ALA A 687 23.88 10.01 -31.46
N LEU A 688 25.12 10.15 -30.96
CA LEU A 688 25.45 9.65 -29.64
C LEU A 688 24.66 10.36 -28.55
N MET A 689 24.50 11.69 -28.68
CA MET A 689 23.73 12.45 -27.70
C MET A 689 22.26 12.04 -27.73
N ALA A 690 21.71 11.85 -28.92
CA ALA A 690 20.32 11.38 -29.02
C ALA A 690 20.18 9.97 -28.51
N ASP A 691 21.15 9.09 -28.81
CA ASP A 691 21.09 7.72 -28.34
C ASP A 691 21.25 7.66 -26.82
N MET A 692 22.11 8.51 -26.25
CA MET A 692 22.27 8.53 -24.81
C MET A 692 20.98 8.94 -24.11
N VAL A 693 20.27 9.92 -24.67
CA VAL A 693 19.02 10.37 -24.07
C VAL A 693 17.99 9.24 -24.07
N TYR A 694 17.87 8.54 -25.20
CA TYR A 694 16.88 7.47 -25.29
C TYR A 694 17.24 6.29 -24.39
N VAL A 695 18.54 6.01 -24.24
CA VAL A 695 18.96 4.89 -23.40
C VAL A 695 18.64 5.17 -21.94
N THR A 696 18.85 6.41 -21.48
CA THR A 696 18.64 6.75 -20.08
C THR A 696 17.24 7.22 -19.77
N GLN A 697 16.49 7.70 -20.78
CA GLN A 697 15.08 8.00 -20.54
C GLN A 697 14.29 6.75 -20.18
N SER A 698 14.71 5.59 -20.69
CA SER A 698 14.10 4.32 -20.37
C SER A 698 14.86 3.52 -19.32
N ALA A 699 16.05 3.99 -18.93
CA ALA A 699 16.83 3.28 -17.91
C ALA A 699 16.15 3.32 -16.55
N GLY A 700 15.35 4.35 -16.29
CA GLY A 700 14.67 4.49 -15.02
C GLY A 700 13.71 3.35 -14.73
N ARG A 701 12.75 3.12 -15.63
CA ARG A 701 11.79 2.03 -15.41
C ARG A 701 12.42 0.67 -15.65
N LEU A 702 13.47 0.59 -16.48
CA LEU A 702 14.12 -0.69 -16.72
C LEU A 702 14.82 -1.20 -15.46
N MET A 703 15.67 -0.35 -14.86
CA MET A 703 16.34 -0.75 -13.62
C MET A 703 15.34 -0.90 -12.47
N ARG A 704 14.28 -0.10 -12.46
CA ARG A 704 13.24 -0.26 -11.44
C ARG A 704 12.57 -1.61 -11.55
N ALA A 705 12.47 -2.16 -12.77
CA ALA A 705 11.92 -3.50 -12.94
C ALA A 705 12.90 -4.56 -12.44
N ILE A 706 14.19 -4.38 -12.72
CA ILE A 706 15.20 -5.32 -12.24
C ILE A 706 15.22 -5.33 -10.72
N PHE A 707 14.99 -4.16 -10.09
CA PHE A 707 14.98 -4.08 -8.64
C PHE A 707 13.84 -4.91 -8.07
N GLU A 708 12.63 -4.77 -8.62
CA GLU A 708 11.50 -5.54 -8.12
C GLU A 708 11.69 -7.04 -8.35
N ILE A 709 12.40 -7.42 -9.42
CA ILE A 709 12.67 -8.83 -9.67
C ILE A 709 13.57 -9.40 -8.58
N VAL A 710 14.72 -8.75 -8.34
CA VAL A 710 15.71 -9.30 -7.43
C VAL A 710 15.39 -9.05 -5.96
N LEU A 711 14.55 -8.06 -5.66
CA LEU A 711 14.13 -7.85 -4.28
C LEU A 711 13.15 -8.94 -3.84
N ASN A 712 12.15 -9.22 -4.68
CA ASN A 712 11.16 -10.24 -4.34
C ASN A 712 11.73 -11.65 -4.36
N ARG A 713 12.95 -11.84 -4.84
CA ARG A 713 13.60 -13.14 -4.81
C ARG A 713 14.51 -13.32 -3.60
N GLY A 714 14.75 -12.27 -2.82
CA GLY A 714 15.56 -12.35 -1.64
C GLY A 714 17.04 -12.12 -1.83
N TRP A 715 17.47 -11.79 -3.06
CA TRP A 715 18.89 -11.58 -3.36
C TRP A 715 19.35 -10.27 -2.76
N ALA A 716 20.02 -10.33 -1.61
CA ALA A 716 20.34 -9.12 -0.86
C ALA A 716 21.40 -8.29 -1.55
N GLN A 717 22.47 -8.93 -2.05
CA GLN A 717 23.57 -8.17 -2.62
C GLN A 717 23.16 -7.50 -3.94
N LEU A 718 22.47 -8.22 -4.81
CA LEU A 718 22.06 -7.64 -6.08
C LEU A 718 20.97 -6.58 -5.89
N THR A 719 20.15 -6.72 -4.85
CA THR A 719 19.14 -5.69 -4.56
C THR A 719 19.80 -4.37 -4.21
N ASP A 720 20.85 -4.40 -3.40
CA ASP A 720 21.55 -3.18 -3.04
C ASP A 720 22.19 -2.54 -4.27
N LYS A 721 22.84 -3.35 -5.10
CA LYS A 721 23.45 -2.81 -6.32
C LYS A 721 22.41 -2.25 -7.27
N THR A 722 21.28 -2.95 -7.42
CA THR A 722 20.26 -2.51 -8.37
C THR A 722 19.54 -1.26 -7.86
N LEU A 723 19.22 -1.21 -6.57
CA LEU A 723 18.57 -0.02 -6.03
C LEU A 723 19.49 1.20 -6.12
N ASN A 724 20.79 1.00 -5.90
CA ASN A 724 21.72 2.11 -6.03
C ASN A 724 21.82 2.61 -7.46
N LEU A 725 21.83 1.68 -8.43
CA LEU A 725 21.87 2.09 -9.83
C LEU A 725 20.63 2.86 -10.24
N CYS A 726 19.47 2.51 -9.65
CA CYS A 726 18.26 3.29 -9.91
C CYS A 726 18.43 4.74 -9.50
N LYS A 727 19.10 4.98 -8.37
CA LYS A 727 19.28 6.33 -7.87
C LYS A 727 20.44 7.04 -8.55
N MET A 728 21.49 6.31 -8.93
CA MET A 728 22.59 6.92 -9.65
C MET A 728 22.16 7.40 -11.03
N ILE A 729 21.15 6.76 -11.63
CA ILE A 729 20.61 7.22 -12.90
C ILE A 729 19.71 8.43 -12.69
N ASP A 730 18.92 8.43 -11.62
CA ASP A 730 18.01 9.54 -11.36
C ASP A 730 18.75 10.79 -10.90
N LYS A 731 19.74 10.62 -10.03
CA LYS A 731 20.49 11.75 -9.48
C LYS A 731 21.69 12.15 -10.33
N ARG A 732 22.09 11.32 -11.29
CA ARG A 732 23.22 11.59 -12.18
C ARG A 732 24.50 11.84 -11.37
N MET A 733 24.87 10.84 -10.58
CA MET A 733 26.08 10.88 -9.77
C MET A 733 26.36 9.48 -9.24
N TRP A 734 27.62 9.22 -8.94
CA TRP A 734 28.04 7.93 -8.41
C TRP A 734 28.00 7.94 -6.88
N GLN A 735 28.14 6.76 -6.29
CA GLN A 735 28.12 6.64 -4.84
C GLN A 735 29.31 7.38 -4.21
N SER A 736 30.51 7.20 -4.78
CA SER A 736 31.72 7.76 -4.18
C SER A 736 31.68 9.27 -4.08
N MET A 737 30.87 9.94 -4.89
CA MET A 737 30.70 11.38 -4.76
C MET A 737 29.94 11.71 -3.49
N CYS A 738 30.35 12.78 -2.82
CA CYS A 738 29.73 13.16 -1.57
C CYS A 738 28.24 13.46 -1.79
N PRO A 739 27.35 12.89 -0.98
CA PRO A 739 25.91 13.03 -1.25
C PRO A 739 25.35 14.43 -1.03
N LEU A 740 26.18 15.40 -0.64
CA LEU A 740 25.67 16.76 -0.43
C LEU A 740 25.27 17.43 -1.73
N ARG A 741 25.78 16.97 -2.87
CA ARG A 741 25.42 17.56 -4.15
C ARG A 741 24.00 17.20 -4.59
N GLN A 742 23.30 16.36 -3.82
CA GLN A 742 21.91 16.05 -4.14
C GLN A 742 20.99 17.23 -3.84
N PHE A 743 21.45 18.20 -3.06
CA PHE A 743 20.73 19.45 -2.86
C PHE A 743 21.05 20.39 -4.02
N ARG A 744 20.07 20.60 -4.91
CA ARG A 744 20.33 21.37 -6.11
C ARG A 744 20.58 22.84 -5.80
N LYS A 745 19.97 23.37 -4.74
CA LYS A 745 20.23 24.75 -4.35
C LYS A 745 21.67 24.94 -3.86
N LEU A 746 22.30 23.88 -3.38
CA LEU A 746 23.72 23.93 -3.05
C LEU A 746 24.56 23.87 -4.33
N PRO A 747 25.70 24.55 -4.35
CA PRO A 747 26.45 24.65 -5.60
C PRO A 747 27.65 23.72 -5.67
N GLU A 748 28.06 23.35 -6.89
CA GLU A 748 29.19 22.46 -7.08
C GLU A 748 30.43 22.97 -6.35
N GLU A 749 30.60 24.30 -6.34
CA GLU A 749 31.31 25.06 -5.33
C GLU A 749 32.06 24.25 -4.28
N VAL A 750 31.30 23.87 -3.25
CA VAL A 750 31.88 23.39 -2.00
C VAL A 750 31.86 21.87 -1.89
N VAL A 751 31.03 21.18 -2.66
CA VAL A 751 30.94 19.73 -2.47
C VAL A 751 32.20 19.03 -2.96
N LYS A 752 32.88 19.56 -3.98
CA LYS A 752 34.22 19.07 -4.29
C LYS A 752 35.27 19.71 -3.39
N LYS A 753 34.98 20.89 -2.83
CA LYS A 753 35.78 21.43 -1.74
C LYS A 753 35.85 20.41 -0.58
N ILE A 754 34.86 19.53 -0.49
CA ILE A 754 34.85 18.48 0.52
C ILE A 754 35.33 17.16 -0.10
N GLU A 755 35.01 16.95 -1.38
CA GLU A 755 35.33 15.68 -2.02
C GLU A 755 36.84 15.46 -2.13
N LYS A 756 37.59 16.53 -2.44
CA LYS A 756 39.03 16.36 -2.65
C LYS A 756 39.74 16.04 -1.34
N LYS A 757 39.27 16.60 -0.23
CA LYS A 757 39.82 16.30 1.10
C LYS A 757 39.08 15.08 1.63
N ASN A 758 39.75 13.92 1.60
CA ASN A 758 39.09 12.65 1.79
C ASN A 758 38.79 12.41 3.26
N PHE A 759 37.51 12.47 3.62
CA PHE A 759 37.04 12.09 4.94
C PHE A 759 35.57 11.72 4.84
N PRO A 760 35.10 10.77 5.64
CA PRO A 760 33.72 10.29 5.47
C PRO A 760 32.69 11.37 5.77
N PHE A 761 31.60 11.36 5.00
CA PHE A 761 30.52 12.31 5.20
C PHE A 761 29.80 12.10 6.53
N GLU A 762 29.94 10.93 7.12
CA GLU A 762 29.26 10.58 8.38
C GLU A 762 29.91 11.24 9.59
N ARG A 763 30.97 12.03 9.41
CA ARG A 763 31.66 12.66 10.52
C ARG A 763 31.23 14.10 10.76
N LEU A 764 30.69 14.79 9.74
CA LEU A 764 30.28 16.18 9.91
C LEU A 764 29.14 16.34 10.91
N TYR A 765 28.45 15.25 11.27
CA TYR A 765 27.45 15.34 12.32
C TYR A 765 28.08 15.66 13.67
N ASP A 766 29.32 15.22 13.89
CA ASP A 766 30.00 15.47 15.16
C ASP A 766 30.40 16.93 15.32
N LEU A 767 30.51 17.68 14.24
CA LEU A 767 31.00 19.04 14.27
C LEU A 767 29.85 20.03 14.42
N ASN A 768 30.16 21.32 14.43
CA ASN A 768 29.16 22.36 14.59
C ASN A 768 29.38 23.42 13.50
N HIS A 769 28.89 24.64 13.76
CA HIS A 769 28.87 25.66 12.72
C HIS A 769 30.26 26.15 12.36
N ASN A 770 31.00 26.65 13.35
CA ASN A 770 32.30 27.26 13.09
C ASN A 770 33.44 26.27 13.04
N GLU A 771 33.17 24.96 13.14
CA GLU A 771 34.22 23.95 13.06
C GLU A 771 34.16 23.10 11.80
N ILE A 772 33.02 23.06 11.11
CA ILE A 772 32.99 22.40 9.81
C ILE A 772 33.82 23.18 8.80
N GLY A 773 33.95 24.49 9.00
CA GLY A 773 34.63 25.35 8.05
C GLY A 773 36.14 25.28 8.12
N GLU A 774 36.70 25.27 9.35
CA GLU A 774 38.13 25.08 9.51
C GLU A 774 38.60 23.75 8.94
N LEU A 775 37.68 22.79 8.82
CA LEU A 775 37.98 21.54 8.14
C LEU A 775 38.22 21.77 6.66
N ILE A 776 37.25 22.39 5.99
CA ILE A 776 37.29 22.56 4.53
C ILE A 776 37.93 23.90 4.18
N ARG A 777 38.59 24.52 5.15
CA ARG A 777 39.33 25.78 4.96
C ARG A 777 38.39 26.89 4.45
N MET A 778 37.45 27.26 5.32
CA MET A 778 36.48 28.29 5.00
C MET A 778 35.82 28.83 6.25
N PRO A 779 35.98 30.12 6.56
CA PRO A 779 35.19 30.74 7.63
C PRO A 779 33.93 31.45 7.17
N LYS A 780 33.50 31.21 5.93
CA LYS A 780 32.39 31.97 5.34
C LYS A 780 31.04 31.36 5.72
N MET A 781 30.70 30.23 5.11
CA MET A 781 29.37 29.61 5.28
C MET A 781 29.47 28.51 6.32
N GLY A 782 29.43 28.92 7.59
CA GLY A 782 29.47 27.97 8.68
C GLY A 782 28.15 27.25 8.90
N LYS A 783 27.05 28.01 8.91
CA LYS A 783 25.73 27.43 9.12
C LYS A 783 25.15 26.81 7.85
N THR A 784 25.64 27.20 6.67
CA THR A 784 25.08 26.70 5.42
C THR A 784 25.28 25.19 5.30
N ILE A 785 26.53 24.74 5.37
CA ILE A 785 26.80 23.31 5.28
C ILE A 785 26.19 22.58 6.47
N HIS A 786 26.24 23.20 7.66
CA HIS A 786 25.63 22.60 8.84
C HIS A 786 24.11 22.46 8.68
N LYS A 787 23.49 23.37 7.94
CA LYS A 787 22.05 23.28 7.70
C LYS A 787 21.72 22.06 6.85
N TYR A 788 22.37 21.94 5.69
CA TYR A 788 22.06 20.84 4.78
C TYR A 788 22.55 19.49 5.28
N VAL A 789 23.53 19.48 6.19
CA VAL A 789 23.96 18.21 6.80
C VAL A 789 22.82 17.62 7.63
N HIS A 790 22.15 18.45 8.43
CA HIS A 790 21.02 17.99 9.22
C HIS A 790 19.71 17.99 8.45
N LEU A 791 19.72 18.46 7.19
CA LEU A 791 18.58 18.27 6.31
C LEU A 791 18.62 16.91 5.61
N PHE A 792 19.79 16.29 5.54
CA PHE A 792 19.91 14.98 4.92
C PHE A 792 19.15 13.95 5.75
N PRO A 793 18.35 13.09 5.13
CA PRO A 793 17.54 12.13 5.90
C PRO A 793 18.42 11.14 6.65
N LYS A 794 18.08 10.93 7.92
CA LYS A 794 18.78 9.97 8.76
C LYS A 794 17.80 9.39 9.78
N LEU A 795 17.82 8.07 9.93
CA LEU A 795 16.94 7.37 10.85
C LEU A 795 17.76 6.56 11.84
N GLU A 796 17.34 6.57 13.10
CA GLU A 796 17.96 5.78 14.15
C GLU A 796 17.03 4.61 14.49
N LEU A 797 17.63 3.44 14.71
CA LEU A 797 16.88 2.19 14.79
C LEU A 797 17.03 1.56 16.16
N SER A 798 15.90 1.17 16.75
CA SER A 798 15.84 0.40 17.98
C SER A 798 15.18 -0.95 17.71
N VAL A 799 15.45 -1.91 18.57
CA VAL A 799 14.95 -3.27 18.39
C VAL A 799 14.60 -3.87 19.75
N HIS A 800 13.41 -4.45 19.85
CA HIS A 800 12.98 -5.22 21.01
C HIS A 800 12.72 -6.65 20.54
N LEU A 801 13.63 -7.55 20.85
CA LEU A 801 13.52 -8.95 20.40
C LEU A 801 12.51 -9.67 21.28
N GLN A 802 11.50 -10.25 20.65
CA GLN A 802 10.42 -10.97 21.35
C GLN A 802 10.34 -12.39 20.83
N PRO A 803 10.98 -13.36 21.50
CA PRO A 803 10.96 -14.73 20.99
C PRO A 803 9.59 -15.37 21.15
N ILE A 804 9.12 -16.02 20.08
CA ILE A 804 7.87 -16.77 20.12
C ILE A 804 8.12 -18.23 20.48
N THR A 805 9.02 -18.87 19.75
CA THR A 805 9.45 -20.23 20.05
C THR A 805 10.97 -20.28 19.86
N ARG A 806 11.51 -21.47 19.65
CA ARG A 806 12.93 -21.63 19.37
C ARG A 806 13.23 -21.59 17.88
N SER A 807 12.23 -21.29 17.05
CA SER A 807 12.44 -21.18 15.60
C SER A 807 11.72 -19.99 14.99
N THR A 808 10.97 -19.20 15.76
CA THR A 808 10.28 -18.02 15.26
C THR A 808 10.58 -16.86 16.19
N LEU A 809 10.96 -15.72 15.62
CA LEU A 809 11.34 -14.54 16.39
C LEU A 809 10.50 -13.36 15.94
N LYS A 810 9.76 -12.78 16.89
CA LYS A 810 9.01 -11.55 16.65
C LYS A 810 9.90 -10.36 16.97
N VAL A 811 9.93 -9.39 16.06
CA VAL A 811 10.82 -8.25 16.16
C VAL A 811 10.00 -6.97 16.08
N GLU A 812 10.23 -6.06 17.02
CA GLU A 812 9.61 -4.73 17.01
C GLU A 812 10.70 -3.71 16.70
N LEU A 813 10.66 -3.16 15.49
CA LEU A 813 11.65 -2.19 15.04
C LEU A 813 11.13 -0.78 15.28
N THR A 814 11.85 -0.01 16.09
CA THR A 814 11.52 1.38 16.35
C THR A 814 12.36 2.26 15.45
N ILE A 815 11.70 3.11 14.67
CA ILE A 815 12.36 4.01 13.73
C ILE A 815 12.20 5.44 14.26
N THR A 816 13.31 6.05 14.64
CA THR A 816 13.31 7.42 15.14
C THR A 816 14.01 8.32 14.14
N PRO A 817 13.32 9.30 13.55
CA PRO A 817 13.97 10.18 12.58
C PRO A 817 14.97 11.10 13.28
N ASP A 818 16.17 11.17 12.73
CA ASP A 818 17.23 12.04 13.23
C ASP A 818 17.59 13.12 12.21
N PHE A 819 16.57 13.71 11.60
CA PHE A 819 16.75 14.80 10.65
C PHE A 819 15.55 15.73 10.75
N GLN A 820 15.58 16.81 9.98
CA GLN A 820 14.53 17.81 10.01
C GLN A 820 13.82 17.88 8.67
N TRP A 821 12.51 18.09 8.72
CA TRP A 821 11.71 18.13 7.51
C TRP A 821 11.76 19.51 6.87
N ASP A 822 11.52 19.53 5.56
CA ASP A 822 11.47 20.75 4.77
C ASP A 822 10.85 20.44 3.41
N GLU A 823 9.64 20.94 3.17
CA GLU A 823 8.95 20.62 1.93
C GLU A 823 9.69 21.11 0.69
N LYS A 824 10.65 22.03 0.86
CA LYS A 824 11.48 22.43 -0.26
C LYS A 824 12.38 21.29 -0.73
N VAL A 825 12.72 20.37 0.18
CA VAL A 825 13.66 19.29 -0.10
C VAL A 825 12.98 17.93 -0.07
N HIS A 826 12.16 17.66 0.94
CA HIS A 826 11.57 16.35 1.12
C HIS A 826 10.20 16.21 0.46
N GLY A 827 9.47 17.30 0.30
CA GLY A 827 8.13 17.22 -0.24
C GLY A 827 7.10 16.85 0.81
N SER A 828 6.15 16.00 0.44
CA SER A 828 5.10 15.56 1.35
C SER A 828 5.37 14.20 1.99
N SER A 829 6.36 13.46 1.49
CA SER A 829 6.65 12.14 2.03
C SER A 829 8.11 11.81 1.77
N GLU A 830 8.55 10.70 2.35
CA GLU A 830 9.91 10.20 2.16
C GLU A 830 9.86 8.68 2.31
N ALA A 831 10.20 7.97 1.24
CA ALA A 831 10.05 6.52 1.19
C ALA A 831 11.34 5.82 1.56
N PHE A 832 11.22 4.69 2.26
CA PHE A 832 12.36 3.90 2.68
C PHE A 832 12.03 2.42 2.50
N TRP A 833 13.08 1.61 2.39
CA TRP A 833 12.96 0.17 2.27
C TRP A 833 13.55 -0.49 3.51
N ILE A 834 12.70 -1.16 4.27
CA ILE A 834 13.16 -1.93 5.43
C ILE A 834 13.59 -3.30 4.94
N LEU A 835 14.85 -3.66 5.18
CA LEU A 835 15.42 -4.91 4.71
C LEU A 835 16.06 -5.63 5.89
N VAL A 836 15.64 -6.87 6.12
CA VAL A 836 16.19 -7.72 7.18
C VAL A 836 16.99 -8.81 6.50
N GLU A 837 18.31 -8.70 6.58
CA GLU A 837 19.22 -9.64 5.92
C GLU A 837 19.83 -10.60 6.93
N ASP A 838 20.25 -11.77 6.43
CA ASP A 838 20.79 -12.82 7.29
C ASP A 838 22.24 -12.52 7.68
N VAL A 839 22.95 -13.55 8.16
CA VAL A 839 24.28 -13.34 8.72
C VAL A 839 25.26 -12.92 7.63
N ASP A 840 25.18 -13.54 6.46
CA ASP A 840 26.15 -13.31 5.39
C ASP A 840 25.75 -12.18 4.46
N SER A 841 24.66 -11.48 4.74
CA SER A 841 24.16 -10.40 3.88
C SER A 841 23.92 -10.89 2.46
N GLU A 842 23.32 -12.07 2.33
CA GLU A 842 23.05 -12.67 1.03
C GLU A 842 21.58 -12.95 0.78
N VAL A 843 20.79 -13.23 1.81
CA VAL A 843 19.38 -13.56 1.68
C VAL A 843 18.57 -12.55 2.49
N ILE A 844 17.51 -12.03 1.87
CA ILE A 844 16.60 -11.08 2.54
C ILE A 844 15.52 -11.92 3.22
N LEU A 845 15.62 -12.03 4.55
CA LEU A 845 14.65 -12.82 5.30
C LEU A 845 13.29 -12.13 5.36
N HIS A 846 13.26 -10.79 5.28
CA HIS A 846 12.01 -10.05 5.29
C HIS A 846 12.27 -8.65 4.76
N HIS A 847 11.27 -8.10 4.08
CA HIS A 847 11.34 -6.73 3.59
C HIS A 847 9.92 -6.18 3.49
N GLU A 848 9.80 -4.87 3.76
CA GLU A 848 8.53 -4.18 3.60
C GLU A 848 8.80 -2.73 3.23
N TYR A 849 7.74 -2.06 2.76
CA TYR A 849 7.82 -0.69 2.29
C TYR A 849 7.44 0.26 3.43
N PHE A 850 8.36 1.15 3.79
CA PHE A 850 8.13 2.13 4.84
C PHE A 850 8.09 3.52 4.22
N LEU A 851 7.11 4.33 4.63
CA LEU A 851 6.94 5.68 4.12
C LEU A 851 6.80 6.63 5.30
N LEU A 852 7.65 7.65 5.34
CA LEU A 852 7.63 8.66 6.40
C LEU A 852 6.79 9.84 5.92
N LYS A 853 5.56 9.92 6.42
CA LYS A 853 4.70 11.05 6.07
C LYS A 853 5.21 12.32 6.74
N ALA A 854 4.90 13.46 6.11
CA ALA A 854 5.36 14.74 6.63
C ALA A 854 4.67 15.10 7.94
N LYS A 855 3.41 14.69 8.12
CA LYS A 855 2.69 15.00 9.34
C LYS A 855 3.28 14.32 10.56
N TYR A 856 3.98 13.19 10.37
CA TYR A 856 4.58 12.43 11.45
C TYR A 856 6.09 12.42 11.35
N ALA A 857 6.68 13.51 10.87
CA ALA A 857 8.11 13.60 10.60
C ALA A 857 8.96 13.69 11.86
N GLN A 858 8.36 13.71 13.05
CA GLN A 858 9.11 13.81 14.29
C GLN A 858 8.75 12.74 15.31
N ASP A 859 7.79 11.88 15.02
CA ASP A 859 7.38 10.83 15.94
C ASP A 859 8.13 9.54 15.65
N GLU A 860 8.09 8.64 16.63
CA GLU A 860 8.66 7.31 16.46
C GLU A 860 7.67 6.41 15.72
N HIS A 861 8.21 5.53 14.87
CA HIS A 861 7.41 4.60 14.09
C HIS A 861 7.75 3.18 14.53
N LEU A 862 6.72 2.39 14.78
CA LEU A 862 6.88 1.00 15.21
C LEU A 862 6.56 0.07 14.05
N ILE A 863 7.42 -0.94 13.85
CA ILE A 863 7.24 -1.93 12.80
C ILE A 863 7.41 -3.32 13.42
N THR A 864 6.44 -4.20 13.17
CA THR A 864 6.47 -5.56 13.69
C THR A 864 6.53 -6.54 12.53
N PHE A 865 7.38 -7.56 12.67
CA PHE A 865 7.48 -8.62 11.67
C PHE A 865 8.03 -9.87 12.34
N PHE A 866 7.99 -10.97 11.60
CA PHE A 866 8.48 -12.26 12.07
C PHE A 866 9.63 -12.73 11.18
N VAL A 867 10.65 -13.31 11.81
CA VAL A 867 11.79 -13.87 11.08
C VAL A 867 12.11 -15.24 11.66
N PRO A 868 12.55 -16.20 10.84
CA PRO A 868 12.90 -17.51 11.37
C PRO A 868 14.31 -17.55 11.93
N VAL A 869 14.54 -18.52 12.83
CA VAL A 869 15.83 -18.76 13.43
C VAL A 869 16.03 -20.25 13.61
N PHE A 870 17.30 -20.66 13.70
CA PHE A 870 17.66 -22.04 13.96
C PHE A 870 18.43 -22.13 15.28
N GLU A 871 18.40 -23.31 15.89
CA GLU A 871 18.89 -23.48 17.26
C GLU A 871 20.39 -23.74 17.39
N PRO A 872 21.19 -23.69 16.30
CA PRO A 872 22.59 -23.29 16.48
C PRO A 872 22.74 -21.80 16.26
N LEU A 873 22.13 -21.01 17.16
CA LEU A 873 21.87 -19.57 17.08
C LEU A 873 22.92 -18.82 16.26
N PRO A 874 22.49 -18.09 15.23
CA PRO A 874 23.44 -17.38 14.38
C PRO A 874 24.09 -16.23 15.14
N PRO A 875 25.24 -15.75 14.68
CA PRO A 875 25.86 -14.59 15.36
C PRO A 875 24.94 -13.38 15.42
N GLN A 876 24.37 -12.96 14.28
CA GLN A 876 23.49 -11.80 14.25
C GLN A 876 22.82 -11.74 12.88
N TYR A 877 21.65 -11.11 12.86
CA TYR A 877 21.01 -10.69 11.62
C TYR A 877 21.33 -9.22 11.39
N PHE A 878 20.78 -8.65 10.32
CA PHE A 878 21.01 -7.26 10.00
C PHE A 878 19.71 -6.61 9.54
N ILE A 879 19.48 -5.39 9.99
CA ILE A 879 18.33 -4.58 9.59
C ILE A 879 18.85 -3.32 8.91
N ARG A 880 18.53 -3.17 7.63
CA ARG A 880 18.90 -2.00 6.87
C ARG A 880 17.65 -1.20 6.49
N VAL A 881 17.73 0.11 6.63
CA VAL A 881 16.68 1.02 6.21
C VAL A 881 17.28 1.96 5.19
N VAL A 882 17.08 1.65 3.91
CA VAL A 882 17.68 2.38 2.80
C VAL A 882 16.64 3.31 2.19
N SER A 883 17.08 4.50 1.79
CA SER A 883 16.21 5.44 1.12
C SER A 883 15.83 4.93 -0.27
N ASP A 884 14.60 5.24 -0.68
CA ASP A 884 14.12 4.81 -1.98
C ASP A 884 14.59 5.73 -3.10
N ARG A 885 15.00 6.97 -2.79
CA ARG A 885 15.47 7.90 -3.80
C ARG A 885 16.76 8.63 -3.43
N TRP A 886 17.07 8.81 -2.15
CA TRP A 886 18.28 9.51 -1.74
C TRP A 886 19.48 8.59 -1.85
N LEU A 887 20.57 9.10 -2.43
CA LEU A 887 21.81 8.35 -2.58
C LEU A 887 22.67 8.47 -1.34
N SER A 888 23.36 7.39 -0.99
CA SER A 888 24.19 7.31 0.21
C SER A 888 23.37 7.68 1.45
N CYS A 889 22.30 6.91 1.65
CA CYS A 889 21.27 7.23 2.65
C CYS A 889 20.80 5.89 3.25
N GLU A 890 21.50 5.45 4.30
CA GLU A 890 21.26 4.11 4.83
C GLU A 890 21.69 4.05 6.28
N THR A 891 20.92 3.31 7.09
CA THR A 891 21.26 2.97 8.46
C THR A 891 21.08 1.49 8.65
N GLN A 892 22.17 0.79 8.95
CA GLN A 892 22.15 -0.63 9.26
C GLN A 892 22.32 -0.81 10.76
N LEU A 893 21.45 -1.61 11.37
CA LEU A 893 21.53 -1.89 12.79
C LEU A 893 21.76 -3.39 13.00
N PRO A 894 22.93 -3.79 13.50
CA PRO A 894 23.16 -5.21 13.79
C PRO A 894 22.29 -5.67 14.95
N VAL A 895 21.63 -6.81 14.77
CA VAL A 895 20.82 -7.40 15.84
C VAL A 895 21.51 -8.66 16.34
N SER A 896 22.37 -8.50 17.34
CA SER A 896 23.12 -9.64 17.87
C SER A 896 22.21 -10.55 18.67
N PHE A 897 22.38 -11.86 18.47
CA PHE A 897 21.65 -12.88 19.21
C PHE A 897 22.49 -13.50 20.32
N ARG A 898 23.52 -12.79 20.79
CA ARG A 898 24.40 -13.34 21.81
C ARG A 898 23.71 -13.42 23.17
N HIS A 899 22.82 -12.49 23.47
CA HIS A 899 22.14 -12.43 24.77
C HIS A 899 20.66 -12.78 24.67
N LEU A 900 20.22 -13.33 23.55
CA LEU A 900 18.80 -13.64 23.37
C LEU A 900 18.45 -14.90 24.13
N ILE A 901 17.51 -14.79 25.06
CA ILE A 901 17.08 -15.92 25.89
C ILE A 901 15.91 -16.60 25.19
N LEU A 902 16.14 -17.83 24.73
CA LEU A 902 15.09 -18.57 24.04
C LEU A 902 14.19 -19.28 25.06
N PRO A 903 12.89 -19.32 24.81
CA PRO A 903 12.01 -20.10 25.70
C PRO A 903 12.27 -21.58 25.53
N GLU A 904 11.98 -22.34 26.59
CA GLU A 904 12.21 -23.77 26.57
C GLU A 904 11.23 -24.47 25.64
N LYS A 905 11.66 -25.60 25.09
CA LYS A 905 10.78 -26.40 24.24
C LYS A 905 9.54 -26.81 25.01
N TYR A 906 8.39 -26.72 24.35
CA TYR A 906 7.12 -26.99 25.04
C TYR A 906 7.05 -28.46 25.43
N PRO A 907 6.46 -28.77 26.59
CA PRO A 907 6.40 -30.16 27.06
C PRO A 907 5.54 -31.01 26.13
N PRO A 908 5.69 -32.33 26.18
CA PRO A 908 4.88 -33.20 25.33
C PRO A 908 3.41 -33.10 25.69
N PRO A 909 2.50 -33.41 24.76
CA PRO A 909 1.07 -33.29 25.05
C PRO A 909 0.59 -34.39 25.96
N THR A 910 -0.64 -34.21 26.45
CA THR A 910 -1.33 -35.26 27.19
C THR A 910 -1.63 -36.42 26.25
N GLU A 911 -1.12 -37.60 26.57
CA GLU A 911 -1.30 -38.76 25.71
C GLU A 911 -2.77 -39.15 25.65
N LEU A 912 -3.30 -39.25 24.43
CA LEU A 912 -4.69 -39.65 24.23
C LEU A 912 -4.83 -41.13 24.57
N LEU A 913 -5.33 -41.40 25.78
CA LEU A 913 -5.50 -42.77 26.23
C LEU A 913 -6.53 -43.49 25.38
N ASP A 914 -6.19 -44.69 24.93
CA ASP A 914 -7.08 -45.49 24.10
C ASP A 914 -8.24 -46.03 24.92
N LEU A 915 -9.11 -45.13 25.39
CA LEU A 915 -10.24 -45.54 26.21
C LEU A 915 -11.37 -46.05 25.32
N GLN A 916 -12.32 -46.74 25.95
CA GLN A 916 -13.50 -47.20 25.26
C GLN A 916 -14.47 -46.05 25.03
N PRO A 917 -15.09 -45.97 23.86
CA PRO A 917 -16.08 -44.91 23.62
C PRO A 917 -17.19 -44.94 24.65
N LEU A 918 -17.41 -43.80 25.30
CA LEU A 918 -18.37 -43.71 26.40
C LEU A 918 -19.77 -43.48 25.86
N PRO A 919 -20.75 -44.29 26.26
CA PRO A 919 -22.13 -44.06 25.81
C PRO A 919 -22.74 -42.86 26.52
N VAL A 920 -23.90 -42.44 26.00
CA VAL A 920 -24.64 -41.35 26.62
C VAL A 920 -25.25 -41.78 27.96
N SER A 921 -25.38 -43.08 28.19
CA SER A 921 -25.94 -43.59 29.44
C SER A 921 -25.02 -43.38 30.63
N ALA A 922 -23.77 -42.98 30.41
CA ALA A 922 -22.85 -42.76 31.52
C ALA A 922 -23.28 -41.58 32.40
N LEU A 923 -24.07 -40.65 31.85
CA LEU A 923 -24.60 -39.57 32.67
C LEU A 923 -25.55 -40.11 33.74
N ARG A 924 -26.31 -41.15 33.40
CA ARG A 924 -27.28 -41.78 34.29
C ARG A 924 -28.28 -40.75 34.81
N ASN A 925 -29.00 -40.15 33.87
CA ASN A 925 -30.04 -39.17 34.18
C ASN A 925 -30.93 -39.07 32.94
N SER A 926 -32.17 -39.52 33.05
CA SER A 926 -33.05 -39.59 31.89
C SER A 926 -33.24 -38.22 31.26
N ALA A 927 -33.37 -37.18 32.08
CA ALA A 927 -33.52 -35.83 31.54
C ALA A 927 -32.23 -35.37 30.87
N PHE A 928 -31.08 -35.66 31.47
CA PHE A 928 -29.80 -35.26 30.89
C PHE A 928 -29.51 -36.03 29.60
N GLU A 929 -29.72 -37.34 29.64
CA GLU A 929 -29.43 -38.17 28.46
C GLU A 929 -30.29 -37.79 27.27
N SER A 930 -31.50 -37.27 27.52
CA SER A 930 -32.41 -36.90 26.44
C SER A 930 -31.94 -35.70 25.63
N LEU A 931 -30.76 -35.16 25.92
CA LEU A 931 -30.23 -34.03 25.17
C LEU A 931 -29.21 -34.44 24.12
N TYR A 932 -28.71 -35.67 24.16
CA TYR A 932 -27.68 -36.12 23.24
C TYR A 932 -27.97 -37.45 22.54
N GLN A 933 -28.89 -38.26 23.05
CA GLN A 933 -29.09 -39.59 22.46
C GLN A 933 -29.75 -39.55 21.09
N ASP A 934 -30.16 -38.38 20.61
CA ASP A 934 -30.72 -38.23 19.27
C ASP A 934 -29.72 -37.66 18.28
N LYS A 935 -28.46 -37.51 18.67
CA LYS A 935 -27.45 -36.86 17.85
C LYS A 935 -26.30 -37.78 17.48
N PHE A 936 -25.73 -38.49 18.44
CA PHE A 936 -24.58 -39.35 18.18
C PHE A 936 -24.65 -40.55 19.11
N PRO A 937 -24.04 -41.68 18.73
CA PRO A 937 -24.10 -42.87 19.60
C PRO A 937 -23.25 -42.73 20.86
N PHE A 938 -22.01 -42.26 20.71
CA PHE A 938 -21.09 -42.17 21.83
C PHE A 938 -20.25 -40.90 21.72
N PHE A 939 -19.61 -40.55 22.83
CA PHE A 939 -18.75 -39.38 22.87
C PHE A 939 -17.42 -39.66 22.20
N ASN A 940 -16.79 -38.60 21.70
CA ASN A 940 -15.50 -38.74 21.04
C ASN A 940 -14.41 -39.06 22.08
N PRO A 941 -13.26 -39.59 21.63
CA PRO A 941 -12.20 -39.98 22.57
C PRO A 941 -11.76 -38.88 23.54
N ILE A 942 -11.96 -37.62 23.16
CA ILE A 942 -11.58 -36.52 24.04
C ILE A 942 -12.60 -36.32 25.15
N GLN A 943 -13.90 -36.46 24.82
CA GLN A 943 -14.93 -36.29 25.83
C GLN A 943 -14.92 -37.41 26.85
N THR A 944 -14.42 -38.58 26.46
CA THR A 944 -14.40 -39.73 27.37
C THR A 944 -13.27 -39.63 28.38
N GLN A 945 -12.15 -39.01 28.02
CA GLN A 945 -11.04 -38.86 28.95
C GLN A 945 -11.39 -37.89 30.07
N VAL A 946 -12.04 -36.77 29.74
CA VAL A 946 -12.34 -35.75 30.73
C VAL A 946 -13.66 -35.98 31.44
N PHE A 947 -14.44 -36.99 31.04
CA PHE A 947 -15.77 -37.18 31.59
C PHE A 947 -15.73 -37.33 33.12
N ASN A 948 -14.90 -38.25 33.61
CA ASN A 948 -14.85 -38.47 35.06
C ASN A 948 -14.30 -37.26 35.79
N THR A 949 -13.45 -36.46 35.16
CA THR A 949 -12.84 -35.32 35.82
C THR A 949 -13.73 -34.08 35.81
N VAL A 950 -14.66 -33.98 34.87
CA VAL A 950 -15.55 -32.82 34.79
C VAL A 950 -16.93 -33.13 35.33
N TYR A 951 -17.43 -34.35 35.10
CA TYR A 951 -18.77 -34.72 35.53
C TYR A 951 -18.82 -35.27 36.95
N ASN A 952 -17.74 -35.90 37.41
CA ASN A 952 -17.69 -36.52 38.73
C ASN A 952 -16.58 -35.91 39.57
N SER A 953 -16.44 -34.59 39.53
CA SER A 953 -15.38 -33.90 40.26
C SER A 953 -15.70 -32.41 40.29
N ASP A 954 -15.09 -31.72 41.25
CA ASP A 954 -15.21 -30.28 41.37
C ASP A 954 -13.90 -29.56 41.13
N ASP A 955 -12.82 -30.29 40.88
CA ASP A 955 -11.52 -29.66 40.64
C ASP A 955 -11.55 -28.88 39.32
N ASN A 956 -10.76 -27.81 39.29
CA ASN A 956 -10.65 -27.01 38.07
C ASN A 956 -10.02 -27.85 36.96
N VAL A 957 -10.57 -27.72 35.75
CA VAL A 957 -10.16 -28.55 34.61
C VAL A 957 -9.76 -27.63 33.46
N PHE A 958 -8.67 -27.98 32.80
CA PHE A 958 -8.25 -27.34 31.55
C PHE A 958 -8.29 -28.38 30.44
N VAL A 959 -9.01 -28.08 29.37
CA VAL A 959 -9.15 -28.97 28.23
C VAL A 959 -8.66 -28.21 27.01
N GLY A 960 -7.45 -28.52 26.56
CA GLY A 960 -6.90 -27.93 25.35
C GLY A 960 -6.93 -28.90 24.19
N ALA A 961 -7.75 -28.61 23.18
CA ALA A 961 -7.96 -29.51 22.06
C ALA A 961 -8.20 -28.69 20.81
N PRO A 962 -7.92 -29.25 19.63
CA PRO A 962 -8.10 -28.47 18.39
C PRO A 962 -9.55 -28.06 18.17
N THR A 963 -9.73 -27.10 17.26
CA THR A 963 -11.06 -26.63 16.92
C THR A 963 -11.84 -27.75 16.23
N GLY A 964 -13.05 -28.01 16.72
CA GLY A 964 -13.85 -29.11 16.23
C GLY A 964 -13.71 -30.40 17.00
N SER A 965 -13.09 -30.36 18.18
CA SER A 965 -12.92 -31.54 19.02
C SER A 965 -14.11 -31.80 19.93
N GLY A 966 -15.15 -30.96 19.86
CA GLY A 966 -16.30 -31.14 20.73
C GLY A 966 -16.11 -30.58 22.12
N LYS A 967 -15.33 -29.51 22.27
CA LYS A 967 -15.09 -28.93 23.59
C LYS A 967 -16.34 -28.28 24.16
N THR A 968 -17.35 -27.99 23.33
CA THR A 968 -18.56 -27.38 23.83
C THR A 968 -19.34 -28.33 24.74
N ILE A 969 -19.26 -29.63 24.48
CA ILE A 969 -19.98 -30.59 25.31
C ILE A 969 -19.27 -30.78 26.65
N CYS A 970 -17.93 -30.75 26.64
CA CYS A 970 -17.18 -30.84 27.89
C CYS A 970 -17.54 -29.71 28.84
N ALA A 971 -17.77 -28.51 28.31
CA ALA A 971 -18.28 -27.43 29.13
C ALA A 971 -19.69 -27.72 29.63
N GLU A 972 -20.50 -28.40 28.82
CA GLU A 972 -21.83 -28.78 29.28
C GLU A 972 -21.76 -29.85 30.36
N PHE A 973 -20.69 -30.66 30.37
CA PHE A 973 -20.50 -31.62 31.44
C PHE A 973 -20.42 -30.93 32.80
N ALA A 974 -19.72 -29.80 32.86
CA ALA A 974 -19.63 -29.05 34.11
C ALA A 974 -20.95 -28.36 34.44
N ILE A 975 -21.72 -27.99 33.41
CA ILE A 975 -23.02 -27.36 33.65
C ILE A 975 -24.02 -28.37 34.19
N LEU A 976 -24.02 -29.59 33.63
CA LEU A 976 -24.96 -30.61 34.07
C LEU A 976 -24.67 -31.06 35.50
N ARG A 977 -23.41 -31.04 35.91
CA ARG A 977 -23.07 -31.39 37.29
C ARG A 977 -23.56 -30.31 38.26
N MET A 978 -23.48 -29.03 37.84
CA MET A 978 -23.92 -27.94 38.70
C MET A 978 -25.40 -28.06 39.04
N LEU A 979 -26.21 -28.53 38.10
CA LEU A 979 -27.65 -28.68 38.31
C LEU A 979 -28.01 -29.87 39.20
N LEU A 980 -27.06 -30.79 39.42
CA LEU A 980 -27.33 -31.95 40.27
C LEU A 980 -27.10 -31.64 41.74
N GLN A 981 -25.99 -30.96 42.07
CA GLN A 981 -25.72 -30.62 43.46
C GLN A 981 -26.71 -29.59 43.99
N SER A 982 -27.15 -28.68 43.15
CA SER A 982 -28.16 -27.69 43.54
C SER A 982 -28.95 -27.30 42.30
N SER A 983 -30.28 -27.51 42.35
CA SER A 983 -31.12 -27.17 41.22
C SER A 983 -31.02 -25.69 40.88
N GLU A 984 -30.72 -24.84 41.85
CA GLU A 984 -30.39 -23.44 41.61
C GLU A 984 -28.86 -23.36 41.53
N GLY A 985 -28.34 -23.46 40.31
CA GLY A 985 -26.93 -23.27 40.05
C GLY A 985 -26.73 -22.04 39.19
N ARG A 986 -25.64 -21.31 39.46
CA ARG A 986 -25.32 -20.08 38.74
C ARG A 986 -23.99 -20.27 38.01
N CYS A 987 -24.05 -20.39 36.69
CA CYS A 987 -22.87 -20.56 35.86
C CYS A 987 -22.76 -19.42 34.87
N VAL A 988 -21.56 -18.86 34.77
CA VAL A 988 -21.26 -17.80 33.80
C VAL A 988 -20.34 -18.39 32.74
N TYR A 989 -20.79 -18.37 31.49
CA TYR A 989 -20.01 -18.87 30.37
C TYR A 989 -19.46 -17.67 29.59
N ILE A 990 -18.14 -17.60 29.47
CA ILE A 990 -17.47 -16.52 28.78
C ILE A 990 -16.89 -17.06 27.47
N THR A 991 -17.18 -16.38 26.37
CA THR A 991 -16.60 -16.64 25.07
C THR A 991 -16.12 -15.34 24.47
N PRO A 992 -15.01 -15.36 23.74
CA PRO A 992 -14.40 -14.09 23.32
C PRO A 992 -15.18 -13.34 22.26
N MET A 993 -15.80 -14.04 21.32
CA MET A 993 -16.44 -13.42 20.17
C MET A 993 -17.94 -13.34 20.37
N GLU A 994 -18.51 -12.17 20.05
CA GLU A 994 -19.96 -11.99 20.16
C GLU A 994 -20.71 -12.91 19.20
N ALA A 995 -20.09 -13.24 18.06
CA ALA A 995 -20.71 -14.19 17.13
C ALA A 995 -20.81 -15.58 17.76
N LEU A 996 -19.83 -15.96 18.58
CA LEU A 996 -19.92 -17.25 19.27
C LEU A 996 -20.98 -17.22 20.37
N ALA A 997 -21.10 -16.09 21.06
CA ALA A 997 -22.09 -16.00 22.14
C ALA A 997 -23.50 -16.15 21.60
N GLU A 998 -23.76 -15.64 20.39
CA GLU A 998 -25.09 -15.75 19.81
C GLU A 998 -25.39 -17.19 19.39
N GLN A 999 -24.37 -17.92 18.91
CA GLN A 999 -24.58 -19.31 18.52
C GLN A 999 -24.72 -20.21 19.74
N VAL A 1000 -23.88 -20.00 20.75
CA VAL A 1000 -23.96 -20.82 21.97
C VAL A 1000 -25.28 -20.57 22.70
N TYR A 1001 -25.76 -19.32 22.67
CA TYR A 1001 -27.03 -19.01 23.31
C TYR A 1001 -28.19 -19.72 22.62
N MET A 1002 -28.15 -19.79 21.29
CA MET A 1002 -29.21 -20.48 20.56
C MET A 1002 -29.18 -21.98 20.85
N ASP A 1003 -27.99 -22.56 20.95
CA ASP A 1003 -27.88 -24.00 21.21
C ASP A 1003 -28.21 -24.33 22.66
N TRP A 1004 -27.80 -23.49 23.60
CA TRP A 1004 -28.04 -23.75 25.01
C TRP A 1004 -29.42 -23.30 25.47
N TYR A 1005 -30.13 -22.49 24.69
CA TYR A 1005 -31.50 -22.14 25.05
C TYR A 1005 -32.44 -23.31 24.85
N GLU A 1006 -32.18 -24.14 23.83
CA GLU A 1006 -33.04 -25.29 23.57
C GLU A 1006 -32.74 -26.46 24.50
N LYS A 1007 -31.47 -26.63 24.88
CA LYS A 1007 -31.11 -27.75 25.75
C LYS A 1007 -31.54 -27.49 27.19
N PHE A 1008 -31.03 -26.42 27.79
CA PHE A 1008 -31.20 -26.23 29.23
C PHE A 1008 -32.53 -25.54 29.57
N GLN A 1009 -33.05 -24.69 28.70
CA GLN A 1009 -34.27 -23.96 28.99
C GLN A 1009 -35.51 -24.57 28.34
N ASP A 1010 -35.42 -24.98 27.07
CA ASP A 1010 -36.61 -25.50 26.41
C ASP A 1010 -36.94 -26.91 26.90
N ARG A 1011 -35.93 -27.75 27.10
CA ARG A 1011 -36.16 -29.14 27.47
C ARG A 1011 -36.12 -29.35 28.98
N LEU A 1012 -35.05 -28.91 29.64
CA LEU A 1012 -34.87 -29.11 31.06
C LEU A 1012 -35.40 -27.97 31.91
N ASN A 1013 -35.96 -26.93 31.28
CA ASN A 1013 -36.69 -25.86 31.96
C ASN A 1013 -35.83 -25.15 33.00
N LYS A 1014 -34.68 -24.64 32.53
CA LYS A 1014 -33.85 -23.75 33.31
C LYS A 1014 -33.97 -22.34 32.70
N LYS A 1015 -33.03 -21.46 33.06
CA LYS A 1015 -33.03 -20.09 32.58
C LYS A 1015 -31.68 -19.80 31.92
N VAL A 1016 -31.71 -19.53 30.61
CA VAL A 1016 -30.51 -19.20 29.84
C VAL A 1016 -30.64 -17.75 29.41
N VAL A 1017 -29.64 -16.95 29.75
CA VAL A 1017 -29.63 -15.53 29.42
C VAL A 1017 -28.41 -15.22 28.56
N LEU A 1018 -28.51 -14.14 27.79
CA LEU A 1018 -27.42 -13.63 26.98
C LEU A 1018 -27.22 -12.16 27.31
N LEU A 1019 -26.05 -11.81 27.83
CA LEU A 1019 -25.80 -10.43 28.24
C LEU A 1019 -25.85 -9.49 27.04
N THR A 1020 -26.42 -8.32 27.25
CA THR A 1020 -26.72 -7.38 26.18
C THR A 1020 -25.71 -6.24 26.08
N GLY A 1021 -24.72 -6.18 26.96
CA GLY A 1021 -23.86 -5.02 27.03
C GLY A 1021 -24.48 -3.83 27.71
N GLU A 1022 -25.62 -4.04 28.40
CA GLU A 1022 -26.36 -2.98 29.06
C GLU A 1022 -26.46 -3.32 30.53
N THR A 1023 -26.07 -2.37 31.39
CA THR A 1023 -26.04 -2.64 32.82
C THR A 1023 -27.45 -2.84 33.37
N SER A 1024 -28.41 -2.00 32.96
CA SER A 1024 -29.75 -2.08 33.52
C SER A 1024 -30.43 -3.42 33.25
N THR A 1025 -29.93 -4.19 32.29
CA THR A 1025 -30.49 -5.50 31.98
C THR A 1025 -29.58 -6.66 32.39
N ASP A 1026 -28.25 -6.47 32.36
CA ASP A 1026 -27.35 -7.58 32.63
C ASP A 1026 -27.37 -7.99 34.09
N LEU A 1027 -27.48 -7.03 35.01
CA LEU A 1027 -27.45 -7.36 36.43
C LEU A 1027 -28.66 -8.20 36.85
N LYS A 1028 -29.78 -8.05 36.15
CA LYS A 1028 -30.97 -8.83 36.48
C LYS A 1028 -31.02 -10.16 35.73
N LEU A 1029 -30.58 -10.18 34.47
CA LEU A 1029 -30.40 -11.45 33.78
C LEU A 1029 -29.36 -12.33 34.48
N LEU A 1030 -28.39 -11.70 35.15
CA LEU A 1030 -27.41 -12.45 35.92
C LEU A 1030 -28.07 -13.13 37.13
N GLY A 1031 -29.00 -12.43 37.79
CA GLY A 1031 -29.60 -12.98 38.98
C GLY A 1031 -30.66 -14.02 38.73
N LYS A 1032 -31.40 -13.90 37.63
CA LYS A 1032 -32.49 -14.81 37.32
C LYS A 1032 -32.07 -15.98 36.44
N GLY A 1033 -30.84 -15.99 35.95
CA GLY A 1033 -30.37 -17.01 35.03
C GLY A 1033 -29.50 -18.06 35.70
N ASN A 1034 -29.62 -19.29 35.21
CA ASN A 1034 -28.76 -20.38 35.65
C ASN A 1034 -27.57 -20.60 34.73
N ILE A 1035 -27.64 -20.14 33.49
CA ILE A 1035 -26.52 -20.15 32.55
C ILE A 1035 -26.44 -18.76 31.94
N ILE A 1036 -25.33 -18.07 32.19
CA ILE A 1036 -25.12 -16.71 31.70
C ILE A 1036 -24.02 -16.75 30.64
N ILE A 1037 -24.38 -16.38 29.41
CA ILE A 1037 -23.44 -16.33 28.29
C ILE A 1037 -23.06 -14.88 28.05
N SER A 1038 -21.77 -14.61 27.90
CA SER A 1038 -21.30 -13.24 27.77
C SER A 1038 -19.91 -13.22 27.14
N THR A 1039 -19.53 -12.04 26.66
CA THR A 1039 -18.22 -11.73 26.13
C THR A 1039 -17.37 -11.05 27.21
N PRO A 1040 -16.02 -11.03 27.05
CA PRO A 1040 -15.16 -10.49 28.12
C PRO A 1040 -15.55 -9.10 28.61
N GLU A 1041 -15.58 -8.11 27.72
CA GLU A 1041 -15.92 -6.76 28.14
C GLU A 1041 -17.33 -6.69 28.72
N LYS A 1042 -18.24 -7.55 28.25
CA LYS A 1042 -19.61 -7.55 28.76
C LYS A 1042 -19.67 -8.06 30.19
N TRP A 1043 -18.72 -8.91 30.60
CA TRP A 1043 -18.65 -9.38 31.97
C TRP A 1043 -17.71 -8.56 32.83
N ASP A 1044 -16.76 -7.85 32.21
CA ASP A 1044 -15.84 -7.02 32.98
C ASP A 1044 -16.56 -5.88 33.68
N ILE A 1045 -17.62 -5.34 33.07
CA ILE A 1045 -18.33 -4.22 33.67
C ILE A 1045 -19.03 -4.66 34.96
N LEU A 1046 -19.56 -5.89 34.98
CA LEU A 1046 -20.33 -6.34 36.13
C LEU A 1046 -19.42 -6.86 37.24
N SER A 1047 -18.44 -7.69 36.91
CA SER A 1047 -17.61 -8.31 37.92
C SER A 1047 -16.66 -7.34 38.62
N ARG A 1048 -16.54 -6.11 38.11
CA ARG A 1048 -15.78 -5.09 38.82
C ARG A 1048 -16.41 -4.77 40.17
N ARG A 1049 -17.71 -4.53 40.18
CA ARG A 1049 -18.45 -4.20 41.40
C ARG A 1049 -18.92 -5.46 42.14
N TRP A 1050 -18.01 -6.42 42.29
CA TRP A 1050 -18.39 -7.68 42.93
C TRP A 1050 -18.51 -7.55 44.43
N LYS A 1051 -17.78 -6.61 45.04
CA LYS A 1051 -17.86 -6.46 46.49
C LYS A 1051 -19.23 -5.94 46.93
N GLN A 1052 -19.91 -5.19 46.07
CA GLN A 1052 -21.23 -4.65 46.37
C GLN A 1052 -22.35 -5.40 45.66
N ARG A 1053 -22.06 -6.55 45.06
CA ARG A 1053 -23.07 -7.33 44.36
C ARG A 1053 -22.89 -8.80 44.70
N LYS A 1054 -23.93 -9.42 45.27
CA LYS A 1054 -23.87 -10.82 45.64
C LYS A 1054 -23.98 -11.73 44.43
N ASN A 1055 -24.80 -11.35 43.44
CA ASN A 1055 -25.01 -12.17 42.25
C ASN A 1055 -23.75 -12.35 41.41
N VAL A 1056 -22.64 -11.70 41.75
CA VAL A 1056 -21.40 -11.80 41.00
C VAL A 1056 -20.46 -12.77 41.68
N GLN A 1057 -20.52 -12.84 43.02
CA GLN A 1057 -19.64 -13.70 43.79
C GLN A 1057 -20.27 -15.02 44.19
N ASN A 1058 -21.59 -15.17 44.06
CA ASN A 1058 -22.26 -16.43 44.35
C ASN A 1058 -22.21 -17.42 43.20
N ILE A 1059 -21.24 -17.28 42.31
CA ILE A 1059 -21.16 -18.12 41.13
C ILE A 1059 -20.77 -19.54 41.54
N ASN A 1060 -21.47 -20.53 40.98
CA ASN A 1060 -21.14 -21.93 41.20
C ASN A 1060 -20.10 -22.44 40.23
N LEU A 1061 -20.16 -22.01 38.98
CA LEU A 1061 -19.27 -22.51 37.94
C LEU A 1061 -18.93 -21.38 36.98
N PHE A 1062 -17.66 -21.30 36.58
CA PHE A 1062 -17.18 -20.27 35.66
C PHE A 1062 -16.46 -20.95 34.50
N VAL A 1063 -17.01 -20.81 33.30
CA VAL A 1063 -16.46 -21.43 32.10
C VAL A 1063 -15.99 -20.33 31.15
N VAL A 1064 -14.74 -20.42 30.73
CA VAL A 1064 -14.16 -19.50 29.75
C VAL A 1064 -13.76 -20.31 28.53
N ASP A 1065 -14.28 -19.93 27.37
CA ASP A 1065 -14.07 -20.66 26.13
C ASP A 1065 -13.05 -19.94 25.25
N GLU A 1066 -12.40 -20.71 24.38
CA GLU A 1066 -11.41 -20.19 23.45
C GLU A 1066 -10.39 -19.31 24.18
N VAL A 1067 -9.95 -19.78 25.35
CA VAL A 1067 -9.07 -18.98 26.19
C VAL A 1067 -7.69 -18.75 25.57
N HIS A 1068 -7.40 -19.35 24.42
CA HIS A 1068 -6.15 -19.05 23.73
C HIS A 1068 -6.17 -17.68 23.07
N LEU A 1069 -7.30 -16.97 23.09
CA LEU A 1069 -7.37 -15.61 22.56
C LEU A 1069 -6.81 -14.57 23.53
N ILE A 1070 -6.11 -15.00 24.58
CA ILE A 1070 -5.48 -14.04 25.48
C ILE A 1070 -4.30 -13.35 24.78
N GLY A 1071 -3.62 -14.07 23.88
CA GLY A 1071 -2.58 -13.46 23.08
C GLY A 1071 -3.05 -12.59 21.96
N GLY A 1072 -4.36 -12.52 21.73
CA GLY A 1072 -4.92 -11.70 20.67
C GLY A 1072 -5.07 -10.26 21.09
N GLU A 1073 -5.74 -9.49 20.21
CA GLU A 1073 -5.88 -8.06 20.42
C GLU A 1073 -6.63 -7.76 21.71
N ASN A 1074 -7.87 -8.23 21.83
CA ASN A 1074 -8.68 -8.03 23.02
C ASN A 1074 -8.41 -9.07 24.10
N GLY A 1075 -7.18 -9.59 24.17
CA GLY A 1075 -6.79 -10.56 25.16
C GLY A 1075 -6.76 -10.05 26.60
N PRO A 1076 -6.16 -8.88 26.85
CA PRO A 1076 -6.04 -8.39 28.24
C PRO A 1076 -7.35 -8.33 29.00
N VAL A 1077 -8.47 -8.02 28.34
CA VAL A 1077 -9.75 -7.98 29.05
C VAL A 1077 -10.16 -9.38 29.47
N LEU A 1078 -9.91 -10.38 28.62
CA LEU A 1078 -10.20 -11.76 29.00
C LEU A 1078 -9.32 -12.22 30.15
N GLU A 1079 -8.04 -11.82 30.14
CA GLU A 1079 -7.13 -12.19 31.21
C GLU A 1079 -7.51 -11.54 32.52
N VAL A 1080 -8.06 -10.32 32.47
CA VAL A 1080 -8.38 -9.60 33.70
C VAL A 1080 -9.57 -10.24 34.41
N ILE A 1081 -10.61 -10.61 33.66
CA ILE A 1081 -11.83 -11.10 34.29
C ILE A 1081 -11.60 -12.48 34.91
N CYS A 1082 -10.80 -13.33 34.25
CA CYS A 1082 -10.57 -14.68 34.76
C CYS A 1082 -9.66 -14.65 35.98
N SER A 1083 -8.62 -13.83 35.96
CA SER A 1083 -7.77 -13.68 37.13
C SER A 1083 -8.51 -13.05 38.29
N ARG A 1084 -9.53 -12.23 38.00
CA ARG A 1084 -10.38 -11.72 39.06
C ARG A 1084 -11.21 -12.82 39.69
N MET A 1085 -11.66 -13.79 38.88
CA MET A 1085 -12.44 -14.90 39.41
C MET A 1085 -11.60 -15.75 40.37
N ARG A 1086 -10.30 -15.83 40.16
CA ARG A 1086 -9.43 -16.50 41.12
C ARG A 1086 -9.33 -15.72 42.42
N TYR A 1087 -9.16 -14.40 42.32
CA TYR A 1087 -9.04 -13.58 43.51
C TYR A 1087 -10.33 -13.57 44.33
N ILE A 1088 -11.47 -13.46 43.65
CA ILE A 1088 -12.75 -13.47 44.36
C ILE A 1088 -12.97 -14.81 45.05
N SER A 1089 -12.66 -15.91 44.36
CA SER A 1089 -12.93 -17.23 44.90
C SER A 1089 -12.05 -17.56 46.09
N SER A 1090 -10.84 -17.00 46.14
CA SER A 1090 -9.96 -17.24 47.29
C SER A 1090 -10.35 -16.39 48.48
N GLN A 1091 -10.75 -15.14 48.24
CA GLN A 1091 -11.16 -14.27 49.33
C GLN A 1091 -12.55 -14.61 49.85
N ILE A 1092 -13.39 -15.21 49.02
CA ILE A 1092 -14.75 -15.61 49.42
C ILE A 1092 -14.65 -16.83 50.33
N GLU A 1093 -15.80 -17.32 50.80
CA GLU A 1093 -15.86 -18.48 51.69
C GLU A 1093 -15.17 -19.70 51.08
N ARG A 1094 -15.86 -20.39 50.17
CA ARG A 1094 -15.34 -21.57 49.51
C ARG A 1094 -15.22 -21.33 48.00
N PRO A 1095 -14.36 -22.07 47.32
CA PRO A 1095 -13.96 -21.69 45.96
C PRO A 1095 -15.09 -21.80 44.95
N ILE A 1096 -14.83 -21.18 43.80
CA ILE A 1096 -15.71 -21.22 42.63
C ILE A 1096 -15.02 -22.07 41.57
N ARG A 1097 -15.77 -22.99 40.96
CA ARG A 1097 -15.18 -23.87 39.97
C ARG A 1097 -14.92 -23.12 38.67
N ILE A 1098 -13.78 -23.43 38.04
CA ILE A 1098 -13.36 -22.79 36.80
C ILE A 1098 -13.00 -23.89 35.80
N VAL A 1099 -13.64 -23.85 34.63
CA VAL A 1099 -13.36 -24.77 33.53
C VAL A 1099 -12.89 -23.95 32.34
N ALA A 1100 -11.75 -24.29 31.79
CA ALA A 1100 -11.15 -23.56 30.68
C ALA A 1100 -11.05 -24.46 29.46
N LEU A 1101 -11.51 -23.96 28.31
CA LEU A 1101 -11.40 -24.64 27.04
C LEU A 1101 -10.56 -23.79 26.10
N SER A 1102 -9.78 -24.45 25.24
CA SER A 1102 -8.88 -23.73 24.35
C SER A 1102 -8.39 -24.64 23.24
N SER A 1103 -7.94 -24.02 22.16
CA SER A 1103 -7.20 -24.72 21.15
C SER A 1103 -5.86 -25.21 21.72
N SER A 1104 -5.21 -26.11 20.99
CA SER A 1104 -3.98 -26.73 21.47
C SER A 1104 -2.92 -25.69 21.75
N LEU A 1105 -2.45 -25.64 22.99
CA LEU A 1105 -1.48 -24.66 23.45
C LEU A 1105 -0.16 -25.34 23.73
N SER A 1106 0.93 -24.72 23.26
CA SER A 1106 2.26 -25.23 23.59
C SER A 1106 2.56 -25.03 25.07
N ASN A 1107 2.22 -23.86 25.61
CA ASN A 1107 2.42 -23.57 27.03
C ASN A 1107 1.12 -23.70 27.81
N ALA A 1108 0.44 -24.84 27.63
CA ALA A 1108 -0.85 -25.04 28.29
C ALA A 1108 -0.71 -25.16 29.80
N LYS A 1109 0.41 -25.70 30.28
CA LYS A 1109 0.61 -25.84 31.71
C LYS A 1109 0.70 -24.51 32.42
N ASP A 1110 1.05 -23.44 31.70
CA ASP A 1110 1.06 -22.11 32.32
C ASP A 1110 -0.36 -21.60 32.55
N VAL A 1111 -1.26 -21.84 31.60
CA VAL A 1111 -2.65 -21.43 31.77
C VAL A 1111 -3.30 -22.25 32.89
N ALA A 1112 -2.95 -23.53 33.00
CA ALA A 1112 -3.47 -24.37 34.06
C ALA A 1112 -3.02 -23.87 35.43
N HIS A 1113 -1.72 -23.60 35.57
CA HIS A 1113 -1.19 -23.09 36.83
C HIS A 1113 -1.78 -21.72 37.16
N TRP A 1114 -2.02 -20.90 36.14
CA TRP A 1114 -2.61 -19.58 36.37
C TRP A 1114 -4.07 -19.70 36.80
N LEU A 1115 -4.79 -20.67 36.24
CA LEU A 1115 -6.19 -20.90 36.60
C LEU A 1115 -6.36 -21.95 37.68
N GLY A 1116 -5.26 -22.44 38.26
CA GLY A 1116 -5.33 -23.37 39.37
C GLY A 1116 -5.93 -24.72 39.02
N CYS A 1117 -5.39 -25.36 37.98
CA CYS A 1117 -5.86 -26.66 37.53
C CYS A 1117 -4.82 -27.73 37.89
N SER A 1118 -5.30 -28.85 38.44
CA SER A 1118 -4.40 -29.93 38.81
C SER A 1118 -3.68 -30.49 37.59
N ALA A 1119 -2.49 -31.04 37.81
CA ALA A 1119 -1.73 -31.63 36.72
C ALA A 1119 -2.47 -32.81 36.10
N THR A 1120 -3.14 -33.60 36.95
CA THR A 1120 -3.96 -34.70 36.42
C THR A 1120 -5.25 -34.21 35.80
N SER A 1121 -5.69 -32.99 36.14
CA SER A 1121 -6.89 -32.41 35.55
C SER A 1121 -6.59 -31.54 34.34
N THR A 1122 -5.33 -31.45 33.93
CA THR A 1122 -4.93 -30.67 32.76
C THR A 1122 -4.84 -31.60 31.56
N PHE A 1123 -5.66 -31.34 30.55
CA PHE A 1123 -5.72 -32.13 29.32
C PHE A 1123 -5.19 -31.28 28.18
N ASN A 1124 -3.88 -31.32 27.98
CA ASN A 1124 -3.20 -30.55 26.93
C ASN A 1124 -3.02 -31.44 25.72
N PHE A 1125 -4.01 -31.44 24.83
CA PHE A 1125 -3.93 -32.18 23.59
C PHE A 1125 -3.37 -31.29 22.48
N HIS A 1126 -2.76 -31.93 21.49
CA HIS A 1126 -2.12 -31.25 20.37
C HIS A 1126 -2.84 -31.61 19.07
N PRO A 1127 -2.66 -30.82 18.01
CA PRO A 1127 -3.53 -30.96 16.83
C PRO A 1127 -3.55 -32.35 16.19
N ASN A 1128 -2.65 -33.25 16.57
CA ASN A 1128 -2.62 -34.58 15.97
C ASN A 1128 -3.68 -35.52 16.52
N VAL A 1129 -4.49 -35.09 17.49
CA VAL A 1129 -5.46 -35.96 18.12
C VAL A 1129 -6.90 -35.51 17.83
N ARG A 1130 -7.11 -34.76 16.76
CA ARG A 1130 -8.45 -34.32 16.42
C ARG A 1130 -9.33 -35.53 16.10
N PRO A 1131 -10.59 -35.54 16.55
CA PRO A 1131 -11.44 -36.72 16.28
C PRO A 1131 -11.57 -37.05 14.80
N VAL A 1132 -11.79 -36.05 13.96
CA VAL A 1132 -11.84 -36.22 12.51
C VAL A 1132 -10.47 -35.86 11.96
N PRO A 1133 -9.80 -36.75 11.23
CA PRO A 1133 -8.46 -36.45 10.72
C PRO A 1133 -8.46 -35.22 9.82
N LEU A 1134 -7.44 -34.39 9.97
CA LEU A 1134 -7.32 -33.13 9.24
C LEU A 1134 -6.16 -33.25 8.26
N GLU A 1135 -6.48 -33.22 6.97
CA GLU A 1135 -5.48 -33.23 5.91
C GLU A 1135 -5.24 -31.78 5.49
N LEU A 1136 -4.07 -31.25 5.83
CA LEU A 1136 -3.74 -29.85 5.61
C LEU A 1136 -2.76 -29.71 4.46
N HIS A 1137 -3.05 -28.78 3.55
CA HIS A 1137 -2.19 -28.49 2.41
C HIS A 1137 -1.94 -26.99 2.35
N ILE A 1138 -0.68 -26.60 2.24
CA ILE A 1138 -0.28 -25.19 2.23
C ILE A 1138 0.44 -24.94 0.91
N GLN A 1139 -0.27 -24.38 -0.07
CA GLN A 1139 0.30 -24.02 -1.35
C GLN A 1139 0.85 -22.60 -1.28
N GLY A 1140 2.08 -22.41 -1.77
CA GLY A 1140 2.71 -21.11 -1.81
C GLY A 1140 2.54 -20.46 -3.18
N PHE A 1141 2.43 -19.14 -3.17
CA PHE A 1141 2.25 -18.36 -4.40
C PHE A 1141 3.29 -17.25 -4.45
N ASN A 1142 3.92 -17.09 -5.61
CA ASN A 1142 5.09 -16.22 -5.74
C ASN A 1142 4.74 -14.75 -5.92
N ILE A 1143 3.54 -14.46 -6.43
CA ILE A 1143 3.22 -13.10 -6.87
C ILE A 1143 3.03 -12.20 -5.65
N SER A 1144 3.75 -11.07 -5.64
CA SER A 1144 3.70 -10.16 -4.50
C SER A 1144 2.55 -9.15 -4.62
N HIS A 1145 2.12 -8.85 -5.84
CA HIS A 1145 0.97 -7.96 -6.03
C HIS A 1145 -0.30 -8.71 -5.64
N THR A 1146 -1.08 -8.11 -4.73
CA THR A 1146 -2.21 -8.81 -4.14
C THR A 1146 -3.26 -9.18 -5.19
N GLN A 1147 -3.68 -8.19 -5.98
CA GLN A 1147 -4.74 -8.45 -6.97
C GLN A 1147 -4.28 -9.45 -8.02
N THR A 1148 -3.00 -9.40 -8.40
CA THR A 1148 -2.49 -10.36 -9.36
C THR A 1148 -2.29 -11.74 -8.73
N ARG A 1149 -1.97 -11.79 -7.43
CA ARG A 1149 -1.86 -13.07 -6.75
C ARG A 1149 -3.22 -13.73 -6.59
N LEU A 1150 -4.25 -12.94 -6.26
CA LEU A 1150 -5.60 -13.48 -6.16
C LEU A 1150 -6.05 -14.07 -7.49
N LEU A 1151 -5.66 -13.45 -8.60
CA LEU A 1151 -5.96 -14.01 -9.91
C LEU A 1151 -5.28 -15.36 -10.11
N SER A 1152 -4.02 -15.47 -9.69
CA SER A 1152 -3.29 -16.72 -9.83
C SER A 1152 -3.89 -17.85 -9.00
N MET A 1153 -4.77 -17.53 -8.06
CA MET A 1153 -5.39 -18.53 -7.20
C MET A 1153 -6.79 -18.93 -7.66
N ALA A 1154 -7.37 -18.22 -8.63
CA ALA A 1154 -8.75 -18.48 -9.03
C ALA A 1154 -8.93 -19.90 -9.54
N LYS A 1155 -8.21 -20.27 -10.59
CA LYS A 1155 -8.30 -21.60 -11.16
C LYS A 1155 -7.81 -22.69 -10.20
N PRO A 1156 -6.71 -22.47 -9.46
CA PRO A 1156 -6.33 -23.48 -8.44
C PRO A 1156 -7.40 -23.71 -7.38
N VAL A 1157 -8.22 -22.70 -7.08
CA VAL A 1157 -9.33 -22.91 -6.16
C VAL A 1157 -10.30 -23.95 -6.72
N TYR A 1158 -10.62 -23.83 -8.01
CA TYR A 1158 -11.49 -24.82 -8.65
C TYR A 1158 -10.80 -26.18 -8.73
N HIS A 1159 -9.51 -26.20 -9.07
CA HIS A 1159 -8.80 -27.47 -9.20
C HIS A 1159 -8.70 -28.18 -7.86
N ALA A 1160 -8.63 -27.43 -6.75
CA ALA A 1160 -8.61 -28.06 -5.44
C ALA A 1160 -9.95 -28.67 -5.07
N ILE A 1161 -11.04 -28.14 -5.63
CA ILE A 1161 -12.36 -28.69 -5.35
C ILE A 1161 -12.53 -30.04 -6.03
N THR A 1162 -12.14 -30.14 -7.29
CA THR A 1162 -12.29 -31.40 -8.03
C THR A 1162 -11.35 -32.49 -7.53
N LYS A 1163 -10.26 -32.12 -6.84
CA LYS A 1163 -9.30 -33.11 -6.37
C LYS A 1163 -9.59 -33.59 -4.95
N HIS A 1164 -10.01 -32.69 -4.06
CA HIS A 1164 -10.17 -33.02 -2.65
C HIS A 1164 -11.62 -33.26 -2.24
N SER A 1165 -12.58 -32.71 -2.96
CA SER A 1165 -13.98 -32.92 -2.60
C SER A 1165 -14.90 -32.63 -3.78
N PRO A 1166 -14.99 -33.54 -4.77
CA PRO A 1166 -15.87 -33.28 -5.91
C PRO A 1166 -17.35 -33.31 -5.55
N LYS A 1167 -17.75 -34.15 -4.61
CA LYS A 1167 -19.15 -34.35 -4.27
C LYS A 1167 -19.59 -33.70 -2.97
N LYS A 1168 -18.70 -33.62 -1.97
CA LYS A 1168 -19.03 -33.17 -0.62
C LYS A 1168 -18.90 -31.64 -0.51
N PRO A 1169 -19.63 -31.03 0.41
CA PRO A 1169 -19.69 -29.56 0.46
C PRO A 1169 -18.33 -28.91 0.66
N VAL A 1170 -18.20 -27.69 0.15
CA VAL A 1170 -16.95 -26.95 0.16
C VAL A 1170 -17.22 -25.52 0.58
N ILE A 1171 -16.35 -24.97 1.44
CA ILE A 1171 -16.41 -23.57 1.85
C ILE A 1171 -15.10 -22.90 1.43
N VAL A 1172 -15.22 -21.75 0.76
CA VAL A 1172 -14.07 -20.96 0.35
C VAL A 1172 -14.10 -19.64 1.09
N PHE A 1173 -12.97 -19.28 1.71
CA PHE A 1173 -12.83 -18.01 2.42
C PHE A 1173 -12.05 -17.03 1.55
N VAL A 1174 -12.58 -15.82 1.42
CA VAL A 1174 -11.95 -14.78 0.60
C VAL A 1174 -11.73 -13.55 1.46
N PRO A 1175 -10.78 -12.70 1.08
CA PRO A 1175 -10.41 -11.57 1.97
C PRO A 1175 -11.47 -10.50 2.10
N SER A 1176 -12.33 -10.28 1.11
CA SER A 1176 -13.21 -9.13 1.11
C SER A 1176 -14.62 -9.53 0.69
N ARG A 1177 -15.55 -8.59 0.91
CA ARG A 1177 -16.94 -8.80 0.48
C ARG A 1177 -17.05 -8.81 -1.03
N LYS A 1178 -16.37 -7.87 -1.70
CA LYS A 1178 -16.37 -7.85 -3.16
C LYS A 1178 -15.82 -9.14 -3.75
N GLN A 1179 -14.89 -9.79 -3.03
CA GLN A 1179 -14.30 -11.03 -3.52
C GLN A 1179 -15.24 -12.22 -3.40
N THR A 1180 -16.25 -12.14 -2.52
CA THR A 1180 -17.22 -13.23 -2.41
C THR A 1180 -17.98 -13.42 -3.71
N ARG A 1181 -18.57 -12.34 -4.23
CA ARG A 1181 -19.30 -12.41 -5.48
C ARG A 1181 -18.38 -12.76 -6.66
N LEU A 1182 -17.15 -12.22 -6.68
CA LEU A 1182 -16.27 -12.42 -7.83
C LEU A 1182 -15.80 -13.87 -7.91
N THR A 1183 -15.35 -14.43 -6.79
CA THR A 1183 -14.89 -15.82 -6.78
C THR A 1183 -16.03 -16.79 -7.07
N ALA A 1184 -17.24 -16.47 -6.60
CA ALA A 1184 -18.40 -17.31 -6.90
C ALA A 1184 -18.65 -17.36 -8.41
N ILE A 1185 -18.68 -16.19 -9.05
CA ILE A 1185 -18.78 -16.14 -10.51
C ILE A 1185 -17.59 -16.84 -11.13
N ASP A 1186 -16.39 -16.62 -10.57
CA ASP A 1186 -15.19 -17.24 -11.11
C ASP A 1186 -15.30 -18.75 -11.12
N ILE A 1187 -15.67 -19.34 -9.96
CA ILE A 1187 -15.83 -20.79 -9.86
C ILE A 1187 -16.85 -21.29 -10.87
N LEU A 1188 -17.88 -20.48 -11.15
CA LEU A 1188 -18.96 -20.94 -12.02
C LEU A 1188 -18.47 -21.09 -13.47
N THR A 1189 -17.87 -20.04 -14.03
CA THR A 1189 -17.51 -20.09 -15.44
C THR A 1189 -16.37 -21.07 -15.71
N THR A 1190 -15.44 -21.26 -14.76
CA THR A 1190 -14.45 -22.33 -14.92
C THR A 1190 -15.11 -23.69 -14.85
N CYS A 1191 -16.14 -23.82 -14.00
CA CYS A 1191 -16.97 -25.01 -14.07
C CYS A 1191 -17.71 -25.09 -15.39
N ALA A 1192 -18.06 -23.95 -15.98
CA ALA A 1192 -18.71 -23.92 -17.28
C ALA A 1192 -17.73 -24.12 -18.44
N ALA A 1193 -16.44 -23.84 -18.22
CA ALA A 1193 -15.45 -24.02 -19.28
C ALA A 1193 -15.16 -25.50 -19.52
N ASP A 1194 -15.15 -26.29 -18.45
CA ASP A 1194 -15.00 -27.74 -18.58
C ASP A 1194 -16.29 -28.42 -19.00
N ILE A 1195 -17.33 -27.65 -19.32
CA ILE A 1195 -18.64 -28.15 -19.69
C ILE A 1195 -19.14 -29.08 -18.60
N GLN A 1196 -19.38 -28.51 -17.41
CA GLN A 1196 -19.87 -29.27 -16.27
C GLN A 1196 -20.80 -28.42 -15.41
N ARG A 1197 -21.55 -27.51 -16.03
CA ARG A 1197 -22.39 -26.58 -15.29
C ARG A 1197 -23.40 -27.32 -14.42
N GLN A 1198 -23.75 -26.69 -13.30
CA GLN A 1198 -24.75 -27.21 -12.36
C GLN A 1198 -24.34 -28.56 -11.78
N ARG A 1199 -23.03 -28.79 -11.67
CA ARG A 1199 -22.54 -29.98 -10.97
C ARG A 1199 -22.46 -29.76 -9.46
N PHE A 1200 -22.45 -28.52 -9.01
CA PHE A 1200 -22.48 -28.19 -7.60
C PHE A 1200 -23.91 -28.06 -7.07
N LEU A 1201 -24.91 -28.24 -7.92
CA LEU A 1201 -26.31 -28.20 -7.52
C LEU A 1201 -26.82 -29.63 -7.44
N HIS A 1202 -27.07 -30.10 -6.21
CA HIS A 1202 -27.52 -31.47 -5.98
C HIS A 1202 -29.02 -31.57 -5.75
N CYS A 1203 -29.76 -30.50 -6.04
CA CYS A 1203 -31.21 -30.54 -6.04
C CYS A 1203 -31.70 -30.05 -7.40
N THR A 1204 -32.91 -30.47 -7.76
CA THR A 1204 -33.49 -30.05 -9.01
C THR A 1204 -33.67 -28.53 -9.05
N GLU A 1205 -33.70 -27.99 -10.27
CA GLU A 1205 -33.68 -26.54 -10.43
C GLU A 1205 -35.00 -25.88 -10.06
N LYS A 1206 -36.09 -26.62 -10.05
CA LYS A 1206 -37.39 -26.04 -9.73
C LYS A 1206 -37.74 -26.09 -8.25
N ASP A 1207 -36.96 -26.82 -7.44
CA ASP A 1207 -37.15 -26.85 -5.99
C ASP A 1207 -36.30 -25.82 -5.27
N LEU A 1208 -35.97 -24.73 -5.94
CA LEU A 1208 -35.18 -23.65 -5.38
C LEU A 1208 -35.88 -22.30 -5.41
N ILE A 1209 -36.76 -22.09 -6.39
CA ILE A 1209 -37.49 -20.82 -6.46
C ILE A 1209 -38.29 -20.54 -5.20
N PRO A 1210 -38.89 -21.53 -4.53
CA PRO A 1210 -39.46 -21.25 -3.20
C PRO A 1210 -38.47 -20.60 -2.23
N TYR A 1211 -37.18 -20.80 -2.43
CA TYR A 1211 -36.16 -20.09 -1.66
C TYR A 1211 -35.47 -18.99 -2.46
N LEU A 1212 -35.57 -19.02 -3.79
CA LEU A 1212 -34.71 -18.20 -4.65
C LEU A 1212 -35.30 -16.84 -4.98
N GLU A 1213 -36.60 -16.64 -4.82
CA GLU A 1213 -37.20 -15.34 -5.10
C GLU A 1213 -37.35 -14.48 -3.85
N LYS A 1214 -36.91 -14.97 -2.70
CA LYS A 1214 -36.85 -14.17 -1.48
C LYS A 1214 -35.57 -13.35 -1.38
N LEU A 1215 -34.78 -13.31 -2.45
CA LEU A 1215 -33.50 -12.63 -2.44
C LEU A 1215 -33.64 -11.20 -2.97
N SER A 1216 -32.60 -10.40 -2.71
CA SER A 1216 -32.55 -9.01 -3.17
C SER A 1216 -31.27 -8.70 -3.95
N ASP A 1217 -30.48 -9.71 -4.27
CA ASP A 1217 -29.21 -9.52 -4.95
C ASP A 1217 -29.32 -9.86 -6.43
N SER A 1218 -28.39 -9.31 -7.21
CA SER A 1218 -28.35 -9.57 -8.64
C SER A 1218 -27.77 -10.96 -8.92
N THR A 1219 -26.51 -11.18 -8.56
CA THR A 1219 -25.81 -12.41 -8.94
C THR A 1219 -26.10 -13.57 -7.99
N LEU A 1220 -26.55 -13.30 -6.77
CA LEU A 1220 -26.85 -14.38 -5.84
C LEU A 1220 -27.92 -15.31 -6.39
N LYS A 1221 -28.87 -14.76 -7.15
CA LYS A 1221 -29.87 -15.60 -7.81
C LYS A 1221 -29.22 -16.42 -8.93
N GLU A 1222 -28.30 -15.81 -9.68
CA GLU A 1222 -27.65 -16.51 -10.78
C GLU A 1222 -26.71 -17.60 -10.28
N THR A 1223 -25.95 -17.32 -9.23
CA THR A 1223 -24.98 -18.28 -8.75
C THR A 1223 -25.66 -19.44 -8.04
N LEU A 1224 -26.70 -19.16 -7.25
CA LEU A 1224 -27.41 -20.23 -6.55
C LEU A 1224 -28.08 -21.19 -7.52
N LEU A 1225 -28.55 -20.69 -8.67
CA LEU A 1225 -29.12 -21.56 -9.69
C LEU A 1225 -28.09 -22.53 -10.24
N ASN A 1226 -26.80 -22.21 -10.13
CA ASN A 1226 -25.74 -23.10 -10.59
C ASN A 1226 -25.03 -23.80 -9.43
N GLY A 1227 -25.61 -23.78 -8.23
CA GLY A 1227 -25.10 -24.55 -7.12
C GLY A 1227 -24.02 -23.91 -6.30
N VAL A 1228 -23.89 -22.58 -6.33
CA VAL A 1228 -22.85 -21.87 -5.59
C VAL A 1228 -23.49 -20.66 -4.91
N GLY A 1229 -23.25 -20.52 -3.61
CA GLY A 1229 -23.67 -19.36 -2.87
C GLY A 1229 -22.49 -18.54 -2.37
N TYR A 1230 -22.81 -17.44 -1.70
CA TYR A 1230 -21.78 -16.63 -1.09
C TYR A 1230 -22.38 -15.82 0.04
N LEU A 1231 -21.58 -15.56 1.07
CA LEU A 1231 -22.00 -14.83 2.26
C LEU A 1231 -21.07 -13.65 2.50
N HIS A 1232 -21.66 -12.50 2.80
CA HIS A 1232 -20.88 -11.33 3.20
C HIS A 1232 -21.77 -10.43 4.04
N GLU A 1233 -21.15 -9.41 4.62
CA GLU A 1233 -21.86 -8.54 5.57
C GLU A 1233 -22.97 -7.75 4.89
N GLY A 1234 -22.80 -7.41 3.61
CA GLY A 1234 -23.80 -6.60 2.92
C GLY A 1234 -25.16 -7.25 2.77
N LEU A 1235 -25.22 -8.57 2.82
CA LEU A 1235 -26.49 -9.26 2.69
C LEU A 1235 -27.33 -9.11 3.96
N SER A 1236 -28.65 -9.11 3.78
CA SER A 1236 -29.57 -9.03 4.91
C SER A 1236 -29.49 -10.31 5.74
N PRO A 1237 -29.86 -10.24 7.03
CA PRO A 1237 -29.84 -11.45 7.85
C PRO A 1237 -30.72 -12.57 7.31
N MET A 1238 -31.77 -12.23 6.55
CA MET A 1238 -32.60 -13.27 5.95
C MET A 1238 -31.86 -13.97 4.81
N GLU A 1239 -31.10 -13.21 4.01
CA GLU A 1239 -30.40 -13.80 2.88
C GLU A 1239 -29.33 -14.78 3.34
N ARG A 1240 -28.66 -14.49 4.46
CA ARG A 1240 -27.62 -15.39 4.95
C ARG A 1240 -28.22 -16.70 5.43
N ARG A 1241 -29.38 -16.64 6.08
CA ARG A 1241 -30.03 -17.87 6.55
C ARG A 1241 -30.50 -18.73 5.38
N LEU A 1242 -30.91 -18.09 4.28
CA LEU A 1242 -31.36 -18.86 3.11
C LEU A 1242 -30.19 -19.56 2.43
N VAL A 1243 -29.02 -18.92 2.42
CA VAL A 1243 -27.84 -19.54 1.80
C VAL A 1243 -27.26 -20.61 2.71
N GLU A 1244 -27.30 -20.39 4.03
CA GLU A 1244 -26.81 -21.39 4.96
C GLU A 1244 -27.71 -22.62 4.99
N GLN A 1245 -29.01 -22.44 4.82
CA GLN A 1245 -29.93 -23.58 4.83
C GLN A 1245 -29.76 -24.43 3.59
N LEU A 1246 -29.60 -23.80 2.41
CA LEU A 1246 -29.39 -24.56 1.18
C LEU A 1246 -28.04 -25.26 1.19
N PHE A 1247 -27.05 -24.71 1.88
CA PHE A 1247 -25.73 -25.33 1.93
C PHE A 1247 -25.74 -26.57 2.82
N SER A 1248 -26.35 -26.47 4.00
CA SER A 1248 -26.37 -27.59 4.93
C SER A 1248 -27.32 -28.69 4.47
N SER A 1249 -28.37 -28.33 3.72
CA SER A 1249 -29.30 -29.33 3.17
C SER A 1249 -28.71 -30.08 1.98
N GLY A 1250 -27.49 -29.78 1.58
CA GLY A 1250 -26.86 -30.45 0.46
C GLY A 1250 -27.24 -29.94 -0.90
N ALA A 1251 -28.16 -28.97 -0.99
CA ALA A 1251 -28.60 -28.43 -2.27
C ALA A 1251 -27.42 -27.82 -3.03
N ILE A 1252 -26.88 -26.73 -2.52
CA ILE A 1252 -25.70 -26.11 -3.10
C ILE A 1252 -24.46 -26.69 -2.42
N GLN A 1253 -23.41 -26.92 -3.21
CA GLN A 1253 -22.21 -27.58 -2.72
C GLN A 1253 -21.11 -26.60 -2.30
N VAL A 1254 -21.05 -25.41 -2.90
CA VAL A 1254 -20.01 -24.45 -2.63
C VAL A 1254 -20.64 -23.17 -2.11
N VAL A 1255 -19.99 -22.56 -1.11
CA VAL A 1255 -20.38 -21.24 -0.61
C VAL A 1255 -19.10 -20.45 -0.32
N VAL A 1256 -19.09 -19.19 -0.72
CA VAL A 1256 -17.91 -18.34 -0.63
C VAL A 1256 -18.16 -17.29 0.43
N ALA A 1257 -17.52 -17.45 1.59
CA ALA A 1257 -17.71 -16.55 2.72
C ALA A 1257 -16.48 -15.67 2.90
N SER A 1258 -16.72 -14.44 3.35
CA SER A 1258 -15.62 -13.52 3.63
C SER A 1258 -14.97 -13.86 4.95
N ARG A 1259 -13.78 -13.28 5.16
CA ARG A 1259 -13.02 -13.57 6.37
C ARG A 1259 -13.72 -13.09 7.63
N SER A 1260 -14.46 -11.98 7.53
CA SER A 1260 -15.09 -11.40 8.71
C SER A 1260 -16.21 -12.25 9.27
N LEU A 1261 -16.72 -13.22 8.51
CA LEU A 1261 -17.83 -14.05 8.93
C LEU A 1261 -17.40 -15.39 9.51
N CYS A 1262 -16.09 -15.63 9.64
CA CYS A 1262 -15.60 -16.94 10.06
C CYS A 1262 -15.94 -17.28 11.50
N TRP A 1263 -16.45 -16.31 12.28
CA TRP A 1263 -16.86 -16.59 13.65
C TRP A 1263 -18.37 -16.74 13.81
N GLY A 1264 -19.16 -16.29 12.84
CA GLY A 1264 -20.60 -16.39 12.93
C GLY A 1264 -21.22 -17.15 11.78
N MET A 1265 -20.77 -18.38 11.56
CA MET A 1265 -21.28 -19.23 10.49
C MET A 1265 -21.73 -20.55 11.09
N ASN A 1266 -23.00 -20.90 10.87
CA ASN A 1266 -23.58 -22.14 11.39
C ASN A 1266 -23.66 -23.23 10.33
N VAL A 1267 -22.58 -23.39 9.55
CA VAL A 1267 -22.48 -24.47 8.56
C VAL A 1267 -21.07 -25.04 8.64
N ALA A 1268 -20.94 -26.29 8.19
CA ALA A 1268 -19.66 -26.97 8.15
C ALA A 1268 -19.55 -27.74 6.84
N ALA A 1269 -18.33 -27.84 6.32
CA ALA A 1269 -18.08 -28.45 5.03
C ALA A 1269 -17.00 -29.51 5.15
N HIS A 1270 -16.83 -30.27 4.07
CA HIS A 1270 -15.80 -31.30 4.01
C HIS A 1270 -14.45 -30.73 3.61
N LEU A 1271 -14.44 -29.70 2.75
CA LEU A 1271 -13.22 -29.05 2.31
C LEU A 1271 -13.34 -27.55 2.55
N VAL A 1272 -12.31 -26.96 3.13
CA VAL A 1272 -12.25 -25.51 3.35
C VAL A 1272 -11.02 -24.99 2.63
N ILE A 1273 -11.24 -24.04 1.72
CA ILE A 1273 -10.16 -23.41 0.96
C ILE A 1273 -10.00 -21.98 1.45
N ILE A 1274 -8.78 -21.63 1.87
CA ILE A 1274 -8.47 -20.29 2.33
C ILE A 1274 -7.73 -19.58 1.20
N MET A 1275 -8.45 -18.78 0.44
CA MET A 1275 -7.87 -18.04 -0.68
C MET A 1275 -7.21 -16.78 -0.15
N ASP A 1276 -5.87 -16.79 -0.11
CA ASP A 1276 -5.04 -15.70 0.42
C ASP A 1276 -5.24 -15.53 1.93
N THR A 1277 -4.24 -14.93 2.59
CA THR A 1277 -4.25 -14.77 4.04
C THR A 1277 -4.02 -13.32 4.44
N GLN A 1278 -4.48 -12.38 3.62
CA GLN A 1278 -4.30 -10.96 3.91
C GLN A 1278 -5.57 -10.21 3.53
N TYR A 1279 -5.78 -9.06 4.17
CA TYR A 1279 -6.88 -8.17 3.84
C TYR A 1279 -6.39 -6.73 3.90
N TYR A 1280 -7.10 -5.86 3.19
CA TYR A 1280 -6.73 -4.46 3.10
C TYR A 1280 -7.35 -3.70 4.26
N ASN A 1281 -6.52 -2.93 4.98
CA ASN A 1281 -6.99 -2.08 6.06
C ASN A 1281 -7.24 -0.68 5.52
N GLY A 1282 -8.46 -0.18 5.70
CA GLY A 1282 -8.84 1.07 5.08
C GLY A 1282 -8.14 2.28 5.65
N LYS A 1283 -7.82 2.27 6.96
CA LYS A 1283 -7.23 3.43 7.59
C LYS A 1283 -5.74 3.56 7.24
N ILE A 1284 -4.94 2.57 7.61
CA ILE A 1284 -3.50 2.62 7.39
C ILE A 1284 -3.12 2.45 5.93
N HIS A 1285 -4.08 2.13 5.07
CA HIS A 1285 -3.85 1.95 3.64
C HIS A 1285 -2.76 0.91 3.38
N ALA A 1286 -2.86 -0.21 4.10
CA ALA A 1286 -1.89 -1.28 3.97
C ALA A 1286 -2.58 -2.61 4.22
N TYR A 1287 -2.01 -3.67 3.65
CA TYR A 1287 -2.55 -5.01 3.82
C TYR A 1287 -2.16 -5.57 5.18
N VAL A 1288 -3.10 -6.28 5.81
CA VAL A 1288 -2.90 -6.85 7.13
C VAL A 1288 -2.96 -8.37 7.03
N ASP A 1289 -2.03 -9.04 7.70
CA ASP A 1289 -2.05 -10.50 7.75
C ASP A 1289 -3.23 -10.98 8.58
N TYR A 1290 -3.77 -12.13 8.20
CA TYR A 1290 -4.82 -12.76 8.98
C TYR A 1290 -4.28 -13.07 10.38
N PRO A 1291 -5.02 -12.77 11.44
CA PRO A 1291 -4.63 -13.26 12.77
C PRO A 1291 -4.59 -14.77 12.77
N ILE A 1292 -3.62 -15.33 13.49
CA ILE A 1292 -3.49 -16.78 13.54
C ILE A 1292 -4.73 -17.43 14.14
N TYR A 1293 -5.44 -16.69 14.99
CA TYR A 1293 -6.66 -17.22 15.58
C TYR A 1293 -7.79 -17.31 14.55
N ASP A 1294 -7.81 -16.40 13.58
CA ASP A 1294 -8.81 -16.49 12.51
C ASP A 1294 -8.55 -17.71 11.63
N VAL A 1295 -7.29 -17.99 11.32
CA VAL A 1295 -6.96 -19.13 10.47
C VAL A 1295 -7.34 -20.43 11.17
N LEU A 1296 -7.01 -20.54 12.46
CA LEU A 1296 -7.42 -21.72 13.23
C LEU A 1296 -8.93 -21.90 13.21
N GLN A 1297 -9.67 -20.78 13.24
CA GLN A 1297 -11.12 -20.86 13.22
C GLN A 1297 -11.64 -21.27 11.85
N MET A 1298 -11.01 -20.78 10.78
CA MET A 1298 -11.45 -21.13 9.43
C MET A 1298 -11.16 -22.60 9.11
N VAL A 1299 -10.02 -23.11 9.58
CA VAL A 1299 -9.69 -24.51 9.36
C VAL A 1299 -10.66 -25.42 10.12
N GLY A 1300 -11.15 -24.95 11.28
CA GLY A 1300 -12.08 -25.74 12.07
C GLY A 1300 -13.41 -25.99 11.41
N HIS A 1301 -13.76 -25.21 10.38
CA HIS A 1301 -15.00 -25.43 9.66
C HIS A 1301 -14.95 -26.67 8.77
N ALA A 1302 -13.76 -27.21 8.50
CA ALA A 1302 -13.62 -28.45 7.74
C ALA A 1302 -13.71 -29.63 8.71
N ASN A 1303 -14.93 -29.87 9.18
CA ASN A 1303 -15.15 -30.88 10.21
C ASN A 1303 -16.62 -31.29 10.18
N ARG A 1304 -16.88 -32.52 9.73
CA ARG A 1304 -18.21 -33.11 9.76
C ARG A 1304 -18.06 -34.49 10.38
N PRO A 1305 -18.14 -34.59 11.71
CA PRO A 1305 -17.80 -35.86 12.38
C PRO A 1305 -18.66 -37.05 11.96
N LEU A 1306 -19.97 -36.88 11.89
CA LEU A 1306 -20.88 -37.97 11.55
C LEU A 1306 -21.27 -37.97 10.08
N GLN A 1307 -20.41 -37.43 9.21
CA GLN A 1307 -20.69 -37.40 7.78
C GLN A 1307 -19.48 -37.72 6.90
N ASP A 1308 -18.26 -37.40 7.31
CA ASP A 1308 -17.07 -37.66 6.50
C ASP A 1308 -16.03 -38.39 7.33
N ASP A 1309 -15.28 -39.27 6.66
CA ASP A 1309 -14.20 -40.00 7.33
C ASP A 1309 -13.01 -39.10 7.64
N GLU A 1310 -12.90 -37.96 6.97
CA GLU A 1310 -11.74 -37.09 7.11
C GLU A 1310 -12.18 -35.64 6.91
N GLY A 1311 -11.22 -34.74 7.05
CA GLY A 1311 -11.45 -33.33 6.79
C GLY A 1311 -10.25 -32.71 6.11
N ARG A 1312 -10.47 -32.01 5.00
CA ARG A 1312 -9.39 -31.46 4.21
C ARG A 1312 -9.47 -29.94 4.18
N CYS A 1313 -8.30 -29.30 4.10
CA CYS A 1313 -8.22 -27.84 4.05
C CYS A 1313 -7.00 -27.44 3.22
N VAL A 1314 -7.22 -26.58 2.23
CA VAL A 1314 -6.16 -26.04 1.40
C VAL A 1314 -5.98 -24.58 1.75
N ILE A 1315 -4.75 -24.20 2.06
CA ILE A 1315 -4.40 -22.83 2.42
C ILE A 1315 -3.52 -22.27 1.32
N MET A 1316 -4.03 -21.29 0.58
CA MET A 1316 -3.27 -20.59 -0.44
C MET A 1316 -2.79 -19.27 0.14
N CYS A 1317 -1.47 -19.06 0.16
CA CYS A 1317 -0.88 -17.87 0.73
C CYS A 1317 0.32 -17.46 -0.11
N GLN A 1318 0.86 -16.28 0.22
CA GLN A 1318 2.12 -15.85 -0.37
C GLN A 1318 3.25 -16.75 0.13
N GLY A 1319 4.30 -16.87 -0.70
CA GLY A 1319 5.41 -17.74 -0.34
C GLY A 1319 6.08 -17.37 0.96
N SER A 1320 6.12 -16.07 1.29
CA SER A 1320 6.81 -15.63 2.49
C SER A 1320 6.11 -16.06 3.77
N LYS A 1321 4.84 -16.45 3.70
CA LYS A 1321 4.09 -16.89 4.87
C LYS A 1321 3.90 -18.40 4.92
N LYS A 1322 4.43 -19.14 3.95
CA LYS A 1322 4.22 -20.58 3.91
C LYS A 1322 4.83 -21.28 5.12
N ASP A 1323 6.09 -20.94 5.43
CA ASP A 1323 6.76 -21.59 6.55
C ASP A 1323 6.15 -21.18 7.89
N PHE A 1324 5.60 -19.97 7.98
CA PHE A 1324 4.98 -19.51 9.22
C PHE A 1324 3.79 -20.37 9.60
N PHE A 1325 2.94 -20.70 8.62
CA PHE A 1325 1.74 -21.48 8.92
C PHE A 1325 2.08 -22.92 9.26
N LYS A 1326 3.15 -23.47 8.69
CA LYS A 1326 3.53 -24.85 9.00
C LYS A 1326 3.93 -24.99 10.46
N LYS A 1327 4.58 -23.96 11.03
CA LYS A 1327 5.05 -24.02 12.40
C LYS A 1327 3.98 -23.68 13.42
N PHE A 1328 2.84 -23.15 13.00
CA PHE A 1328 1.78 -22.76 13.93
C PHE A 1328 0.43 -23.39 13.58
N LEU A 1329 0.44 -24.43 12.76
CA LEU A 1329 -0.75 -25.23 12.51
C LEU A 1329 -0.53 -26.71 12.76
N TYR A 1330 0.66 -27.23 12.43
CA TYR A 1330 0.99 -28.61 12.75
C TYR A 1330 1.39 -28.81 14.21
N GLU A 1331 1.86 -27.75 14.86
CA GLU A 1331 2.24 -27.75 16.26
C GLU A 1331 1.26 -26.91 17.08
N PRO A 1332 1.18 -27.13 18.39
CA PRO A 1332 0.31 -26.30 19.22
C PRO A 1332 0.75 -24.84 19.22
N LEU A 1333 -0.19 -23.97 19.59
CA LEU A 1333 0.00 -22.53 19.50
C LEU A 1333 0.55 -21.98 20.80
N PRO A 1334 1.68 -21.24 20.76
CA PRO A 1334 2.14 -20.56 21.97
C PRO A 1334 1.49 -19.20 22.13
N VAL A 1335 0.85 -18.97 23.28
CA VAL A 1335 0.17 -17.70 23.53
C VAL A 1335 0.91 -16.95 24.62
N GLU A 1336 0.90 -15.63 24.51
CA GLU A 1336 1.54 -14.73 25.46
C GLU A 1336 0.50 -13.79 26.05
N SER A 1337 0.95 -12.83 26.83
CA SER A 1337 0.09 -11.81 27.42
C SER A 1337 0.48 -10.44 26.89
N HIS A 1338 -0.49 -9.53 26.92
CA HIS A 1338 -0.23 -8.14 26.56
C HIS A 1338 -0.94 -7.19 27.52
N LEU A 1339 -1.23 -7.63 28.73
CA LEU A 1339 -1.91 -6.79 29.71
C LEU A 1339 -1.06 -5.60 30.12
N ASP A 1340 0.27 -5.72 30.04
CA ASP A 1340 1.14 -4.61 30.38
C ASP A 1340 0.97 -3.42 29.45
N HIS A 1341 0.33 -3.62 28.30
CA HIS A 1341 0.00 -2.54 27.38
C HIS A 1341 -1.43 -2.05 27.54
N CYS A 1342 -2.16 -2.56 28.54
CA CYS A 1342 -3.55 -2.17 28.80
C CYS A 1342 -3.78 -2.10 30.31
N MET A 1343 -2.80 -1.61 31.05
CA MET A 1343 -2.85 -1.67 32.51
C MET A 1343 -3.65 -0.53 33.14
N HIS A 1344 -3.78 0.60 32.45
CA HIS A 1344 -4.36 1.79 33.08
C HIS A 1344 -5.84 1.59 33.42
N ASP A 1345 -6.62 1.11 32.47
CA ASP A 1345 -8.07 1.03 32.67
C ASP A 1345 -8.45 0.05 33.77
N HIS A 1346 -7.65 -1.00 33.98
CA HIS A 1346 -7.96 -1.99 35.00
C HIS A 1346 -7.40 -1.60 36.37
N PHE A 1347 -6.19 -1.04 36.41
CA PHE A 1347 -5.66 -0.54 37.67
C PHE A 1347 -6.59 0.50 38.28
N ASN A 1348 -7.22 1.33 37.44
CA ASN A 1348 -8.16 2.33 37.94
C ASN A 1348 -9.36 1.67 38.59
N ALA A 1349 -9.89 0.60 37.96
CA ALA A 1349 -11.06 -0.07 38.51
C ALA A 1349 -10.75 -0.71 39.85
N GLU A 1350 -9.55 -1.28 40.01
CA GLU A 1350 -9.17 -1.90 41.26
C GLU A 1350 -8.93 -0.88 42.37
N ILE A 1351 -8.65 0.38 42.01
CA ILE A 1351 -8.49 1.41 43.01
C ILE A 1351 -9.85 1.95 43.46
N VAL A 1352 -10.82 2.00 42.55
CA VAL A 1352 -12.17 2.45 42.92
C VAL A 1352 -12.81 1.46 43.87
N THR A 1353 -12.71 0.16 43.56
CA THR A 1353 -13.29 -0.89 44.39
C THR A 1353 -12.41 -1.25 45.59
N LYS A 1354 -11.36 -0.47 45.86
CA LYS A 1354 -10.51 -0.60 47.04
C LYS A 1354 -9.79 -1.94 47.11
N THR A 1355 -9.61 -2.61 45.97
CA THR A 1355 -8.77 -3.80 45.95
C THR A 1355 -7.29 -3.43 45.98
N ILE A 1356 -6.93 -2.35 45.29
CA ILE A 1356 -5.57 -1.81 45.32
C ILE A 1356 -5.63 -0.50 46.08
N GLU A 1357 -4.98 -0.47 47.26
CA GLU A 1357 -4.97 0.72 48.10
C GLU A 1357 -3.62 1.39 48.19
N ASN A 1358 -2.53 0.69 47.89
CA ASN A 1358 -1.20 1.26 47.88
C ASN A 1358 -0.41 0.65 46.74
N LYS A 1359 0.83 1.10 46.57
CA LYS A 1359 1.66 0.60 45.48
C LYS A 1359 2.05 -0.86 45.69
N GLN A 1360 2.19 -1.30 46.94
CA GLN A 1360 2.46 -2.70 47.21
C GLN A 1360 1.28 -3.59 46.82
N ASP A 1361 0.06 -3.08 46.99
CA ASP A 1361 -1.12 -3.85 46.57
C ASP A 1361 -1.17 -4.00 45.05
N ALA A 1362 -0.68 -3.00 44.32
CA ALA A 1362 -0.67 -3.08 42.87
C ALA A 1362 0.24 -4.21 42.38
N VAL A 1363 1.39 -4.39 43.04
CA VAL A 1363 2.26 -5.51 42.70
C VAL A 1363 1.60 -6.83 43.06
N ASP A 1364 0.83 -6.86 44.15
CA ASP A 1364 0.12 -8.07 44.54
C ASP A 1364 -0.95 -8.42 43.51
N TYR A 1365 -1.61 -7.41 42.96
CA TYR A 1365 -2.64 -7.66 41.94
C TYR A 1365 -2.03 -8.23 40.67
N LEU A 1366 -0.84 -7.73 40.29
CA LEU A 1366 -0.17 -8.23 39.09
C LEU A 1366 0.28 -9.67 39.23
N THR A 1367 0.31 -10.21 40.45
CA THR A 1367 0.78 -11.57 40.66
C THR A 1367 -0.28 -12.63 40.39
N TRP A 1368 -1.56 -12.24 40.36
CA TRP A 1368 -2.64 -13.17 40.06
C TRP A 1368 -2.87 -13.34 38.57
N THR A 1369 -2.17 -12.60 37.73
CA THR A 1369 -2.45 -12.55 36.30
C THR A 1369 -1.63 -13.58 35.54
N PHE A 1370 -2.11 -13.90 34.33
CA PHE A 1370 -1.31 -14.68 33.39
C PHE A 1370 -0.16 -13.86 32.84
N LEU A 1371 -0.30 -12.53 32.85
CA LEU A 1371 0.80 -11.65 32.46
C LEU A 1371 2.07 -11.95 33.23
N TYR A 1372 1.94 -12.33 34.51
CA TYR A 1372 3.12 -12.56 35.33
C TYR A 1372 3.71 -13.96 35.17
N ARG A 1373 2.88 -14.97 34.92
CA ARG A 1373 3.41 -16.33 34.78
C ARG A 1373 4.35 -16.44 33.60
N ARG A 1374 4.06 -15.72 32.51
CA ARG A 1374 4.89 -15.78 31.31
C ARG A 1374 6.15 -14.93 31.41
N MET A 1375 6.26 -14.04 32.39
CA MET A 1375 7.44 -13.19 32.48
C MET A 1375 8.67 -13.94 32.97
N THR A 1376 8.52 -15.17 33.45
CA THR A 1376 9.66 -16.01 33.77
C THR A 1376 9.90 -17.13 32.76
N GLN A 1377 8.87 -17.53 32.01
CA GLN A 1377 9.04 -18.54 30.97
C GLN A 1377 9.66 -17.96 29.71
N ASN A 1378 9.44 -16.67 29.45
CA ASN A 1378 9.98 -16.00 28.27
C ASN A 1378 10.19 -14.53 28.61
N PRO A 1379 11.29 -14.19 29.29
CA PRO A 1379 11.46 -12.82 29.77
C PRO A 1379 11.68 -11.80 28.66
N ASN A 1380 12.37 -12.17 27.58
CA ASN A 1380 12.68 -11.21 26.52
C ASN A 1380 11.42 -10.72 25.81
N TYR A 1381 10.33 -11.50 25.81
CA TYR A 1381 9.09 -11.04 25.20
C TYR A 1381 8.55 -9.81 25.91
N TYR A 1382 8.84 -9.64 27.19
CA TYR A 1382 8.39 -8.50 27.98
C TYR A 1382 9.52 -7.55 28.33
N ASN A 1383 10.59 -7.55 27.53
CA ASN A 1383 11.75 -6.68 27.72
C ASN A 1383 12.38 -6.87 29.10
N LEU A 1384 12.86 -8.10 29.32
CA LEU A 1384 13.51 -8.47 30.57
C LEU A 1384 14.76 -9.28 30.25
N GLN A 1385 15.86 -8.95 30.92
CA GLN A 1385 17.14 -9.61 30.69
C GLN A 1385 17.50 -10.61 31.77
N GLY A 1386 16.51 -11.11 32.51
CA GLY A 1386 16.77 -12.10 33.54
C GLY A 1386 15.52 -12.56 34.27
N ILE A 1387 15.44 -13.86 34.56
CA ILE A 1387 14.30 -14.41 35.27
C ILE A 1387 14.55 -14.34 36.77
N SER A 1388 15.51 -13.50 37.17
CA SER A 1388 15.78 -13.31 38.59
C SER A 1388 14.55 -12.76 39.29
N HIS A 1389 14.44 -13.06 40.59
CA HIS A 1389 13.30 -12.59 41.36
C HIS A 1389 13.35 -11.08 41.56
N ARG A 1390 14.55 -10.54 41.82
CA ARG A 1390 14.69 -9.09 41.95
C ARG A 1390 14.54 -8.38 40.62
N HIS A 1391 14.78 -9.07 39.50
CA HIS A 1391 14.48 -8.49 38.20
C HIS A 1391 12.98 -8.34 38.00
N LEU A 1392 12.18 -9.24 38.58
CA LEU A 1392 10.73 -9.17 38.41
C LEU A 1392 10.14 -8.03 39.22
N SER A 1393 10.57 -7.86 40.47
CA SER A 1393 10.06 -6.77 41.29
C SER A 1393 10.34 -5.42 40.65
N ASP A 1394 11.57 -5.23 40.16
CA ASP A 1394 11.92 -3.99 39.48
C ASP A 1394 11.01 -3.76 38.29
N HIS A 1395 10.79 -4.79 37.46
CA HIS A 1395 9.91 -4.64 36.30
C HIS A 1395 8.48 -4.39 36.73
N LEU A 1396 7.98 -5.20 37.68
CA LEU A 1396 6.62 -5.01 38.18
C LEU A 1396 6.45 -3.63 38.81
N SER A 1397 7.48 -3.14 39.49
CA SER A 1397 7.38 -1.85 40.15
C SER A 1397 7.28 -0.72 39.13
N GLU A 1398 8.15 -0.72 38.12
CA GLU A 1398 8.10 0.33 37.09
C GLU A 1398 6.78 0.32 36.35
N LEU A 1399 6.29 -0.88 36.00
CA LEU A 1399 4.96 -0.98 35.42
C LEU A 1399 3.90 -0.45 36.37
N VAL A 1400 4.10 -0.61 37.68
CA VAL A 1400 3.17 -0.06 38.65
C VAL A 1400 3.34 1.45 38.76
N GLU A 1401 4.59 1.93 38.80
CA GLU A 1401 4.83 3.35 38.96
C GLU A 1401 4.31 4.15 37.76
N GLN A 1402 4.65 3.70 36.55
CA GLN A 1402 4.24 4.43 35.35
C GLN A 1402 2.73 4.38 35.14
N THR A 1403 2.09 3.28 35.55
CA THR A 1403 0.64 3.19 35.40
C THR A 1403 -0.07 4.08 36.41
N LEU A 1404 0.38 4.07 37.67
CA LEU A 1404 -0.26 4.90 38.68
C LEU A 1404 0.03 6.39 38.47
N SER A 1405 1.18 6.71 37.86
CA SER A 1405 1.49 8.11 37.59
C SER A 1405 0.67 8.66 36.43
N ASP A 1406 0.37 7.82 35.44
CA ASP A 1406 -0.48 8.27 34.33
C ASP A 1406 -1.91 8.50 34.80
N LEU A 1407 -2.43 7.60 35.63
CA LEU A 1407 -3.77 7.80 36.17
C LEU A 1407 -3.84 9.01 37.08
N GLU A 1408 -2.74 9.31 37.79
CA GLU A 1408 -2.73 10.48 38.66
C GLU A 1408 -2.60 11.78 37.86
N GLN A 1409 -1.91 11.73 36.71
CA GLN A 1409 -1.80 12.91 35.87
C GLN A 1409 -3.14 13.28 35.26
N SER A 1410 -3.94 12.28 34.87
CA SER A 1410 -5.28 12.50 34.36
C SER A 1410 -6.28 12.81 35.47
N LYS A 1411 -5.83 12.93 36.71
CA LYS A 1411 -6.68 13.20 37.86
C LYS A 1411 -7.75 12.12 38.03
N CYS A 1412 -7.35 10.86 37.83
CA CYS A 1412 -8.22 9.74 38.08
C CYS A 1412 -8.02 9.15 39.47
N ILE A 1413 -6.80 9.21 40.00
CA ILE A 1413 -6.47 8.71 41.33
C ILE A 1413 -5.60 9.75 42.03
N SER A 1414 -5.39 9.53 43.32
CA SER A 1414 -4.52 10.36 44.13
C SER A 1414 -3.34 9.53 44.62
N ILE A 1415 -2.20 10.20 44.83
CA ILE A 1415 -1.00 9.56 45.35
C ILE A 1415 -0.48 10.40 46.51
N GLU A 1416 -0.41 9.79 47.69
CA GLU A 1416 0.04 10.48 48.90
C GLU A 1416 1.29 9.79 49.43
N ASP A 1417 2.36 10.57 49.62
CA ASP A 1417 3.62 10.08 50.19
C ASP A 1417 4.24 8.97 49.34
N GLU A 1418 4.04 9.04 48.02
CA GLU A 1418 4.64 8.12 47.06
C GLU A 1418 4.35 6.65 47.36
N MET A 1419 3.25 6.37 48.05
CA MET A 1419 2.95 5.01 48.46
C MET A 1419 1.46 4.70 48.38
N ASP A 1420 0.64 5.53 49.01
CA ASP A 1420 -0.80 5.29 49.08
C ASP A 1420 -1.50 5.88 47.86
N VAL A 1421 -2.48 5.13 47.35
CA VAL A 1421 -3.29 5.57 46.22
C VAL A 1421 -4.76 5.52 46.62
N ALA A 1422 -5.53 6.47 46.13
CA ALA A 1422 -6.95 6.57 46.42
C ALA A 1422 -7.69 7.08 45.18
N PRO A 1423 -8.89 6.61 44.94
CA PRO A 1423 -9.61 7.00 43.72
C PRO A 1423 -10.24 8.38 43.84
N LEU A 1424 -10.28 9.07 42.71
CA LEU A 1424 -10.96 10.35 42.59
C LEU A 1424 -12.32 10.18 41.93
N ASN A 1425 -13.10 11.27 41.92
CA ASN A 1425 -14.43 11.21 41.33
C ASN A 1425 -14.36 10.90 39.84
N LEU A 1426 -13.37 11.45 39.15
CA LEU A 1426 -13.22 11.17 37.72
C LEU A 1426 -12.91 9.71 37.48
N GLY A 1427 -12.12 9.09 38.36
CA GLY A 1427 -11.82 7.68 38.22
C GLY A 1427 -12.98 6.78 38.58
N MET A 1428 -13.84 7.24 39.49
CA MET A 1428 -14.99 6.43 39.89
C MET A 1428 -16.06 6.39 38.80
N ILE A 1429 -16.13 7.44 37.98
CA ILE A 1429 -17.10 7.45 36.88
C ILE A 1429 -16.62 6.58 35.73
N ALA A 1430 -15.31 6.62 35.42
CA ALA A 1430 -14.78 5.83 34.32
C ALA A 1430 -14.90 4.33 34.60
N ALA A 1431 -14.64 3.92 35.84
CA ALA A 1431 -14.74 2.50 36.18
C ALA A 1431 -16.20 2.06 36.28
N TYR A 1432 -17.11 2.98 36.62
CA TYR A 1432 -18.51 2.61 36.79
C TYR A 1432 -19.17 2.32 35.43
N TYR A 1433 -18.84 3.11 34.41
CA TYR A 1433 -19.44 2.97 33.10
C TYR A 1433 -18.52 2.29 32.09
N TYR A 1434 -17.39 1.75 32.54
CA TYR A 1434 -16.44 1.05 31.67
C TYR A 1434 -15.93 1.97 30.56
N ILE A 1435 -15.24 3.04 30.97
CA ILE A 1435 -14.77 4.07 30.06
C ILE A 1435 -13.26 4.17 30.17
N ASN A 1436 -12.60 4.37 29.03
CA ASN A 1436 -11.16 4.60 29.02
C ASN A 1436 -10.83 5.87 29.80
N TYR A 1437 -9.72 5.81 30.55
CA TYR A 1437 -9.34 6.97 31.36
C TYR A 1437 -8.95 8.16 30.49
N THR A 1438 -8.45 7.91 29.28
CA THR A 1438 -8.16 9.02 28.37
C THR A 1438 -9.44 9.70 27.89
N THR A 1439 -10.52 8.93 27.72
CA THR A 1439 -11.79 9.53 27.33
C THR A 1439 -12.33 10.45 28.41
N ILE A 1440 -12.24 10.03 29.67
CA ILE A 1440 -12.80 10.83 30.75
C ILE A 1440 -11.91 12.01 31.13
N GLU A 1441 -10.65 12.03 30.69
CA GLU A 1441 -9.81 13.20 30.94
C GLU A 1441 -10.28 14.39 30.11
N LEU A 1442 -10.40 14.21 28.79
CA LEU A 1442 -10.99 15.24 27.97
C LEU A 1442 -12.47 15.44 28.25
N PHE A 1443 -13.07 14.58 29.09
CA PHE A 1443 -14.43 14.78 29.56
C PHE A 1443 -14.44 15.68 30.79
N SER A 1444 -13.49 16.61 30.86
CA SER A 1444 -13.47 17.63 31.89
C SER A 1444 -12.74 18.85 31.36
N MET A 1445 -11.87 18.64 30.36
CA MET A 1445 -11.26 19.76 29.66
C MET A 1445 -12.28 20.48 28.79
N SER A 1446 -13.25 19.74 28.23
CA SER A 1446 -14.17 20.28 27.24
C SER A 1446 -15.49 20.75 27.80
N LEU A 1447 -16.00 20.11 28.85
CA LEU A 1447 -17.28 20.50 29.42
C LEU A 1447 -17.11 21.72 30.33
N ASN A 1448 -18.24 22.38 30.60
CA ASN A 1448 -18.24 23.63 31.33
C ASN A 1448 -19.63 23.85 31.92
N ALA A 1449 -19.91 25.08 32.35
CA ALA A 1449 -21.17 25.40 33.00
C ALA A 1449 -22.28 25.80 32.04
N LYS A 1450 -21.94 26.26 30.84
CA LYS A 1450 -22.94 26.68 29.86
C LYS A 1450 -22.98 25.76 28.64
N THR A 1451 -22.58 24.49 28.82
CA THR A 1451 -22.73 23.51 27.77
C THR A 1451 -24.21 23.14 27.59
N LYS A 1452 -24.57 22.76 26.37
CA LYS A 1452 -25.95 22.35 26.09
C LYS A 1452 -25.90 21.29 24.99
N VAL A 1453 -27.04 21.13 24.30
CA VAL A 1453 -27.22 20.01 23.37
C VAL A 1453 -26.18 20.01 22.25
N ARG A 1454 -25.49 21.12 22.04
CA ARG A 1454 -24.50 21.20 20.97
C ARG A 1454 -23.11 20.82 21.46
N GLY A 1455 -22.67 21.39 22.59
CA GLY A 1455 -21.38 21.03 23.12
C GLY A 1455 -21.30 19.57 23.54
N LEU A 1456 -22.43 18.98 23.92
CA LEU A 1456 -22.42 17.60 24.41
C LEU A 1456 -22.06 16.63 23.30
N ILE A 1457 -22.67 16.78 22.12
CA ILE A 1457 -22.45 15.82 21.04
C ILE A 1457 -21.02 15.90 20.52
N GLU A 1458 -20.48 17.12 20.40
CA GLU A 1458 -19.12 17.27 19.90
C GLU A 1458 -18.08 16.72 20.88
N ILE A 1459 -18.42 16.62 22.16
CA ILE A 1459 -17.46 16.10 23.14
C ILE A 1459 -17.50 14.58 23.17
N ILE A 1460 -18.70 14.00 23.22
CA ILE A 1460 -18.83 12.55 23.28
C ILE A 1460 -18.37 11.89 21.99
N SER A 1461 -18.39 12.60 20.87
CA SER A 1461 -17.95 12.02 19.61
C SER A 1461 -16.44 11.87 19.55
N ASN A 1462 -15.70 12.77 20.19
CA ASN A 1462 -14.24 12.70 20.25
C ASN A 1462 -13.74 11.69 21.28
N ALA A 1463 -14.56 10.72 21.67
CA ALA A 1463 -14.15 9.72 22.64
C ALA A 1463 -13.19 8.71 22.00
N ALA A 1464 -12.35 8.11 22.85
CA ALA A 1464 -11.41 7.11 22.36
C ALA A 1464 -12.10 5.81 21.97
N GLU A 1465 -13.30 5.55 22.48
CA GLU A 1465 -14.04 4.35 22.10
C GLU A 1465 -14.59 4.41 20.68
N TYR A 1466 -14.47 5.54 20.01
CA TYR A 1466 -14.92 5.71 18.63
C TYR A 1466 -13.76 5.77 17.65
N GLU A 1467 -12.53 5.58 18.12
CA GLU A 1467 -11.35 5.58 17.26
C GLU A 1467 -11.00 4.15 16.84
N ASN A 1468 -11.96 3.50 16.18
CA ASN A 1468 -11.81 2.11 15.80
C ASN A 1468 -12.53 1.77 14.51
N ILE A 1469 -13.71 2.36 14.30
CA ILE A 1469 -14.48 2.07 13.09
C ILE A 1469 -13.77 2.67 11.88
N PRO A 1470 -13.77 2.01 10.72
CA PRO A 1470 -12.98 2.51 9.59
C PRO A 1470 -13.53 3.77 8.96
N ILE A 1471 -12.85 4.25 7.92
CA ILE A 1471 -13.27 5.43 7.19
C ILE A 1471 -13.37 5.08 5.71
N ARG A 1472 -14.40 5.62 5.06
CA ARG A 1472 -14.57 5.51 3.62
C ARG A 1472 -14.56 6.90 3.02
N HIS A 1473 -13.62 7.15 2.12
CA HIS A 1473 -13.54 8.45 1.45
C HIS A 1473 -14.17 8.43 0.06
N HIS A 1474 -14.75 7.30 -0.35
CA HIS A 1474 -15.78 7.35 -1.37
C HIS A 1474 -17.08 7.94 -0.82
N GLU A 1475 -17.14 8.18 0.49
CA GLU A 1475 -18.27 8.83 1.14
C GLU A 1475 -18.07 10.32 1.34
N ASP A 1476 -16.84 10.83 1.14
CA ASP A 1476 -16.46 12.15 1.66
C ASP A 1476 -17.45 13.25 1.32
N ASN A 1477 -18.13 13.14 0.18
CA ASN A 1477 -19.12 14.16 -0.18
C ASN A 1477 -20.52 13.84 0.33
N LEU A 1478 -20.79 12.59 0.71
CA LEU A 1478 -22.01 12.31 1.45
C LEU A 1478 -22.00 13.01 2.80
N LEU A 1479 -20.85 12.98 3.48
CA LEU A 1479 -20.68 13.68 4.74
C LEU A 1479 -20.44 15.17 4.54
N ARG A 1480 -19.94 15.56 3.37
CA ARG A 1480 -19.79 16.99 3.07
C ARG A 1480 -21.15 17.68 3.06
N GLN A 1481 -22.18 17.01 2.54
CA GLN A 1481 -23.53 17.56 2.56
C GLN A 1481 -24.28 17.23 3.84
N LEU A 1482 -23.99 16.09 4.48
CA LEU A 1482 -24.61 15.82 5.77
C LEU A 1482 -24.10 16.76 6.85
N ALA A 1483 -22.91 17.32 6.67
CA ALA A 1483 -22.47 18.39 7.57
C ALA A 1483 -23.40 19.59 7.54
N GLN A 1484 -24.25 19.69 6.51
CA GLN A 1484 -25.29 20.70 6.46
C GLN A 1484 -26.69 20.14 6.28
N LYS A 1485 -26.83 18.84 6.04
CA LYS A 1485 -28.14 18.20 6.22
C LYS A 1485 -28.63 18.36 7.65
N VAL A 1486 -27.72 18.57 8.59
CA VAL A 1486 -28.02 18.74 10.00
C VAL A 1486 -28.65 20.12 10.20
N PRO A 1487 -29.57 20.28 11.15
CA PRO A 1487 -30.03 21.61 11.55
C PRO A 1487 -29.10 22.34 12.49
N HIS A 1488 -27.88 21.85 12.67
CA HIS A 1488 -26.99 22.29 13.75
C HIS A 1488 -25.61 22.58 13.19
N LYS A 1489 -25.08 23.77 13.49
CA LYS A 1489 -23.95 24.32 12.76
C LYS A 1489 -22.61 23.76 13.24
N LEU A 1490 -21.69 23.54 12.30
CA LEU A 1490 -20.35 23.07 12.62
C LEU A 1490 -19.30 23.96 11.98
N ASN A 1491 -18.11 23.95 12.58
CA ASN A 1491 -17.05 24.87 12.25
C ASN A 1491 -15.82 24.22 11.67
N ASN A 1492 -15.47 23.03 12.11
CA ASN A 1492 -14.19 22.46 11.71
C ASN A 1492 -14.35 21.65 10.44
N PRO A 1493 -13.39 21.73 9.54
CA PRO A 1493 -13.40 20.85 8.37
C PRO A 1493 -13.08 19.41 8.77
N LYS A 1494 -11.95 18.91 8.27
CA LYS A 1494 -11.44 17.57 8.53
C LYS A 1494 -12.52 16.50 8.54
N PHE A 1495 -12.74 15.86 7.39
CA PHE A 1495 -13.83 14.90 7.22
C PHE A 1495 -13.35 13.46 7.16
N ASN A 1496 -12.06 13.22 7.42
CA ASN A 1496 -11.55 11.88 7.69
C ASN A 1496 -11.46 11.58 9.18
N ASP A 1497 -11.59 12.60 10.02
CA ASP A 1497 -11.56 12.45 11.46
C ASP A 1497 -12.55 11.38 11.91
N PRO A 1498 -12.09 10.28 12.51
CA PRO A 1498 -13.02 9.23 12.95
C PRO A 1498 -14.00 9.68 14.02
N HIS A 1499 -13.84 10.88 14.57
CA HIS A 1499 -14.76 11.44 15.54
C HIS A 1499 -15.76 12.41 14.92
N VAL A 1500 -15.32 13.23 13.97
CA VAL A 1500 -16.24 14.14 13.30
C VAL A 1500 -17.21 13.37 12.41
N LYS A 1501 -16.73 12.28 11.80
CA LYS A 1501 -17.62 11.45 10.99
C LYS A 1501 -18.69 10.78 11.84
N THR A 1502 -18.42 10.57 13.13
CA THR A 1502 -19.41 10.06 14.05
C THR A 1502 -20.28 11.16 14.63
N ASN A 1503 -19.75 12.38 14.72
CA ASN A 1503 -20.55 13.53 15.14
C ASN A 1503 -21.70 13.76 14.18
N LEU A 1504 -21.43 13.74 12.88
CA LEU A 1504 -22.51 13.81 11.90
C LEU A 1504 -23.35 12.54 11.92
N LEU A 1505 -22.73 11.40 12.23
CA LEU A 1505 -23.47 10.13 12.28
C LEU A 1505 -24.40 10.09 13.48
N LEU A 1506 -24.02 10.71 14.60
CA LEU A 1506 -24.91 10.77 15.75
C LEU A 1506 -26.14 11.60 15.42
N GLN A 1507 -25.95 12.76 14.79
CA GLN A 1507 -27.08 13.57 14.35
C GLN A 1507 -27.83 12.94 13.18
N ALA A 1508 -27.17 12.06 12.42
CA ALA A 1508 -27.87 11.30 11.40
C ALA A 1508 -28.87 10.34 12.03
N HIS A 1509 -28.57 9.82 13.21
CA HIS A 1509 -29.51 8.96 13.92
C HIS A 1509 -30.68 9.77 14.47
N LEU A 1510 -30.41 10.98 14.96
CA LEU A 1510 -31.46 11.83 15.51
C LEU A 1510 -32.33 12.46 14.42
N SER A 1511 -31.97 12.29 13.15
CA SER A 1511 -32.73 12.83 12.04
C SER A 1511 -33.45 11.74 11.25
N ARG A 1512 -33.43 10.50 11.76
CA ARG A 1512 -34.08 9.36 11.11
C ARG A 1512 -33.74 9.27 9.62
N MET A 1513 -32.46 9.46 9.29
CA MET A 1513 -31.99 9.28 7.93
C MET A 1513 -31.57 7.83 7.73
N GLN A 1514 -32.57 6.98 7.56
CA GLN A 1514 -32.36 5.55 7.46
C GLN A 1514 -31.65 5.20 6.15
N LEU A 1515 -31.31 3.92 6.01
CA LEU A 1515 -30.53 3.37 4.90
C LEU A 1515 -29.16 4.03 4.82
N SER A 1516 -28.13 3.26 5.10
CA SER A 1516 -26.74 3.68 4.91
C SER A 1516 -25.95 2.51 4.35
N ALA A 1517 -26.50 1.88 3.30
CA ALA A 1517 -26.03 0.58 2.84
C ALA A 1517 -26.00 -0.37 4.02
N GLU A 1518 -24.84 -0.48 4.67
CA GLU A 1518 -24.81 -1.03 6.02
C GLU A 1518 -23.86 -0.26 6.93
N LEU A 1519 -23.57 1.00 6.59
CA LEU A 1519 -23.12 1.95 7.60
C LEU A 1519 -24.14 2.05 8.72
N GLN A 1520 -25.40 1.67 8.45
CA GLN A 1520 -26.40 1.51 9.49
C GLN A 1520 -25.85 0.72 10.68
N SER A 1521 -25.01 -0.28 10.41
CA SER A 1521 -24.40 -1.04 11.50
C SER A 1521 -23.33 -0.23 12.22
N ASP A 1522 -22.64 0.66 11.51
CA ASP A 1522 -21.68 1.54 12.18
C ASP A 1522 -22.37 2.37 13.27
N THR A 1523 -23.57 2.87 12.99
CA THR A 1523 -24.33 3.59 14.00
C THR A 1523 -24.76 2.66 15.13
N GLU A 1524 -25.09 1.41 14.81
CA GLU A 1524 -25.58 0.49 15.82
C GLU A 1524 -24.50 0.14 16.84
N GLU A 1525 -23.23 0.17 16.44
CA GLU A 1525 -22.13 -0.01 17.38
C GLU A 1525 -21.73 1.28 18.07
N ILE A 1526 -22.03 2.44 17.47
CA ILE A 1526 -21.83 3.71 18.15
C ILE A 1526 -22.85 3.87 19.27
N LEU A 1527 -24.11 3.55 19.00
CA LEU A 1527 -25.14 3.61 20.03
C LEU A 1527 -24.86 2.63 21.15
N SER A 1528 -24.08 1.57 20.90
CA SER A 1528 -23.72 0.62 21.94
C SER A 1528 -22.82 1.23 23.00
N LYS A 1529 -22.30 2.44 22.78
CA LYS A 1529 -21.47 3.12 23.75
C LYS A 1529 -21.89 4.55 24.02
N ALA A 1530 -22.94 5.04 23.37
CA ALA A 1530 -23.37 6.42 23.56
C ALA A 1530 -24.06 6.64 24.90
N ILE A 1531 -24.82 5.66 25.37
CA ILE A 1531 -25.55 5.82 26.63
C ILE A 1531 -24.59 5.92 27.80
N ARG A 1532 -23.59 5.04 27.85
CA ARG A 1532 -22.63 5.07 28.95
C ARG A 1532 -21.76 6.32 28.89
N LEU A 1533 -21.59 6.91 27.72
CA LEU A 1533 -20.82 8.15 27.61
C LEU A 1533 -21.65 9.35 28.01
N ILE A 1534 -22.94 9.35 27.70
CA ILE A 1534 -23.82 10.45 28.10
C ILE A 1534 -23.97 10.49 29.62
N GLN A 1535 -24.16 9.31 30.24
CA GLN A 1535 -24.28 9.25 31.69
C GLN A 1535 -22.99 9.68 32.37
N ALA A 1536 -21.85 9.54 31.70
CA ALA A 1536 -20.59 10.00 32.25
C ALA A 1536 -20.57 11.51 32.40
N CYS A 1537 -20.98 12.22 31.34
CA CYS A 1537 -21.04 13.68 31.40
C CYS A 1537 -22.07 14.14 32.43
N VAL A 1538 -23.20 13.42 32.52
CA VAL A 1538 -24.21 13.75 33.51
C VAL A 1538 -23.62 13.72 34.91
N ASP A 1539 -22.75 12.73 35.18
CA ASP A 1539 -22.10 12.66 36.47
C ASP A 1539 -21.04 13.75 36.61
N VAL A 1540 -20.30 14.04 35.54
CA VAL A 1540 -19.25 15.05 35.59
C VAL A 1540 -19.85 16.43 35.78
N LEU A 1541 -20.91 16.74 35.04
CA LEU A 1541 -21.49 18.08 35.11
C LEU A 1541 -22.20 18.30 36.44
N SER A 1542 -22.98 17.33 36.89
CA SER A 1542 -23.70 17.48 38.15
C SER A 1542 -22.77 17.49 39.35
N SER A 1543 -21.59 16.84 39.23
CA SER A 1543 -20.63 16.89 40.31
C SER A 1543 -20.02 18.28 40.45
N ASN A 1544 -19.89 19.01 39.34
CA ASN A 1544 -19.36 20.37 39.36
C ASN A 1544 -20.44 21.41 39.70
N GLY A 1545 -21.63 20.98 40.07
CA GLY A 1545 -22.69 21.91 40.41
C GLY A 1545 -23.29 22.64 39.24
N TRP A 1546 -23.18 22.10 38.04
CA TRP A 1546 -23.69 22.74 36.83
C TRP A 1546 -25.06 22.16 36.49
N LEU A 1547 -26.05 23.05 36.34
CA LEU A 1547 -27.44 22.64 36.21
C LEU A 1547 -27.87 22.43 34.76
N SER A 1548 -27.61 23.41 33.90
CA SER A 1548 -28.11 23.33 32.52
C SER A 1548 -27.43 22.24 31.71
N PRO A 1549 -26.10 22.13 31.65
CA PRO A 1549 -25.52 21.04 30.85
C PRO A 1549 -25.87 19.67 31.37
N ALA A 1550 -26.12 19.52 32.68
CA ALA A 1550 -26.54 18.24 33.22
C ALA A 1550 -27.94 17.87 32.73
N LEU A 1551 -28.91 18.76 32.96
CA LEU A 1551 -30.28 18.49 32.51
C LEU A 1551 -30.33 18.27 31.00
N ALA A 1552 -29.59 19.08 30.23
CA ALA A 1552 -29.57 18.92 28.79
C ALA A 1552 -28.97 17.58 28.39
N ALA A 1553 -27.97 17.09 29.12
CA ALA A 1553 -27.42 15.78 28.84
C ALA A 1553 -28.34 14.66 29.27
N MET A 1554 -29.12 14.88 30.33
CA MET A 1554 -30.06 13.86 30.78
C MET A 1554 -31.19 13.65 29.79
N GLU A 1555 -31.51 14.67 28.98
CA GLU A 1555 -32.53 14.52 27.96
C GLU A 1555 -31.95 14.31 26.56
N LEU A 1556 -30.62 14.30 26.42
CA LEU A 1556 -30.02 13.75 25.21
C LEU A 1556 -29.92 12.24 25.30
N ALA A 1557 -29.83 11.70 26.51
CA ALA A 1557 -29.92 10.25 26.69
C ALA A 1557 -31.25 9.71 26.15
N GLN A 1558 -32.34 10.43 26.38
CA GLN A 1558 -33.62 10.07 25.82
C GLN A 1558 -33.78 10.52 24.38
N MET A 1559 -32.92 11.42 23.90
CA MET A 1559 -32.94 11.80 22.48
C MET A 1559 -32.33 10.71 21.61
N VAL A 1560 -31.16 10.20 22.00
CA VAL A 1560 -30.55 9.09 21.27
C VAL A 1560 -31.32 7.79 21.50
N THR A 1561 -32.18 7.75 22.51
CA THR A 1561 -32.97 6.54 22.76
C THR A 1561 -34.08 6.39 21.72
N GLN A 1562 -34.77 7.48 21.40
CA GLN A 1562 -35.90 7.45 20.47
C GLN A 1562 -35.56 8.04 19.11
N ALA A 1563 -34.32 8.49 18.90
CA ALA A 1563 -33.87 9.04 17.62
C ALA A 1563 -34.71 10.25 17.22
N MET A 1564 -34.53 11.32 17.98
CA MET A 1564 -35.28 12.55 17.73
C MET A 1564 -34.51 13.72 18.33
N TRP A 1565 -35.19 14.85 18.52
CA TRP A 1565 -34.61 16.07 19.06
C TRP A 1565 -35.53 16.63 20.14
N SER A 1566 -35.08 17.70 20.77
CA SER A 1566 -35.92 18.44 21.71
C SER A 1566 -36.87 19.39 21.00
N LYS A 1567 -36.72 19.57 19.69
CA LYS A 1567 -37.58 20.45 18.90
C LYS A 1567 -38.81 19.74 18.38
N ASP A 1568 -38.66 18.50 17.90
CA ASP A 1568 -39.77 17.75 17.33
C ASP A 1568 -40.84 17.48 18.39
N SER A 1569 -42.05 17.23 17.91
CA SER A 1569 -43.13 16.84 18.81
C SER A 1569 -42.85 15.48 19.42
N TYR A 1570 -43.40 15.25 20.61
CA TYR A 1570 -43.12 14.05 21.37
C TYR A 1570 -44.04 12.89 21.00
N LEU A 1571 -44.60 12.91 19.79
CA LEU A 1571 -45.48 11.85 19.31
C LEU A 1571 -44.83 10.97 18.26
N LYS A 1572 -43.58 11.25 17.89
CA LYS A 1572 -42.83 10.38 16.99
C LYS A 1572 -42.47 9.04 17.61
N GLN A 1573 -42.90 8.79 18.85
CA GLN A 1573 -42.56 7.57 19.57
C GLN A 1573 -43.50 6.43 19.24
N LEU A 1574 -44.78 6.72 19.07
CA LEU A 1574 -45.74 5.67 18.73
C LEU A 1574 -45.39 5.08 17.37
N PRO A 1575 -45.42 3.75 17.22
CA PRO A 1575 -45.05 3.14 15.95
C PRO A 1575 -45.99 3.57 14.82
N HIS A 1576 -45.47 3.46 13.60
CA HIS A 1576 -46.22 3.79 12.39
C HIS A 1576 -46.67 5.26 12.38
N PHE A 1577 -45.92 6.13 13.05
CA PHE A 1577 -46.20 7.56 13.05
C PHE A 1577 -45.35 8.25 12.00
N THR A 1578 -45.92 9.24 11.33
CA THR A 1578 -45.24 9.93 10.24
C THR A 1578 -44.77 11.32 10.68
N SER A 1579 -43.63 11.72 10.12
CA SER A 1579 -43.08 13.05 10.37
C SER A 1579 -43.92 14.16 9.73
N GLU A 1580 -44.93 13.82 8.94
CA GLU A 1580 -45.78 14.81 8.28
C GLU A 1580 -47.08 15.06 9.04
N HIS A 1581 -47.87 14.01 9.33
CA HIS A 1581 -49.10 14.22 10.06
C HIS A 1581 -48.86 14.43 11.56
N ILE A 1582 -47.64 14.83 11.93
CA ILE A 1582 -47.45 15.54 13.20
C ILE A 1582 -48.23 16.83 13.20
N LYS A 1583 -48.22 17.54 12.06
CA LYS A 1583 -49.01 18.75 11.89
C LYS A 1583 -50.46 18.46 11.54
N ARG A 1584 -50.82 17.19 11.31
CA ARG A 1584 -52.24 16.84 11.28
C ARG A 1584 -52.89 17.11 12.62
N CYS A 1585 -52.10 17.04 13.70
CA CYS A 1585 -52.47 17.65 14.97
C CYS A 1585 -52.25 19.17 14.87
N THR A 1586 -53.00 19.77 13.94
CA THR A 1586 -52.91 21.19 13.61
C THR A 1586 -53.08 22.07 14.84
N ASP A 1587 -54.33 22.47 15.09
CA ASP A 1587 -54.71 23.13 16.33
C ASP A 1587 -55.72 22.29 17.11
N LYS A 1588 -55.78 20.99 16.82
CA LYS A 1588 -56.68 20.08 17.50
C LYS A 1588 -56.37 19.98 18.99
N GLY A 1589 -55.18 20.37 19.41
CA GLY A 1589 -54.79 20.33 20.81
C GLY A 1589 -54.14 19.03 21.20
N VAL A 1590 -53.31 18.48 20.30
CA VAL A 1590 -52.64 17.20 20.50
C VAL A 1590 -51.16 17.38 20.17
N GLU A 1591 -50.32 17.53 21.21
CA GLU A 1591 -48.88 17.43 21.03
C GLU A 1591 -48.18 16.70 22.16
N SER A 1592 -48.91 16.06 23.07
CA SER A 1592 -48.35 15.16 24.07
C SER A 1592 -48.99 13.79 23.92
N VAL A 1593 -48.31 12.78 24.45
CA VAL A 1593 -48.82 11.41 24.34
C VAL A 1593 -50.06 11.22 25.20
N PHE A 1594 -50.18 12.00 26.28
CA PHE A 1594 -51.33 11.87 27.17
C PHE A 1594 -52.64 12.28 26.51
N ASP A 1595 -52.57 13.06 25.42
CA ASP A 1595 -53.78 13.50 24.75
C ASP A 1595 -54.39 12.40 23.88
N ILE A 1596 -53.56 11.49 23.38
CA ILE A 1596 -54.05 10.49 22.42
C ILE A 1596 -54.93 9.46 23.12
N MET A 1597 -54.70 9.19 24.40
CA MET A 1597 -55.55 8.24 25.09
C MET A 1597 -56.82 8.85 25.66
N GLU A 1598 -56.89 10.17 25.76
CA GLU A 1598 -58.06 10.83 26.33
C GLU A 1598 -59.25 10.89 25.37
N MET A 1599 -59.09 10.44 24.13
CA MET A 1599 -60.19 10.40 23.18
C MET A 1599 -60.76 8.98 23.08
N GLU A 1600 -62.01 8.91 22.62
CA GLU A 1600 -62.74 7.65 22.58
C GLU A 1600 -62.16 6.70 21.54
N ASP A 1601 -62.36 5.40 21.78
CA ASP A 1601 -61.78 4.39 20.89
C ASP A 1601 -62.43 4.40 19.52
N GLU A 1602 -63.75 4.60 19.45
CA GLU A 1602 -64.43 4.66 18.17
C GLU A 1602 -64.20 5.97 17.44
N GLU A 1603 -63.43 6.90 18.03
CA GLU A 1603 -63.10 8.17 17.39
C GLU A 1603 -61.63 8.31 17.03
N ARG A 1604 -60.72 7.77 17.85
CA ARG A 1604 -59.33 8.17 17.70
C ARG A 1604 -58.61 7.44 16.56
N ASN A 1605 -59.20 6.40 15.99
CA ASN A 1605 -58.62 5.87 14.75
C ASN A 1605 -59.01 6.69 13.52
N ALA A 1606 -59.86 7.70 13.69
CA ALA A 1606 -60.34 8.51 12.58
C ALA A 1606 -59.50 9.75 12.33
N LEU A 1607 -58.29 9.80 12.85
CA LEU A 1607 -57.41 10.94 12.59
C LEU A 1607 -56.00 10.52 12.19
N LEU A 1608 -55.48 9.44 12.79
CA LEU A 1608 -54.19 8.94 12.35
C LEU A 1608 -54.24 8.40 10.93
N GLN A 1609 -55.39 7.84 10.52
CA GLN A 1609 -55.58 7.24 9.20
C GLN A 1609 -54.67 6.03 9.03
N LEU A 1610 -54.72 5.11 9.99
CA LEU A 1610 -53.81 3.98 10.01
C LEU A 1610 -54.59 2.68 10.18
N THR A 1611 -53.86 1.58 9.96
CA THR A 1611 -54.44 0.24 10.02
C THR A 1611 -54.95 -0.07 11.42
N ASP A 1612 -55.93 -0.98 11.49
CA ASP A 1612 -56.25 -1.58 12.78
C ASP A 1612 -55.19 -2.60 13.20
N SER A 1613 -54.27 -2.95 12.29
CA SER A 1613 -53.08 -3.68 12.69
C SER A 1613 -52.05 -2.77 13.35
N GLN A 1614 -52.04 -1.48 13.00
CA GLN A 1614 -50.99 -0.57 13.42
C GLN A 1614 -51.35 0.24 14.66
N ILE A 1615 -52.63 0.37 15.01
CA ILE A 1615 -52.98 1.10 16.22
C ILE A 1615 -52.67 0.26 17.45
N ALA A 1616 -52.65 -1.07 17.30
CA ALA A 1616 -52.26 -1.93 18.43
C ALA A 1616 -50.81 -1.69 18.80
N ASP A 1617 -49.97 -1.32 17.83
CA ASP A 1617 -48.63 -0.87 18.15
C ASP A 1617 -48.64 0.49 18.82
N VAL A 1618 -49.55 1.36 18.40
CA VAL A 1618 -49.69 2.67 19.06
C VAL A 1618 -50.23 2.49 20.47
N ALA A 1619 -51.08 1.48 20.68
CA ALA A 1619 -51.64 1.25 22.02
C ALA A 1619 -50.60 0.65 22.96
N ARG A 1620 -49.72 -0.22 22.43
CA ARG A 1620 -48.73 -0.86 23.28
C ARG A 1620 -47.74 0.14 23.86
N PHE A 1621 -47.50 1.25 23.16
CA PHE A 1621 -46.58 2.26 23.68
C PHE A 1621 -47.22 3.03 24.84
N CYS A 1622 -48.45 3.51 24.65
CA CYS A 1622 -49.13 4.27 25.70
C CYS A 1622 -49.38 3.42 26.94
N ASN A 1623 -49.53 2.09 26.76
CA ASN A 1623 -49.60 1.21 27.90
C ASN A 1623 -48.28 1.11 28.65
N ARG A 1624 -47.17 1.48 28.00
CA ARG A 1624 -45.85 1.46 28.61
C ARG A 1624 -45.25 2.84 28.78
N TYR A 1625 -45.88 3.89 28.28
CA TYR A 1625 -45.38 5.24 28.47
C TYR A 1625 -45.31 5.55 29.96
N PRO A 1626 -44.17 6.06 30.46
CA PRO A 1626 -44.02 6.29 31.90
C PRO A 1626 -45.16 7.07 32.53
N ASN A 1627 -46.19 6.34 32.95
CA ASN A 1627 -47.26 6.89 33.77
C ASN A 1627 -46.84 6.72 35.24
N ILE A 1628 -46.81 7.82 35.99
CA ILE A 1628 -46.30 7.82 37.35
C ILE A 1628 -47.14 8.78 38.20
N GLU A 1629 -46.77 8.89 39.47
CA GLU A 1629 -47.36 9.88 40.38
C GLU A 1629 -46.30 10.29 41.38
N LEU A 1630 -45.90 11.56 41.34
CA LEU A 1630 -44.85 12.08 42.20
C LEU A 1630 -45.44 12.72 43.45
N SER A 1631 -44.83 12.43 44.60
CA SER A 1631 -45.16 13.07 45.86
C SER A 1631 -43.87 13.44 46.56
N TYR A 1632 -43.74 14.71 46.93
CA TYR A 1632 -42.53 15.23 47.53
C TYR A 1632 -42.87 15.97 48.82
N GLU A 1633 -41.95 15.89 49.79
CA GLU A 1633 -42.07 16.59 51.04
C GLU A 1633 -40.69 16.92 51.57
N VAL A 1634 -40.61 17.97 52.38
CA VAL A 1634 -39.36 18.41 53.00
C VAL A 1634 -39.48 18.13 54.49
N VAL A 1635 -38.69 17.17 54.99
CA VAL A 1635 -38.79 16.76 56.38
C VAL A 1635 -38.40 17.92 57.28
N ASP A 1636 -39.29 18.27 58.22
CA ASP A 1636 -39.08 19.33 59.20
C ASP A 1636 -38.79 20.66 58.49
N LYS A 1637 -39.83 21.18 57.84
CA LYS A 1637 -39.73 22.44 57.13
C LYS A 1637 -39.88 23.66 58.05
N ASP A 1638 -39.75 23.47 59.36
CA ASP A 1638 -39.75 24.57 60.32
C ASP A 1638 -38.36 24.83 60.88
N SER A 1639 -37.73 23.82 61.48
CA SER A 1639 -36.41 23.99 62.10
C SER A 1639 -35.34 23.72 61.06
N ILE A 1640 -34.94 24.77 60.34
CA ILE A 1640 -33.88 24.70 59.34
C ILE A 1640 -32.85 25.77 59.67
N ARG A 1641 -31.70 25.36 60.14
CA ARG A 1641 -30.56 26.24 60.33
C ARG A 1641 -29.60 26.08 59.16
N SER A 1642 -28.95 27.18 58.78
CA SER A 1642 -28.02 27.16 57.66
C SER A 1642 -26.76 26.38 58.05
N GLY A 1643 -26.52 25.27 57.34
CA GLY A 1643 -25.40 24.41 57.62
C GLY A 1643 -25.76 23.10 58.28
N GLY A 1644 -27.03 22.91 58.64
CA GLY A 1644 -27.47 21.69 59.28
C GLY A 1644 -28.01 20.67 58.29
N PRO A 1645 -28.29 19.46 58.76
CA PRO A 1645 -28.75 18.40 57.86
C PRO A 1645 -30.15 18.68 57.34
N VAL A 1646 -30.23 18.91 56.02
CA VAL A 1646 -31.47 19.14 55.31
C VAL A 1646 -31.80 17.88 54.51
N VAL A 1647 -33.08 17.51 54.45
CA VAL A 1647 -33.49 16.32 53.72
C VAL A 1647 -34.83 16.56 53.04
N VAL A 1648 -34.93 16.15 51.76
CA VAL A 1648 -36.18 16.14 50.99
C VAL A 1648 -36.36 14.74 50.41
N LEU A 1649 -37.42 14.05 50.85
CA LEU A 1649 -37.77 12.78 50.24
C LEU A 1649 -38.72 12.99 49.07
N VAL A 1650 -38.62 12.12 48.07
CA VAL A 1650 -39.48 12.14 46.89
C VAL A 1650 -39.94 10.72 46.64
N GLN A 1651 -41.22 10.44 46.88
CA GLN A 1651 -41.80 9.15 46.55
C GLN A 1651 -42.29 9.15 45.11
N LEU A 1652 -42.07 8.04 44.41
CA LEU A 1652 -42.58 7.85 43.06
C LEU A 1652 -43.35 6.54 43.02
N GLU A 1653 -44.67 6.62 42.83
CA GLU A 1653 -45.51 5.45 42.68
C GLU A 1653 -45.96 5.35 41.23
N ARG A 1654 -45.65 4.22 40.59
CA ARG A 1654 -46.09 3.96 39.23
C ARG A 1654 -47.47 3.30 39.25
N GLU A 1655 -48.04 3.09 38.07
CA GLU A 1655 -49.34 2.43 37.97
C GLU A 1655 -49.13 0.92 38.07
N GLU A 1656 -48.90 0.26 36.94
CA GLU A 1656 -48.53 -1.15 36.97
C GLU A 1656 -47.15 -1.33 36.36
N GLU A 1657 -47.08 -1.32 35.03
CA GLU A 1657 -45.82 -1.46 34.29
C GLU A 1657 -45.22 -2.85 34.61
N VAL A 1658 -43.90 -2.96 34.73
CA VAL A 1658 -43.20 -4.24 34.68
C VAL A 1658 -43.75 -5.01 33.49
N THR A 1659 -43.75 -4.35 32.32
CA THR A 1659 -44.30 -4.89 31.07
C THR A 1659 -43.19 -4.78 30.03
N GLY A 1660 -42.25 -5.71 30.07
CA GLY A 1660 -41.11 -5.68 29.17
C GLY A 1660 -40.22 -4.48 29.44
N PRO A 1661 -39.23 -4.28 28.57
CA PRO A 1661 -38.29 -3.17 28.79
C PRO A 1661 -38.84 -1.83 28.34
N VAL A 1662 -38.11 -1.15 27.45
CA VAL A 1662 -38.46 0.18 26.98
C VAL A 1662 -38.69 0.11 25.47
N ILE A 1663 -39.79 0.70 25.01
CA ILE A 1663 -40.14 0.66 23.60
C ILE A 1663 -39.28 1.69 22.86
N ALA A 1664 -38.38 1.21 22.01
CA ALA A 1664 -37.50 2.05 21.20
C ALA A 1664 -37.03 1.26 19.99
N PRO A 1665 -37.81 1.21 18.91
CA PRO A 1665 -37.43 0.36 17.77
C PRO A 1665 -36.14 0.81 17.07
N LEU A 1666 -35.78 2.09 17.17
CA LEU A 1666 -34.59 2.59 16.51
C LEU A 1666 -33.34 2.49 17.36
N PHE A 1667 -33.39 1.71 18.44
CA PHE A 1667 -32.23 1.47 19.27
C PHE A 1667 -31.88 -0.02 19.25
N PRO A 1668 -30.60 -0.37 19.13
CA PRO A 1668 -30.26 -1.79 19.00
C PRO A 1668 -30.51 -2.59 20.26
N GLN A 1669 -30.13 -2.07 21.42
CA GLN A 1669 -30.30 -2.80 22.67
C GLN A 1669 -31.70 -2.61 23.22
N LYS A 1670 -32.03 -3.41 24.23
CA LYS A 1670 -33.28 -3.30 24.97
C LYS A 1670 -32.95 -2.74 26.35
N ARG A 1671 -33.30 -1.47 26.58
CA ARG A 1671 -32.93 -0.76 27.78
C ARG A 1671 -34.06 -0.78 28.81
N GLU A 1672 -33.68 -0.55 30.06
CA GLU A 1672 -34.63 -0.40 31.15
C GLU A 1672 -34.79 1.07 31.50
N GLU A 1673 -35.98 1.42 32.01
CA GLU A 1673 -36.31 2.81 32.28
C GLU A 1673 -35.52 3.32 33.49
N GLY A 1674 -34.51 4.14 33.23
CA GLY A 1674 -33.80 4.81 34.31
C GLY A 1674 -34.37 6.19 34.59
N TRP A 1675 -34.09 6.70 35.79
CA TRP A 1675 -34.68 7.95 36.22
C TRP A 1675 -33.69 8.76 37.03
N TRP A 1676 -33.86 10.08 36.99
CA TRP A 1676 -33.06 11.02 37.75
C TRP A 1676 -33.96 11.89 38.60
N VAL A 1677 -33.57 12.09 39.86
CA VAL A 1677 -34.23 13.02 40.77
C VAL A 1677 -33.25 14.15 41.04
N VAL A 1678 -33.55 15.34 40.54
CA VAL A 1678 -32.63 16.48 40.58
C VAL A 1678 -33.31 17.63 41.29
N ILE A 1679 -32.60 18.26 42.22
CA ILE A 1679 -33.02 19.51 42.85
C ILE A 1679 -32.07 20.61 42.37
N GLY A 1680 -32.62 21.80 42.12
CA GLY A 1680 -31.83 22.90 41.63
C GLY A 1680 -32.33 24.26 42.09
N ASP A 1681 -31.94 25.32 41.39
CA ASP A 1681 -32.34 26.68 41.74
C ASP A 1681 -32.42 27.50 40.45
N ALA A 1682 -33.62 27.53 39.87
CA ALA A 1682 -33.88 28.26 38.63
C ALA A 1682 -32.86 27.91 37.56
N LYS A 1683 -32.33 28.91 36.86
CA LYS A 1683 -31.20 28.68 35.96
C LYS A 1683 -30.00 29.48 36.43
N SER A 1684 -29.71 29.42 37.73
CA SER A 1684 -28.45 29.93 38.25
C SER A 1684 -27.30 28.95 38.03
N ASN A 1685 -27.59 27.80 37.41
CA ASN A 1685 -26.62 26.73 37.18
C ASN A 1685 -25.97 26.31 38.50
N SER A 1686 -26.80 25.86 39.42
CA SER A 1686 -26.38 25.36 40.73
C SER A 1686 -27.17 24.08 41.01
N LEU A 1687 -26.60 22.94 40.65
CA LEU A 1687 -27.20 21.66 41.00
C LEU A 1687 -26.87 21.34 42.45
N ILE A 1688 -27.90 21.01 43.23
CA ILE A 1688 -27.74 20.82 44.65
C ILE A 1688 -27.96 19.37 45.09
N SER A 1689 -28.71 18.58 44.32
CA SER A 1689 -28.94 17.18 44.64
C SER A 1689 -29.25 16.42 43.36
N ILE A 1690 -28.74 15.19 43.28
CA ILE A 1690 -29.04 14.32 42.15
C ILE A 1690 -28.89 12.87 42.61
N LYS A 1691 -29.84 12.03 42.23
CA LYS A 1691 -29.84 10.62 42.61
C LYS A 1691 -30.44 9.81 41.49
N ARG A 1692 -29.83 8.66 41.21
CA ARG A 1692 -30.32 7.72 40.22
C ARG A 1692 -31.14 6.62 40.90
N LEU A 1693 -32.13 6.11 40.18
CA LEU A 1693 -33.01 5.09 40.73
C LEU A 1693 -33.58 4.23 39.61
N THR A 1694 -33.83 2.97 39.95
CA THR A 1694 -34.49 2.02 39.05
C THR A 1694 -35.86 1.70 39.65
N LEU A 1695 -36.89 2.33 39.12
CA LEU A 1695 -38.24 2.18 39.67
C LEU A 1695 -38.92 0.97 39.05
N GLN A 1696 -39.61 0.21 39.89
CA GLN A 1696 -40.47 -0.89 39.45
C GLN A 1696 -41.94 -0.64 39.72
N GLN A 1697 -42.27 -0.01 40.84
CA GLN A 1697 -43.66 0.26 41.21
C GLN A 1697 -43.74 1.43 42.19
N LYS A 1698 -43.31 1.20 43.43
CA LYS A 1698 -43.34 2.20 44.48
C LYS A 1698 -41.97 2.25 45.14
N ALA A 1699 -41.34 3.42 45.10
CA ALA A 1699 -40.01 3.58 45.68
C ALA A 1699 -39.80 5.06 46.02
N LYS A 1700 -39.13 5.30 47.14
CA LYS A 1700 -38.83 6.65 47.60
C LYS A 1700 -37.35 6.96 47.40
N VAL A 1701 -37.06 8.26 47.34
CA VAL A 1701 -35.70 8.76 47.14
C VAL A 1701 -35.43 9.83 48.18
N LYS A 1702 -34.36 9.66 48.96
CA LYS A 1702 -33.99 10.60 50.00
C LYS A 1702 -32.79 11.42 49.54
N LEU A 1703 -32.96 12.73 49.45
CA LEU A 1703 -31.91 13.64 49.00
C LEU A 1703 -31.55 14.60 50.12
N ASP A 1704 -30.26 14.70 50.42
CA ASP A 1704 -29.75 15.58 51.46
C ASP A 1704 -28.78 16.58 50.86
N PHE A 1705 -28.75 17.78 51.45
CA PHE A 1705 -27.89 18.84 50.98
C PHE A 1705 -27.65 19.82 52.12
N VAL A 1706 -27.10 20.99 51.80
CA VAL A 1706 -26.75 22.01 52.77
C VAL A 1706 -27.53 23.29 52.46
N ALA A 1707 -27.91 24.01 53.52
CA ALA A 1707 -28.67 25.25 53.38
C ALA A 1707 -27.71 26.44 53.25
N PRO A 1708 -27.90 27.31 52.24
CA PRO A 1708 -27.00 28.45 52.07
C PRO A 1708 -27.51 29.73 52.71
N ALA A 1709 -26.88 30.14 53.80
CA ALA A 1709 -27.17 31.41 54.49
C ALA A 1709 -28.65 31.43 54.90
N THR A 1710 -29.23 32.61 54.98
CA THR A 1710 -30.63 32.79 55.36
C THR A 1710 -31.37 33.54 54.27
N GLY A 1711 -32.68 33.71 54.48
CA GLY A 1711 -33.52 34.40 53.52
C GLY A 1711 -34.70 33.58 53.04
N ALA A 1712 -34.91 33.54 51.73
CA ALA A 1712 -36.02 32.76 51.15
C ALA A 1712 -35.63 32.42 49.72
N HIS A 1713 -35.15 31.19 49.53
CA HIS A 1713 -34.75 30.70 48.22
C HIS A 1713 -35.80 29.74 47.67
N ASN A 1714 -36.00 29.81 46.35
CA ASN A 1714 -36.98 28.98 45.66
C ASN A 1714 -36.25 27.90 44.88
N TYR A 1715 -36.48 26.64 45.24
CA TYR A 1715 -35.80 25.50 44.64
C TYR A 1715 -36.73 24.78 43.67
N THR A 1716 -36.12 24.11 42.68
CA THR A 1716 -36.85 23.40 41.65
C THR A 1716 -36.49 21.91 41.70
N LEU A 1717 -37.51 21.07 41.61
CA LEU A 1717 -37.34 19.62 41.60
C LEU A 1717 -37.58 19.09 40.20
N TYR A 1718 -36.67 18.25 39.72
CA TYR A 1718 -36.76 17.65 38.39
C TYR A 1718 -36.89 16.14 38.52
N PHE A 1719 -37.75 15.56 37.69
CA PHE A 1719 -37.93 14.10 37.60
C PHE A 1719 -37.80 13.72 36.12
N MET A 1720 -36.59 13.36 35.72
CA MET A 1720 -36.27 13.10 34.32
C MET A 1720 -35.89 11.65 34.13
N SER A 1721 -36.09 11.15 32.91
CA SER A 1721 -35.73 9.80 32.52
C SER A 1721 -34.70 9.84 31.40
N ASP A 1722 -34.09 8.69 31.14
CA ASP A 1722 -33.07 8.56 30.11
C ASP A 1722 -33.57 7.82 28.87
N ALA A 1723 -34.87 7.59 28.76
CA ALA A 1723 -35.43 6.83 27.65
C ALA A 1723 -36.50 7.60 26.89
N TYR A 1724 -37.58 8.01 27.55
CA TYR A 1724 -38.70 8.64 26.89
C TYR A 1724 -38.66 10.16 27.05
N MET A 1725 -39.15 10.86 26.03
CA MET A 1725 -39.29 12.31 26.06
C MET A 1725 -40.75 12.68 26.34
N GLY A 1726 -40.93 13.80 27.02
CA GLY A 1726 -42.25 14.25 27.39
C GLY A 1726 -42.75 13.78 28.73
N CYS A 1727 -41.90 13.16 29.54
CA CYS A 1727 -42.26 12.70 30.87
C CYS A 1727 -41.44 13.36 31.96
N ASP A 1728 -40.87 14.53 31.67
CA ASP A 1728 -40.01 15.23 32.63
C ASP A 1728 -40.87 16.15 33.47
N GLN A 1729 -41.29 15.65 34.64
CA GLN A 1729 -42.06 16.45 35.57
C GLN A 1729 -41.22 17.62 36.10
N GLU A 1730 -41.90 18.59 36.69
CA GLU A 1730 -41.23 19.72 37.30
C GLU A 1730 -42.13 20.29 38.39
N TYR A 1731 -41.72 20.13 39.65
CA TYR A 1731 -42.45 20.63 40.79
C TYR A 1731 -41.71 21.82 41.42
N LYS A 1732 -42.47 22.73 42.00
CA LYS A 1732 -41.94 23.92 42.62
C LYS A 1732 -42.39 24.02 44.07
N PHE A 1733 -41.46 24.38 44.95
CA PHE A 1733 -41.76 24.55 46.37
C PHE A 1733 -40.92 25.70 46.91
N SER A 1734 -41.19 26.07 48.16
CA SER A 1734 -40.49 27.16 48.81
C SER A 1734 -40.05 26.74 50.21
N VAL A 1735 -38.83 27.14 50.57
CA VAL A 1735 -38.27 26.86 51.89
C VAL A 1735 -37.99 28.18 52.59
N ASP A 1736 -38.32 28.25 53.88
CA ASP A 1736 -38.05 29.42 54.71
C ASP A 1736 -36.96 29.05 55.70
N VAL A 1737 -35.72 29.43 55.38
CA VAL A 1737 -34.56 29.07 56.19
C VAL A 1737 -34.45 30.04 57.37
N LYS A 1738 -34.18 29.50 58.55
CA LYS A 1738 -34.07 30.31 59.76
C LYS A 1738 -32.73 30.05 60.47
N PRO B 2 62.06 3.49 -42.51
CA PRO B 2 61.77 4.75 -43.20
C PRO B 2 60.63 5.52 -42.55
N LEU B 3 59.41 5.06 -42.87
CA LEU B 3 58.18 5.61 -42.33
C LEU B 3 58.13 7.12 -42.59
N GLY B 4 57.60 7.89 -41.65
CA GLY B 4 56.96 9.11 -42.09
C GLY B 4 55.82 8.76 -43.02
N SER B 5 55.19 7.61 -42.76
CA SER B 5 54.26 6.97 -43.67
C SER B 5 53.02 6.49 -42.94
N MET B 6 52.79 6.97 -41.72
CA MET B 6 51.94 6.25 -40.79
C MET B 6 51.49 7.16 -39.66
N THR B 7 50.32 6.85 -39.13
CA THR B 7 49.73 7.49 -37.95
C THR B 7 49.15 6.40 -37.08
N GLN B 8 49.56 6.35 -35.81
CA GLN B 8 48.98 5.40 -34.85
C GLN B 8 49.05 6.02 -33.46
N THR B 9 47.89 6.44 -32.95
CA THR B 9 47.80 7.10 -31.64
C THR B 9 47.51 6.08 -30.54
N PHE B 10 48.13 6.31 -29.37
CA PHE B 10 48.12 5.35 -28.28
C PHE B 10 46.77 5.31 -27.58
N SER B 11 46.43 4.14 -27.07
CA SER B 11 45.23 3.91 -26.29
C SER B 11 45.60 3.48 -24.88
N SER B 12 44.70 3.74 -23.93
CA SER B 12 44.97 3.41 -22.54
C SER B 12 44.33 2.08 -22.15
N LYS B 13 45.03 1.31 -21.33
CA LYS B 13 44.52 0.08 -20.74
C LYS B 13 45.10 -0.05 -19.35
N THR B 14 44.27 0.12 -18.34
CA THR B 14 44.73 0.18 -16.96
C THR B 14 44.79 -1.21 -16.32
N GLU B 15 45.45 -1.27 -15.16
CA GLU B 15 45.79 -2.56 -14.56
C GLU B 15 44.55 -3.29 -14.05
N TRP B 16 43.57 -2.56 -13.54
CA TRP B 16 42.48 -3.16 -12.77
C TRP B 16 41.31 -3.63 -13.63
N ARG B 17 41.29 -3.31 -14.93
CA ARG B 17 40.15 -3.67 -15.76
C ARG B 17 39.99 -5.18 -15.85
N VAL B 18 41.06 -5.88 -16.20
CA VAL B 18 40.99 -7.33 -16.34
C VAL B 18 40.92 -8.00 -14.97
N ARG B 19 41.52 -7.40 -13.94
CA ARG B 19 41.48 -7.98 -12.61
C ARG B 19 40.09 -7.84 -11.99
N ALA B 20 39.41 -6.72 -12.25
CA ALA B 20 38.05 -6.54 -11.75
C ALA B 20 37.08 -7.49 -12.43
N ILE B 21 37.22 -7.67 -13.75
CA ILE B 21 36.39 -8.63 -14.48
C ILE B 21 36.64 -10.03 -13.92
N SER B 22 37.88 -10.35 -13.59
CA SER B 22 38.20 -11.67 -13.07
C SER B 22 37.75 -11.85 -11.62
N ALA B 23 37.70 -10.75 -10.86
CA ALA B 23 37.23 -10.84 -9.48
C ALA B 23 35.74 -11.11 -9.40
N ALA B 24 34.97 -10.80 -10.46
CA ALA B 24 33.54 -11.03 -10.45
C ALA B 24 33.18 -12.50 -10.56
N ASN B 25 34.13 -13.37 -10.93
CA ASN B 25 33.88 -14.80 -11.07
C ASN B 25 34.49 -15.61 -9.93
N LEU B 26 34.81 -14.95 -8.81
CA LEU B 26 35.45 -15.65 -7.70
C LEU B 26 34.48 -16.56 -6.96
N HIS B 27 33.17 -16.33 -7.09
CA HIS B 27 32.19 -17.15 -6.36
C HIS B 27 32.19 -18.60 -6.82
N LEU B 28 32.65 -18.87 -8.04
CA LEU B 28 32.68 -20.24 -8.54
C LEU B 28 33.74 -21.08 -7.86
N ARG B 29 34.70 -20.46 -7.19
CA ARG B 29 35.74 -21.20 -6.47
C ARG B 29 35.29 -21.65 -5.09
N THR B 30 34.27 -21.01 -4.53
CA THR B 30 33.81 -21.38 -3.19
C THR B 30 33.07 -22.72 -3.18
N ASN B 31 32.63 -23.19 -4.35
CA ASN B 31 32.04 -24.51 -4.46
C ASN B 31 33.08 -25.62 -4.50
N HIS B 32 34.38 -25.28 -4.52
CA HIS B 32 35.47 -26.26 -4.57
C HIS B 32 36.58 -25.72 -3.67
N ILE B 33 36.46 -25.95 -2.36
CA ILE B 33 37.45 -25.54 -1.37
C ILE B 33 38.04 -26.79 -0.75
N TYR B 34 39.37 -26.86 -0.71
CA TYR B 34 40.07 -28.04 -0.23
C TYR B 34 41.14 -27.65 0.77
N VAL B 35 41.36 -28.54 1.74
CA VAL B 35 42.36 -28.36 2.78
C VAL B 35 43.36 -29.50 2.71
N SER B 36 44.63 -29.18 2.89
CA SER B 36 45.66 -30.22 2.94
C SER B 36 45.44 -31.12 4.14
N SER B 37 45.91 -32.37 4.03
CA SER B 37 45.76 -33.31 5.13
C SER B 37 47.10 -33.91 5.56
N ASP B 38 47.03 -35.05 6.25
CA ASP B 38 48.12 -35.57 7.08
C ASP B 38 49.48 -35.65 6.36
N ASP B 39 50.43 -34.83 6.84
CA ASP B 39 51.83 -34.87 6.43
C ASP B 39 52.65 -34.36 7.62
N ILE B 40 52.78 -35.22 8.64
CA ILE B 40 53.27 -34.89 9.97
C ILE B 40 52.87 -33.45 10.32
N LYS B 41 51.58 -33.25 10.54
CA LYS B 41 51.02 -31.94 10.79
C LYS B 41 50.33 -31.82 12.15
N GLU B 42 50.31 -32.89 12.94
CA GLU B 42 49.62 -32.85 14.22
C GLU B 42 50.42 -32.04 15.22
N THR B 43 49.80 -30.99 15.75
CA THR B 43 50.45 -29.98 16.56
C THR B 43 50.10 -30.08 18.03
N GLY B 44 48.81 -30.23 18.34
CA GLY B 44 48.32 -30.08 19.69
C GLY B 44 47.17 -29.09 19.69
N TYR B 45 46.75 -28.69 18.49
CA TYR B 45 45.65 -27.74 18.33
C TYR B 45 44.99 -27.98 16.98
N THR B 46 43.69 -28.25 17.00
CA THR B 46 42.90 -28.43 15.78
C THR B 46 42.02 -27.19 15.59
N TYR B 47 42.16 -26.54 14.43
CA TYR B 47 41.44 -25.32 14.14
C TYR B 47 40.31 -25.61 13.15
N ILE B 48 39.11 -25.17 13.50
CA ILE B 48 37.91 -25.40 12.68
C ILE B 48 37.47 -24.06 12.10
N LEU B 49 37.47 -23.96 10.77
CA LEU B 49 37.09 -22.73 10.08
C LEU B 49 35.70 -22.88 9.49
N PRO B 50 34.76 -22.00 9.81
CA PRO B 50 33.43 -22.10 9.23
C PRO B 50 33.42 -21.64 7.77
N LYS B 51 32.56 -22.30 6.99
CA LYS B 51 32.55 -22.08 5.55
C LYS B 51 31.95 -20.73 5.18
N ASN B 52 31.01 -20.21 5.97
CA ASN B 52 30.30 -19.00 5.58
C ASN B 52 31.23 -17.81 5.47
N VAL B 53 32.10 -17.61 6.46
CA VAL B 53 33.06 -16.51 6.39
C VAL B 53 34.23 -16.82 5.47
N LEU B 54 34.50 -18.10 5.23
CA LEU B 54 35.58 -18.47 4.31
C LEU B 54 35.20 -18.16 2.86
N LYS B 55 33.98 -18.54 2.47
CA LYS B 55 33.52 -18.25 1.11
C LYS B 55 33.45 -16.75 0.86
N LYS B 56 32.94 -15.99 1.83
CA LYS B 56 32.88 -14.54 1.69
C LYS B 56 34.27 -13.91 1.63
N PHE B 57 35.23 -14.48 2.38
CA PHE B 57 36.59 -13.96 2.33
C PHE B 57 37.23 -14.19 0.97
N ILE B 58 36.79 -15.21 0.24
CA ILE B 58 37.35 -15.50 -1.07
C ILE B 58 36.83 -14.51 -2.12
N CYS B 59 35.53 -14.22 -2.09
CA CYS B 59 34.92 -13.38 -3.12
C CYS B 59 35.26 -11.91 -2.96
N ILE B 60 35.65 -11.46 -1.78
CA ILE B 60 35.98 -10.05 -1.56
C ILE B 60 37.46 -9.83 -1.83
N SER B 61 38.13 -10.83 -2.38
CA SER B 61 39.57 -10.78 -2.55
C SER B 61 39.93 -10.45 -4.00
N ASP B 62 41.23 -10.39 -4.26
CA ASP B 62 41.78 -10.16 -5.59
C ASP B 62 42.74 -11.30 -5.92
N LEU B 63 42.69 -11.77 -7.17
CA LEU B 63 43.46 -12.95 -7.55
C LEU B 63 44.96 -12.70 -7.62
N ARG B 64 45.40 -11.45 -7.47
CA ARG B 64 46.83 -11.17 -7.47
C ARG B 64 47.29 -10.37 -6.25
N ALA B 65 46.49 -9.41 -5.80
CA ALA B 65 46.81 -8.63 -4.61
C ALA B 65 46.32 -9.38 -3.37
N GLN B 66 47.24 -9.66 -2.46
CA GLN B 66 46.89 -10.41 -1.26
C GLN B 66 46.09 -9.55 -0.30
N ILE B 67 45.07 -10.15 0.32
CA ILE B 67 44.32 -9.53 1.40
C ILE B 67 44.41 -10.44 2.61
N ALA B 68 44.25 -9.84 3.79
CA ALA B 68 44.42 -10.55 5.05
C ALA B 68 43.27 -10.27 6.00
N GLY B 69 43.07 -11.18 6.94
CA GLY B 69 42.06 -11.04 7.98
C GLY B 69 42.48 -11.68 9.27
N TYR B 70 42.23 -11.02 10.40
CA TYR B 70 42.63 -11.54 11.69
C TYR B 70 41.66 -12.60 12.18
N LEU B 71 42.18 -13.66 12.78
CA LEU B 71 41.39 -14.78 13.25
C LEU B 71 41.09 -14.63 14.74
N TYR B 72 39.84 -14.90 15.11
CA TYR B 72 39.41 -14.88 16.50
C TYR B 72 38.46 -16.03 16.73
N GLY B 73 38.52 -16.61 17.93
CA GLY B 73 37.65 -17.73 18.26
C GLY B 73 37.89 -18.19 19.67
N VAL B 74 37.18 -19.27 20.03
CA VAL B 74 37.28 -19.87 21.36
C VAL B 74 37.42 -21.38 21.23
N SER B 75 37.17 -22.10 22.31
CA SER B 75 37.19 -23.55 22.34
C SER B 75 35.82 -24.08 22.72
N PRO B 76 35.48 -25.30 22.30
CA PRO B 76 34.22 -25.93 22.74
C PRO B 76 34.19 -26.06 24.26
N PRO B 77 33.01 -26.39 24.84
CA PRO B 77 32.89 -26.44 26.32
C PRO B 77 34.03 -27.14 27.02
N ASP B 78 34.19 -28.45 26.82
CA ASP B 78 35.28 -29.21 27.42
C ASP B 78 36.07 -29.89 26.31
N ASN B 79 36.97 -29.13 25.69
CA ASN B 79 37.97 -29.64 24.75
C ASN B 79 38.94 -28.51 24.42
N PRO B 80 39.92 -28.25 25.30
CA PRO B 80 40.87 -27.15 25.04
C PRO B 80 41.77 -27.38 23.84
N GLN B 81 41.74 -28.57 23.23
CA GLN B 81 42.63 -28.89 22.13
C GLN B 81 42.10 -28.43 20.77
N VAL B 82 40.81 -28.11 20.67
CA VAL B 82 40.20 -27.67 19.42
C VAL B 82 39.85 -26.20 19.54
N LYS B 83 40.20 -25.43 18.51
CA LYS B 83 39.92 -24.00 18.46
C LYS B 83 38.97 -23.72 17.30
N GLU B 84 37.77 -23.24 17.62
CA GLU B 84 36.79 -22.88 16.61
C GLU B 84 36.98 -21.41 16.23
N ILE B 85 37.30 -21.16 14.96
CA ILE B 85 37.39 -19.78 14.47
C ILE B 85 35.98 -19.20 14.39
N ARG B 86 35.72 -18.17 15.18
CA ARG B 86 34.38 -17.60 15.28
C ARG B 86 34.26 -16.21 14.65
N CYS B 87 35.36 -15.56 14.30
CA CYS B 87 35.29 -14.23 13.74
C CYS B 87 36.51 -13.96 12.87
N ILE B 88 36.29 -13.20 11.80
CA ILE B 88 37.36 -12.71 10.93
C ILE B 88 37.21 -11.20 10.85
N VAL B 89 38.29 -10.48 11.19
CA VAL B 89 38.28 -9.02 11.26
C VAL B 89 39.06 -8.47 10.08
N MET B 90 38.40 -7.66 9.26
CA MET B 90 39.05 -6.96 8.16
C MET B 90 39.48 -5.57 8.64
N VAL B 91 40.74 -5.23 8.42
CA VAL B 91 41.30 -3.97 8.88
C VAL B 91 41.82 -3.23 7.65
N PRO B 92 41.99 -1.90 7.74
CA PRO B 92 42.57 -1.16 6.62
C PRO B 92 43.90 -1.74 6.18
N GLN B 93 44.02 -2.03 4.90
CA GLN B 93 45.15 -2.82 4.42
C GLN B 93 45.36 -2.58 2.94
N TRP B 94 46.58 -2.87 2.50
CA TRP B 94 46.92 -2.97 1.09
C TRP B 94 48.04 -3.99 0.96
N GLY B 95 48.19 -4.55 -0.24
CA GLY B 95 49.18 -5.60 -0.39
C GLY B 95 49.63 -5.75 -1.82
N THR B 96 50.55 -6.71 -2.00
CA THR B 96 51.04 -7.09 -3.32
C THR B 96 50.78 -8.57 -3.55
N HIS B 97 51.59 -9.20 -4.40
CA HIS B 97 51.47 -10.63 -4.64
C HIS B 97 52.27 -11.46 -3.66
N GLN B 98 53.03 -10.84 -2.78
CA GLN B 98 53.91 -11.55 -1.85
C GLN B 98 53.56 -11.36 -0.39
N THR B 99 52.97 -10.24 0.00
CA THR B 99 52.69 -9.97 1.40
C THR B 99 51.56 -8.95 1.49
N VAL B 100 51.17 -8.63 2.72
CA VAL B 100 50.17 -7.62 3.00
C VAL B 100 50.80 -6.53 3.87
N HIS B 101 50.03 -5.47 4.11
CA HIS B 101 50.47 -4.34 4.93
C HIS B 101 49.34 -3.98 5.89
N LEU B 102 49.36 -4.58 7.06
CA LEU B 102 48.40 -4.32 8.11
C LEU B 102 48.92 -3.24 9.06
N PRO B 103 48.02 -2.50 9.71
CA PRO B 103 48.48 -1.51 10.70
C PRO B 103 49.09 -2.18 11.92
N GLY B 104 49.82 -1.37 12.68
CA GLY B 104 50.43 -1.90 13.90
C GLY B 104 49.41 -2.25 14.96
N GLN B 105 48.33 -1.49 15.05
CA GLN B 105 47.31 -1.73 16.06
C GLN B 105 46.52 -2.98 15.74
N LEU B 106 46.31 -3.83 16.74
CA LEU B 106 45.50 -5.02 16.60
C LEU B 106 44.02 -4.68 16.78
N PRO B 107 43.12 -5.55 16.30
CA PRO B 107 41.69 -5.31 16.53
C PRO B 107 41.37 -5.25 18.02
N GLN B 108 40.61 -4.24 18.42
CA GLN B 108 40.17 -4.08 19.80
C GLN B 108 38.70 -3.69 19.79
N HIS B 109 37.86 -4.56 20.33
CA HIS B 109 36.42 -4.32 20.38
C HIS B 109 35.83 -5.12 21.52
N GLU B 110 34.65 -4.69 21.97
CA GLU B 110 33.98 -5.38 23.08
C GLU B 110 33.57 -6.78 22.69
N TYR B 111 33.14 -6.97 21.43
CA TYR B 111 32.67 -8.28 21.00
C TYR B 111 33.78 -9.32 21.00
N LEU B 112 35.02 -8.90 20.80
CA LEU B 112 36.16 -9.81 20.78
C LEU B 112 36.85 -9.95 22.13
N LYS B 113 36.31 -9.31 23.17
CA LYS B 113 36.99 -9.30 24.47
C LYS B 113 37.03 -10.69 25.09
N GLU B 114 35.99 -11.48 24.91
CA GLU B 114 35.92 -12.82 25.47
C GLU B 114 36.49 -13.89 24.54
N MET B 115 36.94 -13.50 23.35
CA MET B 115 37.56 -14.43 22.42
C MET B 115 39.07 -14.28 22.44
N GLU B 116 39.77 -15.33 22.00
CA GLU B 116 41.21 -15.27 21.96
C GLU B 116 41.69 -15.18 20.51
N PRO B 117 42.77 -14.42 20.25
CA PRO B 117 43.29 -14.33 18.88
C PRO B 117 43.93 -15.65 18.46
N LEU B 118 43.58 -16.11 17.26
CA LEU B 118 44.08 -17.36 16.73
C LEU B 118 45.04 -17.16 15.56
N GLY B 119 45.39 -15.92 15.24
CA GLY B 119 46.34 -15.62 14.17
C GLY B 119 45.69 -14.80 13.08
N TRP B 120 45.98 -15.18 11.83
CA TRP B 120 45.51 -14.42 10.68
C TRP B 120 45.43 -15.35 9.47
N ILE B 121 44.61 -14.94 8.51
CA ILE B 121 44.41 -15.68 7.27
C ILE B 121 44.61 -14.72 6.11
N HIS B 122 45.21 -15.22 5.02
CA HIS B 122 45.47 -14.38 3.86
C HIS B 122 45.41 -15.23 2.59
N THR B 123 45.15 -14.57 1.48
CA THR B 123 45.10 -15.22 0.17
C THR B 123 46.46 -15.19 -0.49
N GLN B 124 46.77 -16.25 -1.23
CA GLN B 124 48.03 -16.36 -1.93
C GLN B 124 47.79 -16.60 -3.42
N PRO B 125 48.53 -15.91 -4.29
CA PRO B 125 48.30 -16.11 -5.74
C PRO B 125 48.59 -17.53 -6.21
N ASN B 126 49.72 -18.08 -5.83
CA ASN B 126 50.12 -19.42 -6.26
C ASN B 126 50.27 -20.34 -5.05
N GLU B 127 49.93 -21.61 -5.26
CA GLU B 127 50.09 -22.61 -4.20
C GLU B 127 51.57 -22.85 -3.94
N SER B 128 51.95 -22.88 -2.66
CA SER B 128 53.33 -23.03 -2.26
C SER B 128 53.48 -24.22 -1.33
N PRO B 129 54.46 -25.11 -1.57
CA PRO B 129 54.70 -26.19 -0.61
C PRO B 129 55.33 -25.72 0.69
N GLN B 130 55.92 -24.52 0.71
CA GLN B 130 56.58 -23.99 1.89
C GLN B 130 55.90 -22.69 2.30
N LEU B 131 55.90 -22.43 3.61
CA LEU B 131 55.35 -21.18 4.12
C LEU B 131 56.17 -20.00 3.62
N SER B 132 55.48 -18.92 3.27
CA SER B 132 56.14 -17.75 2.74
C SER B 132 57.10 -17.16 3.78
N PRO B 133 58.33 -16.82 3.40
CA PRO B 133 59.22 -16.14 4.36
C PRO B 133 58.71 -14.78 4.79
N GLN B 134 57.98 -14.09 3.92
CA GLN B 134 57.31 -12.86 4.33
C GLN B 134 56.26 -13.15 5.40
N ASP B 135 55.57 -14.28 5.29
CA ASP B 135 54.61 -14.67 6.32
C ASP B 135 55.32 -15.01 7.63
N VAL B 136 56.51 -15.63 7.54
CA VAL B 136 57.30 -15.89 8.74
C VAL B 136 57.72 -14.58 9.38
N THR B 137 58.16 -13.62 8.57
CA THR B 137 58.59 -12.33 9.11
C THR B 137 57.41 -11.56 9.70
N THR B 138 56.30 -11.49 8.96
CA THR B 138 55.16 -10.70 9.42
C THR B 138 54.55 -11.29 10.68
N HIS B 139 54.41 -12.61 10.74
CA HIS B 139 53.80 -13.23 11.91
C HIS B 139 54.65 -13.06 13.16
N ALA B 140 55.98 -13.13 13.00
CA ALA B 140 56.86 -13.01 14.16
C ALA B 140 56.90 -11.58 14.68
N LYS B 141 56.90 -10.60 13.77
CA LYS B 141 56.91 -9.20 14.19
C LYS B 141 55.62 -8.81 14.90
N ILE B 142 54.50 -9.46 14.55
CA ILE B 142 53.26 -9.23 15.28
C ILE B 142 53.36 -9.81 16.68
N MET B 143 53.98 -11.00 16.81
CA MET B 143 54.19 -11.59 18.12
C MET B 143 55.07 -10.71 19.01
N ALA B 144 56.03 -10.00 18.40
CA ALA B 144 56.94 -9.17 19.18
C ALA B 144 56.23 -7.95 19.76
N ASP B 145 55.34 -7.34 18.98
CA ASP B 145 54.64 -6.15 19.41
C ASP B 145 53.36 -6.45 20.19
N ASN B 146 52.90 -7.70 20.20
CA ASN B 146 51.65 -8.07 20.86
C ASN B 146 51.84 -9.39 21.59
N PRO B 147 52.03 -9.36 22.91
CA PRO B 147 52.10 -10.63 23.67
C PRO B 147 50.79 -11.40 23.69
N SER B 148 49.70 -10.83 23.14
CA SER B 148 48.45 -11.57 23.06
C SER B 148 48.58 -12.79 22.15
N TRP B 149 49.47 -12.73 21.17
CA TRP B 149 49.66 -13.83 20.23
C TRP B 149 50.68 -14.80 20.78
N ASP B 150 50.23 -15.97 21.19
CA ASP B 150 51.12 -17.03 21.65
C ASP B 150 51.59 -17.87 20.48
N GLY B 151 52.88 -18.21 20.48
CA GLY B 151 53.46 -18.96 19.38
C GLY B 151 52.86 -20.34 19.18
N GLU B 152 52.22 -20.89 20.21
CA GLU B 152 51.58 -22.20 20.13
C GLU B 152 50.07 -22.11 19.93
N LYS B 153 49.52 -20.91 19.82
CA LYS B 153 48.08 -20.72 19.66
C LYS B 153 47.69 -19.96 18.41
N THR B 154 48.60 -19.19 17.82
CA THR B 154 48.32 -18.41 16.61
C THR B 154 48.88 -19.14 15.40
N ILE B 155 48.16 -19.05 14.28
CA ILE B 155 48.52 -19.76 13.06
C ILE B 155 48.39 -18.81 11.87
N ILE B 156 48.91 -19.27 10.73
CA ILE B 156 48.83 -18.55 9.46
C ILE B 156 48.11 -19.48 8.48
N ILE B 157 46.90 -19.10 8.09
CA ILE B 157 46.13 -19.83 7.09
C ILE B 157 46.29 -19.12 5.76
N THR B 158 46.79 -19.83 4.75
CA THR B 158 46.95 -19.30 3.41
C THR B 158 45.88 -19.90 2.51
N CYS B 159 45.24 -19.04 1.72
CA CYS B 159 44.22 -19.45 0.75
C CYS B 159 44.85 -19.38 -0.62
N SER B 160 45.29 -20.53 -1.13
CA SER B 160 45.98 -20.57 -2.42
C SER B 160 44.98 -20.55 -3.57
N PHE B 161 45.33 -19.81 -4.63
CA PHE B 161 44.46 -19.66 -5.79
C PHE B 161 44.85 -20.70 -6.84
N THR B 162 44.31 -21.91 -6.67
CA THR B 162 44.50 -22.95 -7.66
C THR B 162 43.47 -22.82 -8.77
N PRO B 163 43.81 -23.22 -10.00
CA PRO B 163 42.85 -23.09 -11.10
C PRO B 163 41.57 -23.87 -10.85
N GLY B 164 40.46 -23.14 -10.73
CA GLY B 164 39.16 -23.74 -10.56
C GLY B 164 38.73 -23.98 -9.14
N SER B 165 39.63 -23.91 -8.17
CA SER B 165 39.32 -24.23 -6.78
C SER B 165 40.13 -23.31 -5.88
N CYS B 166 40.23 -23.68 -4.60
CA CYS B 166 41.02 -22.93 -3.63
C CYS B 166 41.55 -23.92 -2.61
N THR B 167 42.87 -23.91 -2.40
CA THR B 167 43.54 -24.83 -1.50
C THR B 167 43.95 -24.10 -0.23
N LEU B 168 43.54 -24.65 0.91
CA LEU B 168 43.85 -24.08 2.21
C LEU B 168 44.94 -24.90 2.90
N THR B 169 45.85 -24.20 3.57
CA THR B 169 46.84 -24.85 4.42
C THR B 169 47.21 -23.88 5.54
N ALA B 170 47.39 -24.42 6.74
CA ALA B 170 47.59 -23.61 7.93
C ALA B 170 48.92 -23.97 8.56
N TYR B 171 49.78 -22.97 8.76
CA TYR B 171 51.07 -23.14 9.40
C TYR B 171 51.10 -22.39 10.73
N LYS B 172 52.05 -22.79 11.58
CA LYS B 172 52.36 -22.07 12.80
C LYS B 172 53.86 -21.88 12.88
N LEU B 173 54.28 -20.93 13.73
CA LEU B 173 55.69 -20.63 13.87
C LEU B 173 56.32 -21.48 14.97
N THR B 174 57.59 -21.82 14.75
CA THR B 174 58.41 -22.47 15.76
C THR B 174 59.17 -21.42 16.56
N PRO B 175 59.64 -21.77 17.77
CA PRO B 175 60.50 -20.82 18.49
C PRO B 175 61.67 -20.31 17.68
N SER B 176 62.28 -21.18 16.86
CA SER B 176 63.35 -20.72 15.98
C SER B 176 62.82 -19.77 14.91
N GLY B 177 61.59 -19.98 14.45
CA GLY B 177 61.04 -19.10 13.43
C GLY B 177 60.68 -17.72 13.96
N TYR B 178 60.21 -17.65 15.21
CA TYR B 178 59.87 -16.36 15.79
C TYR B 178 61.11 -15.50 15.98
N GLU B 179 62.22 -16.11 16.39
CA GLU B 179 63.45 -15.36 16.62
C GLU B 179 64.05 -14.84 15.31
N TRP B 180 63.91 -15.60 14.22
CA TRP B 180 64.42 -15.14 12.94
C TRP B 180 63.46 -14.17 12.26
N GLY B 181 62.15 -14.33 12.48
CA GLY B 181 61.20 -13.46 11.81
C GLY B 181 61.23 -12.04 12.34
N ARG B 182 61.40 -11.88 13.66
CA ARG B 182 61.40 -10.55 14.25
C ARG B 182 62.67 -9.77 13.95
N GLN B 183 63.72 -10.43 13.43
CA GLN B 183 64.94 -9.73 13.04
C GLN B 183 65.03 -9.47 11.54
N ASN B 184 64.24 -10.17 10.74
CA ASN B 184 64.43 -10.16 9.29
C ASN B 184 64.07 -8.80 8.70
N THR B 185 65.01 -8.22 7.95
CA THR B 185 64.78 -7.00 7.19
C THR B 185 64.82 -7.23 5.69
N ASP B 186 65.09 -8.45 5.25
CA ASP B 186 65.14 -8.79 3.84
C ASP B 186 63.77 -9.31 3.39
N LYS B 187 63.20 -8.68 2.37
CA LYS B 187 61.87 -9.02 1.89
C LYS B 187 61.90 -9.90 0.64
N GLY B 188 63.08 -10.37 0.23
CA GLY B 188 63.18 -11.22 -0.93
C GLY B 188 62.56 -12.58 -0.71
N ASN B 189 62.48 -13.34 -1.81
CA ASN B 189 61.90 -14.68 -1.74
C ASN B 189 62.81 -15.67 -1.02
N ASN B 190 64.11 -15.41 -0.97
CA ASN B 190 65.06 -16.26 -0.25
C ASN B 190 65.90 -15.41 0.69
N PRO B 191 65.31 -14.96 1.79
CA PRO B 191 66.10 -14.24 2.80
C PRO B 191 67.05 -15.20 3.51
N LYS B 192 67.94 -14.62 4.31
CA LYS B 192 68.99 -15.41 4.95
C LYS B 192 68.60 -15.76 6.37
N GLY B 193 68.89 -17.00 6.76
CA GLY B 193 68.37 -17.58 7.98
C GLY B 193 67.04 -18.27 7.82
N TYR B 194 66.34 -18.05 6.71
CA TYR B 194 65.03 -18.66 6.49
C TYR B 194 65.21 -20.16 6.23
N LEU B 195 64.70 -20.97 7.13
CA LEU B 195 64.78 -22.41 7.06
C LEU B 195 63.38 -23.01 7.09
N PRO B 196 63.20 -24.22 6.54
CA PRO B 196 61.95 -24.95 6.79
C PRO B 196 61.77 -25.30 8.25
N SER B 197 62.83 -25.20 9.05
CA SER B 197 62.75 -25.41 10.49
C SER B 197 61.98 -24.30 11.20
N HIS B 198 61.71 -23.19 10.51
CA HIS B 198 61.08 -22.02 11.13
C HIS B 198 59.58 -22.15 11.29
N TYR B 199 58.97 -23.22 10.79
CA TYR B 199 57.52 -23.37 10.86
C TYR B 199 57.15 -24.83 10.78
N GLU B 200 55.97 -25.15 11.30
CA GLU B 200 55.38 -26.48 11.17
C GLU B 200 53.90 -26.32 10.85
N ARG B 201 53.35 -27.28 10.12
CA ARG B 201 51.97 -27.20 9.69
C ARG B 201 51.02 -27.72 10.77
N VAL B 202 49.87 -27.08 10.90
CA VAL B 202 48.83 -27.50 11.82
C VAL B 202 47.67 -28.08 11.00
N GLN B 203 46.75 -28.74 11.71
CA GLN B 203 45.57 -29.32 11.06
C GLN B 203 44.44 -28.30 11.04
N MET B 204 43.62 -28.38 9.98
CA MET B 204 42.52 -27.45 9.76
C MET B 204 41.34 -28.21 9.20
N LEU B 205 40.14 -27.93 9.73
CA LEU B 205 38.93 -28.64 9.34
C LEU B 205 37.84 -27.62 9.02
N LEU B 206 37.19 -27.80 7.87
CA LEU B 206 36.06 -26.97 7.48
C LEU B 206 34.77 -27.59 8.01
N SER B 207 33.87 -26.73 8.49
CA SER B 207 32.64 -27.20 9.12
C SER B 207 31.46 -26.36 8.65
N ASP B 208 30.27 -26.92 8.82
CA ASP B 208 29.02 -26.23 8.51
C ASP B 208 28.07 -26.17 9.70
N ARG B 209 28.42 -26.79 10.83
CA ARG B 209 27.51 -26.86 11.97
C ARG B 209 27.34 -25.51 12.66
N PHE B 210 28.28 -24.59 12.52
CA PHE B 210 28.17 -23.27 13.11
C PHE B 210 28.60 -22.23 12.08
N LEU B 211 28.33 -20.97 12.39
CA LEU B 211 28.61 -19.86 11.49
C LEU B 211 29.43 -18.80 12.21
N GLY B 212 30.37 -18.20 11.47
CA GLY B 212 31.15 -17.09 11.97
C GLY B 212 30.57 -15.75 11.53
N PHE B 213 31.22 -14.69 12.00
CA PHE B 213 30.82 -13.33 11.63
C PHE B 213 32.05 -12.50 11.33
N PHE B 214 31.82 -11.36 10.70
CA PHE B 214 32.87 -10.43 10.31
C PHE B 214 32.83 -9.18 11.16
N MET B 215 33.96 -8.48 11.20
CA MET B 215 34.04 -7.14 11.78
C MET B 215 34.90 -6.29 10.86
N VAL B 216 34.36 -5.14 10.45
CA VAL B 216 35.01 -4.27 9.48
C VAL B 216 35.18 -2.90 10.13
N PRO B 217 36.04 -2.04 9.57
CA PRO B 217 36.23 -0.71 10.16
C PRO B 217 34.91 0.05 10.31
N ALA B 218 34.86 0.92 11.31
CA ALA B 218 33.62 1.61 11.67
C ALA B 218 33.24 2.69 10.66
N GLN B 219 34.22 3.39 10.10
CA GLN B 219 33.93 4.49 9.19
C GLN B 219 34.17 4.11 7.74
N SER B 220 35.42 4.15 7.30
CA SER B 220 35.76 3.76 5.94
C SER B 220 35.74 2.24 5.84
N SER B 221 36.23 1.71 4.72
CA SER B 221 36.22 0.28 4.48
C SER B 221 37.60 -0.31 4.79
N TRP B 222 37.89 -1.49 4.26
CA TRP B 222 39.15 -2.18 4.54
C TRP B 222 40.14 -2.11 3.38
N ASN B 223 39.66 -2.09 2.14
CA ASN B 223 40.55 -2.12 0.99
C ASN B 223 41.15 -0.74 0.76
N TYR B 224 42.48 -0.67 0.73
CA TYR B 224 43.19 0.58 0.48
C TYR B 224 44.16 0.47 -0.69
N ASN B 225 44.02 -0.56 -1.53
CA ASN B 225 44.94 -0.75 -2.64
C ASN B 225 44.86 0.36 -3.67
N PHE B 226 43.74 1.09 -3.73
CA PHE B 226 43.59 2.24 -4.61
C PHE B 226 43.70 3.56 -3.85
N MET B 227 43.93 3.51 -2.55
CA MET B 227 44.14 4.69 -1.71
C MET B 227 45.35 4.50 -0.81
N GLY B 228 46.40 3.89 -1.36
CA GLY B 228 47.57 3.55 -0.57
C GLY B 228 48.28 4.73 0.07
N VAL B 229 48.05 5.94 -0.45
CA VAL B 229 48.69 7.11 0.14
C VAL B 229 48.13 7.40 1.53
N ARG B 230 46.82 7.25 1.70
CA ARG B 230 46.18 7.51 2.99
C ARG B 230 46.35 6.38 3.98
N HIS B 231 46.95 5.26 3.58
CA HIS B 231 47.21 4.15 4.50
C HIS B 231 48.56 4.36 5.17
N ASP B 232 48.58 4.17 6.50
CA ASP B 232 49.78 4.38 7.30
C ASP B 232 49.90 3.25 8.30
N PRO B 233 51.11 2.73 8.53
CA PRO B 233 51.27 1.68 9.54
C PRO B 233 50.85 2.09 10.93
N ASN B 234 50.92 3.38 11.25
CA ASN B 234 50.54 3.88 12.57
C ASN B 234 49.08 4.28 12.66
N MET B 235 48.29 4.06 11.62
CA MET B 235 46.91 4.50 11.62
C MET B 235 46.11 3.74 12.67
N LYS B 236 45.17 4.44 13.30
CA LYS B 236 44.27 3.86 14.28
C LYS B 236 42.89 3.68 13.66
N TYR B 237 42.17 2.68 14.16
CA TYR B 237 40.88 2.32 13.59
C TYR B 237 40.05 1.62 14.66
N GLU B 238 38.74 1.63 14.46
CA GLU B 238 37.80 0.86 15.27
C GLU B 238 36.88 0.08 14.35
N LEU B 239 36.19 -0.89 14.92
CA LEU B 239 35.45 -1.87 14.14
C LEU B 239 33.94 -1.77 14.41
N GLN B 240 33.18 -2.40 13.54
CA GLN B 240 31.74 -2.52 13.68
C GLN B 240 31.33 -3.92 13.28
N LEU B 241 30.08 -4.28 13.62
CA LEU B 241 29.55 -5.61 13.33
C LEU B 241 28.84 -5.55 11.98
N ALA B 242 29.58 -5.83 10.91
CA ALA B 242 29.02 -5.79 9.56
C ALA B 242 29.89 -6.66 8.65
N ASN B 243 29.37 -6.91 7.44
CA ASN B 243 30.09 -7.74 6.49
C ASN B 243 30.89 -6.88 5.52
N PRO B 244 32.05 -7.36 5.07
CA PRO B 244 32.91 -6.55 4.20
C PRO B 244 32.39 -6.51 2.77
N LYS B 245 32.83 -5.47 2.06
CA LYS B 245 32.49 -5.27 0.66
C LYS B 245 33.53 -5.91 -0.24
N GLU B 246 33.13 -6.17 -1.48
CA GLU B 246 34.01 -6.78 -2.45
C GLU B 246 35.22 -5.89 -2.72
N PHE B 247 36.26 -6.51 -3.32
CA PHE B 247 37.51 -5.80 -3.55
C PHE B 247 37.30 -4.55 -4.40
N TYR B 248 36.64 -4.69 -5.53
CA TYR B 248 36.45 -3.60 -6.48
C TYR B 248 35.11 -2.89 -6.31
N HIS B 249 34.60 -2.85 -5.07
CA HIS B 249 33.39 -2.08 -4.79
C HIS B 249 33.64 -0.60 -5.07
N GLU B 250 32.55 0.13 -5.30
CA GLU B 250 32.65 1.53 -5.67
C GLU B 250 33.34 2.37 -4.60
N VAL B 251 33.12 2.04 -3.32
CA VAL B 251 33.69 2.82 -2.24
C VAL B 251 35.19 2.59 -2.07
N HIS B 252 35.74 1.56 -2.71
CA HIS B 252 37.16 1.25 -2.59
C HIS B 252 38.02 1.96 -3.62
N ARG B 253 37.42 2.51 -4.68
CA ARG B 253 38.16 3.18 -5.75
C ARG B 253 37.40 4.44 -6.16
N PRO B 254 37.35 5.44 -5.28
CA PRO B 254 36.59 6.65 -5.62
C PRO B 254 37.23 7.46 -6.74
N SER B 255 38.55 7.36 -6.93
CA SER B 255 39.20 8.13 -7.99
C SER B 255 38.79 7.66 -9.38
N HIS B 256 38.43 6.38 -9.52
CA HIS B 256 37.99 5.88 -10.82
C HIS B 256 36.65 6.51 -11.23
N PHE B 257 35.79 6.83 -10.26
CA PHE B 257 34.47 7.35 -10.55
C PHE B 257 34.44 8.87 -10.67
N LEU B 258 35.34 9.56 -9.98
CA LEU B 258 35.32 11.02 -9.97
C LEU B 258 36.21 11.61 -11.06
N ASN B 259 37.36 11.00 -11.34
CA ASN B 259 38.22 11.47 -12.42
C ASN B 259 37.57 11.27 -13.77
N PHE B 260 36.74 10.23 -13.92
CA PHE B 260 36.02 10.02 -15.17
C PHE B 260 34.93 11.06 -15.37
N ALA B 261 34.36 11.57 -14.27
CA ALA B 261 33.34 12.62 -14.35
C ALA B 261 33.92 13.99 -14.62
N LEU B 262 35.18 14.23 -14.27
CA LEU B 262 35.81 15.50 -14.56
C LEU B 262 35.95 15.67 -16.07
N LEU B 263 35.45 16.79 -16.58
CA LEU B 263 35.42 17.13 -18.00
C LEU B 263 36.69 16.75 -18.74
#